data_5M5K
#
_entry.id   5M5K
#
_cell.length_a   108.162
_cell.length_b   176.283
_cell.length_c   102.349
_cell.angle_alpha   90.00
_cell.angle_beta   90.00
_cell.angle_gamma   90.00
#
_symmetry.space_group_name_H-M   'P 21 21 2'
#
loop_
_entity.id
_entity.type
_entity.pdbx_description
1 polymer Adenosylhomocysteinase
2 non-polymer NICOTINAMIDE-ADENINE-DINUCLEOTIDE
3 non-polymer ADENOSINE
4 non-polymer 'SODIUM ION'
5 non-polymer DI(HYDROXYETHYL)ETHER
6 non-polymer "3'-DEOXYADENOSINE"
7 non-polymer 'TRIETHYLENE GLYCOL'
8 non-polymer 'ACETATE ION'
9 water water
#
_entity_poly.entity_id   1
_entity_poly.type   'polypeptide(L)'
_entity_poly.pdbx_seq_one_letter_code
;GIDPFTMNAKPGFTDYIVKDIALADFGRKEISLAETEMPGLMATREEYGPKQPLKGARIAGSLHMTIQTAVLIETLAALG
ADIRWVSCNIYSTQDHAAAAIAAAGIPVFAVKGETLTEYWDYTAKLFDWHGGGTPNMILDDGGDATMLVHAGYRAEQGDT
AFLDKPGSEEEEIFYALVKRLLKEKPKGWFAEIAKNIKGVSEETTTGVHRLYEMANKGTLLFPAINVNDSVTKSKFDNLY
GCRESLVDGIRRGTDVMLSGKVAMVAGFGDVGKGSAASLRQAGCRVMVSEVDPICALQAAMEGYEVVTMEDAAPRADIFV
TATGNKDIITIEHMRAMKDRAIVCNIGHFDNEIQIASLRNLKWTNIKPQVDEIEFPDKHRIIMLSEGRLVNLGNAMGHPS
FVMSASFTNQTLAQIELFANNKDSKYAKKVYVLPKTLDEKVARLHLAKIGVKLTELRKDQADYIGVKQEGPYKSDHYRY
;
_entity_poly.pdbx_strand_id   A,B,C,D
#
loop_
_chem_comp.id
_chem_comp.type
_chem_comp.name
_chem_comp.formula
3AD non-polymer 3'-DEOXYADENOSINE 'C10 H13 N5 O3'
ACT non-polymer 'ACETATE ION' 'C2 H3 O2 -1'
ADN non-polymer ADENOSINE 'C10 H13 N5 O4'
NA non-polymer 'SODIUM ION' 'Na 1'
NAD non-polymer NICOTINAMIDE-ADENINE-DINUCLEOTIDE 'C21 H27 N7 O14 P2'
PEG non-polymer DI(HYDROXYETHYL)ETHER 'C4 H10 O3'
PGE non-polymer 'TRIETHYLENE GLYCOL' 'C6 H14 O4'
#
# COMPACT_ATOMS: atom_id res chain seq x y z
N GLY A 12 32.99 12.29 41.19
CA GLY A 12 34.14 13.19 41.03
C GLY A 12 34.65 13.33 39.60
N PHE A 13 33.84 12.85 38.66
CA PHE A 13 34.19 12.77 37.24
C PHE A 13 33.88 14.08 36.51
N THR A 14 34.85 14.59 35.74
CA THR A 14 34.67 15.86 35.04
C THR A 14 35.04 15.86 33.55
N ASP A 15 35.44 14.70 33.00
CA ASP A 15 36.04 14.64 31.68
C ASP A 15 34.98 14.49 30.58
N TYR A 16 34.12 15.50 30.49
CA TYR A 16 33.05 15.41 29.50
C TYR A 16 32.59 16.81 29.13
N ILE A 17 31.86 16.89 28.01
CA ILE A 17 31.14 18.10 27.64
C ILE A 17 29.78 17.68 27.10
N VAL A 18 28.71 18.03 27.83
CA VAL A 18 27.35 17.74 27.41
C VAL A 18 26.53 19.00 27.73
N LYS A 19 25.30 19.01 27.23
CA LYS A 19 24.48 20.19 27.40
C LYS A 19 24.01 20.34 28.84
N ASP A 20 23.61 19.24 29.48
CA ASP A 20 23.02 19.34 30.82
C ASP A 20 23.08 17.98 31.50
N ILE A 21 23.96 17.84 32.51
CA ILE A 21 24.13 16.51 33.11
C ILE A 21 22.88 16.07 33.88
N ALA A 22 22.02 17.01 34.25
CA ALA A 22 20.78 16.65 34.94
C ALA A 22 19.81 15.87 34.05
N LEU A 23 20.03 15.84 32.74
CA LEU A 23 19.22 15.03 31.87
C LEU A 23 19.54 13.54 31.97
N ALA A 24 20.54 13.16 32.77
CA ALA A 24 21.03 11.78 32.75
C ALA A 24 19.96 10.75 33.16
N ASP A 25 19.09 11.10 34.11
CA ASP A 25 18.10 10.11 34.53
C ASP A 25 17.09 9.82 33.43
N PHE A 26 16.58 10.86 32.78
CA PHE A 26 15.78 10.72 31.57
C PHE A 26 16.49 9.84 30.54
N GLY A 27 17.78 10.11 30.30
CA GLY A 27 18.51 9.31 29.33
C GLY A 27 18.56 7.85 29.72
N ARG A 28 18.84 7.56 31.00
CA ARG A 28 18.93 6.18 31.46
C ARG A 28 17.63 5.43 31.23
N LYS A 29 16.49 6.09 31.45
CA LYS A 29 15.20 5.47 31.27
C LYS A 29 14.98 5.10 29.80
N GLU A 30 15.34 6.00 28.89
CA GLU A 30 15.14 5.68 27.47
C GLU A 30 16.15 4.64 26.99
N ILE A 31 17.34 4.62 27.58
CA ILE A 31 18.32 3.58 27.26
C ILE A 31 17.78 2.22 27.68
N SER A 32 17.20 2.14 28.88
CA SER A 32 16.53 0.89 29.30
C SER A 32 15.47 0.46 28.29
N LEU A 33 14.60 1.38 27.88
CA LEU A 33 13.58 1.05 26.90
C LEU A 33 14.20 0.57 25.59
N ALA A 34 15.31 1.19 25.18
CA ALA A 34 15.95 0.81 23.92
C ALA A 34 16.60 -0.56 24.01
N GLU A 35 17.10 -0.96 25.18
CA GLU A 35 17.69 -2.29 25.28
C GLU A 35 16.72 -3.37 24.87
N THR A 36 15.45 -3.29 25.33
CA THR A 36 14.46 -4.28 24.93
C THR A 36 14.28 -4.30 23.42
N GLU A 37 14.49 -3.18 22.76
CA GLU A 37 14.28 -3.07 21.32
C GLU A 37 15.53 -3.43 20.54
N MET A 38 16.61 -3.77 21.25
CA MET A 38 17.91 -4.02 20.64
C MET A 38 18.42 -5.42 21.01
N PRO A 39 17.67 -6.47 20.62
CA PRO A 39 18.06 -7.84 21.05
C PRO A 39 19.39 -8.27 20.51
N GLY A 40 19.79 -7.83 19.32
CA GLY A 40 21.10 -8.22 18.81
C GLY A 40 22.26 -7.71 19.64
N LEU A 41 22.20 -6.45 20.08
CA LEU A 41 23.25 -5.95 20.95
C LEU A 41 23.22 -6.64 22.30
N MET A 42 22.03 -6.82 22.86
CA MET A 42 21.95 -7.43 24.17
C MET A 42 22.42 -8.88 24.14
N ALA A 43 22.17 -9.60 23.05
CA ALA A 43 22.66 -10.97 22.99
C ALA A 43 24.17 -11.00 22.79
N THR A 44 24.71 -10.01 22.07
CA THR A 44 26.15 -9.89 21.92
C THR A 44 26.83 -9.65 23.29
N ARG A 45 26.24 -8.83 24.17
CA ARG A 45 26.78 -8.74 25.54
C ARG A 45 26.83 -10.09 26.23
N GLU A 46 25.78 -10.89 26.09
CA GLU A 46 25.72 -12.14 26.82
C GLU A 46 26.72 -13.15 26.27
N GLU A 47 26.86 -13.22 24.96
CA GLU A 47 27.77 -14.21 24.40
C GLU A 47 29.24 -13.82 24.64
N TYR A 48 29.59 -12.56 24.52
CA TYR A 48 30.98 -12.17 24.56
C TYR A 48 31.41 -11.60 25.91
N GLY A 49 30.46 -11.21 26.75
CA GLY A 49 30.77 -10.63 28.04
C GLY A 49 31.71 -11.51 28.86
N PRO A 50 31.40 -12.80 28.99
CA PRO A 50 32.34 -13.69 29.70
C PRO A 50 33.78 -13.66 29.17
N LYS A 51 34.01 -13.49 27.88
CA LYS A 51 35.34 -13.64 27.31
C LYS A 51 36.12 -12.31 27.25
N GLN A 52 35.43 -11.19 27.44
CA GLN A 52 36.05 -9.87 27.47
C GLN A 52 36.96 -9.65 26.26
N PRO A 53 36.44 -9.78 25.05
CA PRO A 53 37.30 -9.72 23.86
C PRO A 53 37.85 -8.33 23.60
N LEU A 54 37.23 -7.29 24.12
CA LEU A 54 37.75 -5.94 23.95
C LEU A 54 38.54 -5.45 25.18
N LYS A 55 39.02 -6.34 26.03
CA LYS A 55 39.82 -5.91 27.19
C LYS A 55 41.12 -5.36 26.65
N GLY A 56 41.51 -4.18 27.10
CA GLY A 56 42.66 -3.51 26.54
C GLY A 56 42.34 -2.64 25.32
N ALA A 57 41.12 -2.69 24.79
CA ALA A 57 40.80 -1.79 23.68
C ALA A 57 40.57 -0.38 24.19
N ARG A 58 40.99 0.60 23.39
CA ARG A 58 40.79 2.02 23.67
C ARG A 58 40.09 2.55 22.43
N ILE A 59 38.77 2.53 22.45
CA ILE A 59 37.93 2.85 21.28
C ILE A 59 37.59 4.35 21.29
N ALA A 60 38.02 5.03 20.25
CA ALA A 60 37.58 6.39 19.95
C ALA A 60 36.42 6.31 18.99
N GLY A 61 35.23 6.72 19.44
CA GLY A 61 34.02 6.65 18.60
C GLY A 61 33.60 8.03 18.14
N SER A 62 33.22 8.15 16.88
CA SER A 62 32.65 9.37 16.30
C SER A 62 31.39 8.92 15.60
N LEU A 63 30.26 9.06 16.29
CA LEU A 63 28.98 8.53 15.83
C LEU A 63 27.88 9.25 16.59
N HIS A 64 26.88 9.74 15.88
CA HIS A 64 25.67 10.38 16.44
C HIS A 64 25.38 9.97 17.87
N MET A 65 25.41 10.92 18.82
CA MET A 65 25.35 10.55 20.22
C MET A 65 23.88 10.47 20.61
N THR A 66 23.25 9.36 20.18
CA THR A 66 21.84 9.03 20.38
C THR A 66 21.69 7.96 21.47
N ILE A 67 20.43 7.76 21.89
CA ILE A 67 20.11 6.66 22.79
C ILE A 67 20.60 5.34 22.21
N GLN A 68 20.46 5.17 20.89
CA GLN A 68 20.86 3.89 20.28
C GLN A 68 22.38 3.73 20.35
N THR A 69 23.11 4.82 20.14
CA THR A 69 24.56 4.79 20.33
C THR A 69 24.95 4.55 21.78
N ALA A 70 24.15 5.04 22.74
CA ALA A 70 24.43 4.76 24.13
C ALA A 70 24.41 3.26 24.40
N VAL A 71 23.49 2.53 23.75
CA VAL A 71 23.43 1.07 23.97
C VAL A 71 24.64 0.39 23.35
N LEU A 72 25.11 0.88 22.19
CA LEU A 72 26.35 0.39 21.61
C LEU A 72 27.57 0.67 22.50
N ILE A 73 27.71 1.90 23.01
CA ILE A 73 28.81 2.23 23.91
C ILE A 73 28.83 1.28 25.09
N GLU A 74 27.66 1.09 25.70
CA GLU A 74 27.63 0.27 26.90
C GLU A 74 27.81 -1.22 26.60
N THR A 75 27.50 -1.65 25.37
CA THR A 75 27.85 -3.01 24.94
C THR A 75 29.36 -3.13 24.80
N LEU A 76 29.99 -2.15 24.14
CA LEU A 76 31.45 -2.18 24.02
C LEU A 76 32.10 -2.20 25.37
N ALA A 77 31.57 -1.41 26.33
CA ALA A 77 32.17 -1.40 27.67
C ALA A 77 31.95 -2.73 28.40
N ALA A 78 30.79 -3.38 28.18
CA ALA A 78 30.51 -4.67 28.81
C ALA A 78 31.46 -5.77 28.31
N LEU A 79 32.00 -5.59 27.11
CA LEU A 79 32.98 -6.48 26.50
C LEU A 79 34.42 -6.12 26.88
N GLY A 80 34.61 -5.08 27.70
CA GLY A 80 35.90 -4.76 28.28
C GLY A 80 36.54 -3.48 27.76
N ALA A 81 35.95 -2.79 26.79
CA ALA A 81 36.61 -1.64 26.15
C ALA A 81 36.66 -0.42 27.05
N ASP A 82 37.76 0.33 26.95
CA ASP A 82 37.84 1.70 27.46
C ASP A 82 37.44 2.62 26.29
N ILE A 83 36.73 3.73 26.58
CA ILE A 83 36.02 4.43 25.49
C ILE A 83 36.10 5.95 25.66
N ARG A 84 36.21 6.67 24.54
CA ARG A 84 35.92 8.10 24.49
C ARG A 84 35.03 8.33 23.28
N TRP A 85 34.09 9.28 23.36
CA TRP A 85 33.07 9.38 22.33
C TRP A 85 32.78 10.83 21.95
N VAL A 86 32.48 11.06 20.66
CA VAL A 86 31.93 12.34 20.18
C VAL A 86 30.81 12.03 19.19
N SER A 87 29.96 13.04 18.93
CA SER A 87 28.99 12.88 17.86
C SER A 87 29.66 13.15 16.51
N CYS A 88 29.10 12.59 15.42
CA CYS A 88 29.64 12.88 14.11
C CYS A 88 28.81 13.91 13.33
N ASN A 89 27.94 14.63 14.02
CA ASN A 89 27.11 15.65 13.39
C ASN A 89 26.75 16.67 14.45
N ILE A 90 26.73 17.96 14.06
CA ILE A 90 26.53 19.01 15.06
C ILE A 90 25.10 19.07 15.59
N TYR A 91 24.12 18.42 14.92
CA TYR A 91 22.72 18.48 15.34
C TYR A 91 22.16 17.15 15.78
N SER A 92 22.93 16.07 15.75
CA SER A 92 22.33 14.74 15.92
C SER A 92 22.39 14.23 17.36
N THR A 93 23.13 14.92 18.24
CA THR A 93 23.22 14.47 19.62
C THR A 93 21.83 14.50 20.25
N GLN A 94 21.52 13.50 21.08
CA GLN A 94 20.33 13.55 21.95
C GLN A 94 20.89 13.86 23.33
N ASP A 95 20.57 15.03 23.86
CA ASP A 95 21.31 15.49 25.02
C ASP A 95 21.11 14.60 26.24
N HIS A 96 19.96 13.91 26.36
CA HIS A 96 19.81 13.01 27.52
C HIS A 96 20.65 11.74 27.38
N ALA A 97 20.85 11.27 26.14
CA ALA A 97 21.75 10.14 25.90
C ALA A 97 23.18 10.50 26.29
N ALA A 98 23.65 11.67 25.83
CA ALA A 98 24.98 12.09 26.16
C ALA A 98 25.16 12.23 27.66
N ALA A 99 24.15 12.77 28.34
CA ALA A 99 24.27 12.97 29.79
C ALA A 99 24.34 11.64 30.52
N ALA A 100 23.56 10.65 30.06
CA ALA A 100 23.64 9.32 30.66
C ALA A 100 25.03 8.71 30.50
N ILE A 101 25.62 8.88 29.32
CA ILE A 101 26.95 8.31 29.10
C ILE A 101 27.98 9.03 29.97
N ALA A 102 27.88 10.36 30.09
CA ALA A 102 28.77 11.08 30.99
C ALA A 102 28.57 10.62 32.43
N ALA A 103 27.32 10.47 32.85
CA ALA A 103 27.02 10.07 34.24
C ALA A 103 27.54 8.68 34.56
N ALA A 104 27.74 7.84 33.56
CA ALA A 104 28.34 6.53 33.69
C ALA A 104 29.85 6.58 33.71
N GLY A 105 30.46 7.77 33.72
CA GLY A 105 31.91 7.86 33.83
C GLY A 105 32.65 7.71 32.52
N ILE A 106 31.98 7.85 31.39
CA ILE A 106 32.59 7.65 30.08
C ILE A 106 32.80 9.03 29.43
N PRO A 107 34.03 9.39 29.04
CA PRO A 107 34.24 10.70 28.38
C PRO A 107 33.47 10.81 27.07
N VAL A 108 32.64 11.85 26.98
CA VAL A 108 31.84 12.13 25.80
C VAL A 108 31.76 13.65 25.62
N PHE A 109 31.77 14.10 24.36
CA PHE A 109 31.84 15.55 24.07
C PHE A 109 30.87 15.72 22.91
N ALA A 110 29.64 16.07 23.24
CA ALA A 110 28.54 15.94 22.28
C ALA A 110 27.42 16.83 22.79
N VAL A 111 27.07 17.87 22.03
CA VAL A 111 25.97 18.77 22.37
C VAL A 111 25.13 18.98 21.13
N LYS A 112 23.80 18.90 21.27
CA LYS A 112 22.93 19.18 20.13
C LYS A 112 23.00 20.68 19.82
N GLY A 113 23.36 21.02 18.60
CA GLY A 113 23.52 22.42 18.23
C GLY A 113 24.86 23.00 18.58
N GLU A 114 25.86 22.15 18.86
CA GLU A 114 27.23 22.66 19.01
C GLU A 114 27.68 23.37 17.72
N THR A 115 28.65 24.26 17.86
CA THR A 115 29.21 24.94 16.69
C THR A 115 30.16 24.01 15.95
N LEU A 116 30.48 24.41 14.72
CA LEU A 116 31.47 23.69 13.91
C LEU A 116 32.85 23.70 14.54
N THR A 117 33.25 24.83 15.14
CA THR A 117 34.52 24.88 15.87
C THR A 117 34.53 23.92 17.04
N GLU A 118 33.41 23.88 17.79
CA GLU A 118 33.31 22.92 18.89
C GLU A 118 33.35 21.49 18.37
N TYR A 119 32.65 21.22 17.25
CA TYR A 119 32.63 19.89 16.68
C TYR A 119 34.04 19.33 16.44
N TRP A 120 34.89 20.11 15.79
CA TRP A 120 36.24 19.63 15.44
C TRP A 120 37.15 19.59 16.66
N ASP A 121 37.05 20.57 17.58
CA ASP A 121 37.81 20.49 18.84
C ASP A 121 37.42 19.25 19.65
N TYR A 122 36.12 18.94 19.73
CA TYR A 122 35.71 17.72 20.41
C TYR A 122 36.30 16.47 19.73
N THR A 123 36.24 16.43 18.40
CA THR A 123 36.82 15.28 17.69
C THR A 123 38.28 15.10 18.08
N ALA A 124 39.04 16.19 18.18
CA ALA A 124 40.44 16.03 18.57
C ALA A 124 40.58 15.49 20.00
N LYS A 125 39.62 15.79 20.88
CA LYS A 125 39.71 15.27 22.25
C LYS A 125 39.62 13.76 22.32
N LEU A 126 39.11 13.08 21.29
CA LEU A 126 39.13 11.63 21.25
C LEU A 126 40.54 11.09 21.47
N PHE A 127 41.54 11.80 20.95
CA PHE A 127 42.88 11.25 20.85
C PHE A 127 43.76 11.58 22.03
N ASP A 128 43.30 12.45 22.95
CA ASP A 128 43.98 12.71 24.23
C ASP A 128 43.41 11.70 25.22
N TRP A 129 43.95 10.48 25.23
CA TRP A 129 43.30 9.46 26.02
C TRP A 129 43.45 9.79 27.50
N HIS A 130 42.42 9.49 28.29
CA HIS A 130 42.50 9.77 29.72
C HIS A 130 43.60 8.91 30.37
N GLY A 131 44.45 9.55 31.16
CA GLY A 131 45.65 8.92 31.68
C GLY A 131 46.88 9.07 30.80
N GLY A 132 46.72 9.63 29.59
CA GLY A 132 47.77 9.78 28.61
C GLY A 132 47.70 8.71 27.54
N GLY A 133 48.49 8.91 26.50
CA GLY A 133 48.47 7.95 25.40
C GLY A 133 47.40 8.25 24.36
N THR A 134 47.17 7.28 23.48
CA THR A 134 46.23 7.43 22.38
C THR A 134 45.20 6.30 22.39
N PRO A 135 44.15 6.42 21.58
CA PRO A 135 43.28 5.25 21.34
C PRO A 135 44.05 4.13 20.62
N ASN A 136 43.41 2.95 20.53
CA ASN A 136 43.99 1.91 19.68
C ASN A 136 42.93 1.31 18.76
N MET A 137 41.74 1.92 18.71
CA MET A 137 40.64 1.56 17.82
C MET A 137 39.86 2.82 17.47
N ILE A 138 39.30 2.86 16.26
CA ILE A 138 38.36 3.92 15.84
C ILE A 138 37.06 3.28 15.37
N LEU A 139 35.96 3.82 15.84
CA LEU A 139 34.62 3.45 15.36
C LEU A 139 34.05 4.73 14.77
N ASP A 140 33.84 4.74 13.45
CA ASP A 140 33.63 6.00 12.70
C ASP A 140 32.32 5.94 11.92
N ASP A 141 31.67 7.08 11.84
CA ASP A 141 30.48 7.27 11.00
C ASP A 141 30.71 8.53 10.15
N GLY A 142 31.02 8.35 8.88
CA GLY A 142 31.28 9.46 7.96
C GLY A 142 32.75 9.80 7.81
N GLY A 143 33.63 9.15 8.56
CA GLY A 143 35.09 9.21 8.39
C GLY A 143 35.79 10.44 8.95
N ASP A 144 35.13 11.27 9.75
CA ASP A 144 35.76 12.52 10.22
C ASP A 144 36.93 12.25 11.15
N ALA A 145 36.76 11.34 12.13
CA ALA A 145 37.86 10.96 12.99
C ALA A 145 39.02 10.37 12.19
N THR A 146 38.70 9.47 11.26
CA THR A 146 39.72 8.91 10.39
C THR A 146 40.42 10.00 9.58
N MET A 147 39.64 10.94 9.03
CA MET A 147 40.22 12.02 8.24
C MET A 147 41.19 12.87 9.06
N LEU A 148 40.86 13.14 10.33
CA LEU A 148 41.75 13.96 11.16
C LEU A 148 43.09 13.28 11.33
N VAL A 149 43.10 11.95 11.58
CA VAL A 149 44.39 11.27 11.71
C VAL A 149 45.17 11.35 10.41
N HIS A 150 44.52 11.03 9.29
CA HIS A 150 45.25 10.97 8.01
C HIS A 150 45.75 12.35 7.58
N ALA A 151 44.94 13.38 7.78
CA ALA A 151 45.38 14.70 7.35
C ALA A 151 46.50 15.21 8.24
N GLY A 152 46.41 14.96 9.55
CA GLY A 152 47.50 15.32 10.43
C GLY A 152 48.77 14.57 10.10
N TYR A 153 48.65 13.27 9.80
CA TYR A 153 49.80 12.48 9.41
C TYR A 153 50.45 13.07 8.17
N ARG A 154 49.64 13.40 7.19
CA ARG A 154 50.15 13.92 5.93
C ARG A 154 50.93 15.20 6.15
N ALA A 155 50.36 16.11 6.93
CA ALA A 155 51.01 17.38 7.22
C ALA A 155 52.27 17.16 8.02
N GLU A 156 52.19 16.28 9.02
CA GLU A 156 53.32 15.96 9.89
C GLU A 156 54.50 15.44 9.10
N GLN A 157 54.23 14.71 8.00
CA GLN A 157 55.29 14.19 7.15
C GLN A 157 55.94 15.26 6.31
N GLY A 158 55.37 16.47 6.29
CA GLY A 158 55.96 17.61 5.60
C GLY A 158 55.17 18.12 4.41
N ASP A 159 54.03 17.52 4.08
CA ASP A 159 53.21 17.95 2.95
C ASP A 159 52.16 18.88 3.54
N THR A 160 52.52 20.16 3.69
CA THR A 160 51.71 21.09 4.46
C THR A 160 50.85 22.05 3.61
N ALA A 161 51.12 22.17 2.31
CA ALA A 161 50.55 23.29 1.56
C ALA A 161 49.03 23.20 1.48
N PHE A 162 48.48 21.98 1.46
CA PHE A 162 47.03 21.81 1.36
C PHE A 162 46.28 22.50 2.50
N LEU A 163 46.95 22.68 3.66
CA LEU A 163 46.34 23.34 4.82
C LEU A 163 46.06 24.83 4.58
N ASP A 164 46.67 25.43 3.58
CA ASP A 164 46.51 26.86 3.32
C ASP A 164 45.44 27.12 2.26
N LYS A 165 44.69 26.09 1.90
CA LYS A 165 43.81 26.12 0.72
C LYS A 165 42.44 25.57 1.06
N PRO A 166 41.77 26.12 2.08
CA PRO A 166 40.43 25.60 2.43
C PRO A 166 39.41 26.05 1.40
N GLY A 167 38.53 25.13 0.99
CA GLY A 167 37.46 25.51 0.07
C GLY A 167 36.07 25.64 0.67
N SER A 168 36.00 25.80 1.99
CA SER A 168 34.78 25.73 2.78
C SER A 168 35.08 26.38 4.12
N GLU A 169 34.05 26.89 4.78
CA GLU A 169 34.27 27.40 6.14
C GLU A 169 34.68 26.27 7.07
N GLU A 170 34.02 25.13 6.96
CA GLU A 170 34.39 24.02 7.80
C GLU A 170 35.76 23.48 7.45
N GLU A 171 36.13 23.48 6.16
CA GLU A 171 37.52 23.17 5.82
C GLU A 171 38.49 24.15 6.49
N GLU A 172 38.11 25.43 6.57
CA GLU A 172 38.94 26.42 7.27
C GLU A 172 39.12 26.03 8.73
N ILE A 173 38.02 25.69 9.40
CA ILE A 173 38.08 25.26 10.79
C ILE A 173 38.93 24.00 10.94
N PHE A 174 38.81 23.08 9.99
CA PHE A 174 39.47 21.80 10.11
C PHE A 174 40.98 21.94 9.92
N TYR A 175 41.41 22.72 8.93
CA TYR A 175 42.84 22.95 8.74
C TYR A 175 43.43 23.76 9.89
N ALA A 176 42.70 24.77 10.39
CA ALA A 176 43.14 25.44 11.61
C ALA A 176 43.39 24.45 12.74
N LEU A 177 42.49 23.45 12.91
CA LEU A 177 42.68 22.48 14.00
C LEU A 177 43.96 21.68 13.81
N VAL A 178 44.17 21.16 12.60
CA VAL A 178 45.40 20.42 12.33
C VAL A 178 46.65 21.28 12.65
N LYS A 179 46.64 22.54 12.23
CA LYS A 179 47.76 23.44 12.53
C LYS A 179 47.97 23.58 14.03
N ARG A 180 46.86 23.72 14.78
CA ARG A 180 46.94 23.84 16.23
C ARG A 180 47.53 22.59 16.87
N LEU A 181 47.11 21.42 16.42
CA LEU A 181 47.60 20.18 17.03
C LEU A 181 49.05 19.95 16.70
N LEU A 182 49.49 20.37 15.49
CA LEU A 182 50.92 20.28 15.17
C LEU A 182 51.77 21.11 16.12
N LYS A 183 51.24 22.20 16.66
CA LYS A 183 52.00 23.03 17.61
C LYS A 183 51.81 22.60 19.05
N GLU A 184 50.63 22.12 19.42
CA GLU A 184 50.35 21.91 20.83
C GLU A 184 50.59 20.49 21.28
N LYS A 185 50.76 19.57 20.35
CA LYS A 185 51.00 18.16 20.65
C LYS A 185 52.45 17.80 20.35
N PRO A 186 52.99 16.76 21.00
CA PRO A 186 54.41 16.44 20.77
C PRO A 186 54.73 16.12 19.29
N LYS A 187 56.01 16.30 18.94
CA LYS A 187 56.52 15.91 17.63
C LYS A 187 56.18 14.46 17.33
N GLY A 188 55.61 14.23 16.16
CA GLY A 188 55.27 12.87 15.75
C GLY A 188 53.98 12.33 16.34
N TRP A 189 53.16 13.20 16.93
CA TRP A 189 51.91 12.76 17.56
C TRP A 189 51.01 12.03 16.58
N PHE A 190 50.90 12.50 15.32
CA PHE A 190 49.99 11.81 14.40
C PHE A 190 50.54 10.44 13.99
N ALA A 191 51.87 10.33 13.82
CA ALA A 191 52.49 9.03 13.56
C ALA A 191 52.33 8.08 14.74
N GLU A 192 52.41 8.63 15.95
CA GLU A 192 52.16 7.86 17.15
C GLU A 192 50.73 7.32 17.16
N ILE A 193 49.73 8.17 16.85
CA ILE A 193 48.34 7.69 16.77
C ILE A 193 48.19 6.62 15.68
N ALA A 194 48.74 6.90 14.49
CA ALA A 194 48.62 5.98 13.37
C ALA A 194 49.18 4.60 13.71
N LYS A 195 50.34 4.54 14.35
CA LYS A 195 50.94 3.25 14.66
C LYS A 195 50.14 2.47 15.73
N ASN A 196 49.38 3.16 16.56
CA ASN A 196 48.64 2.54 17.66
C ASN A 196 47.23 2.11 17.26
N ILE A 197 46.66 2.64 16.19
CA ILE A 197 45.30 2.27 15.78
C ILE A 197 45.34 0.89 15.14
N LYS A 198 44.72 -0.08 15.78
CA LYS A 198 44.69 -1.43 15.22
C LYS A 198 43.68 -1.56 14.07
N GLY A 199 42.71 -0.67 13.97
CA GLY A 199 41.77 -0.74 12.87
C GLY A 199 40.68 0.29 13.04
N VAL A 200 39.95 0.51 11.97
CA VAL A 200 38.76 1.34 12.03
C VAL A 200 37.58 0.56 11.45
N SER A 201 36.41 0.72 12.05
CA SER A 201 35.21 0.23 11.40
C SER A 201 34.36 1.43 11.05
N GLU A 202 33.88 1.49 9.81
CA GLU A 202 33.12 2.63 9.31
C GLU A 202 31.71 2.20 8.90
N GLU A 203 30.76 3.00 9.34
CA GLU A 203 29.31 2.81 9.37
C GLU A 203 28.62 3.18 8.04
N THR A 204 29.04 4.23 7.32
CA THR A 204 28.15 4.76 6.32
C THR A 204 28.74 4.82 4.90
N THR A 205 27.84 4.92 3.90
CA THR A 205 28.23 4.81 2.50
C THR A 205 29.32 5.81 2.14
N THR A 206 29.12 7.07 2.52
CA THR A 206 30.11 8.11 2.19
C THR A 206 31.46 7.81 2.87
N GLY A 207 31.44 7.40 4.16
CA GLY A 207 32.70 7.12 4.84
C GLY A 207 33.43 5.96 4.21
N VAL A 208 32.69 4.95 3.78
CA VAL A 208 33.28 3.76 3.18
C VAL A 208 33.89 4.10 1.83
N HIS A 209 33.23 4.97 1.05
CA HIS A 209 33.83 5.40 -0.21
C HIS A 209 35.18 6.10 0.03
N ARG A 210 35.25 6.98 1.04
CA ARG A 210 36.52 7.67 1.32
C ARG A 210 37.59 6.66 1.74
N LEU A 211 37.18 5.60 2.47
CA LEU A 211 38.11 4.55 2.84
C LEU A 211 38.68 3.83 1.61
N TYR A 212 37.81 3.35 0.70
CA TYR A 212 38.32 2.63 -0.47
C TYR A 212 39.29 3.49 -1.25
N GLU A 213 39.03 4.78 -1.30
CA GLU A 213 39.84 5.65 -2.13
C GLU A 213 41.22 5.89 -1.50
N MET A 214 41.30 5.99 -0.19
CA MET A 214 42.60 6.00 0.48
C MET A 214 43.34 4.67 0.26
N ALA A 215 42.66 3.55 0.49
CA ALA A 215 43.27 2.23 0.29
C ALA A 215 43.82 2.08 -1.13
N ASN A 216 43.06 2.58 -2.12
CA ASN A 216 43.49 2.49 -3.51
C ASN A 216 44.72 3.32 -3.79
N LYS A 217 44.82 4.51 -3.20
CA LYS A 217 46.00 5.38 -3.32
C LYS A 217 47.15 4.94 -2.42
N GLY A 218 46.98 3.88 -1.64
CA GLY A 218 48.02 3.47 -0.74
C GLY A 218 48.18 4.33 0.49
N THR A 219 47.24 5.23 0.78
CA THR A 219 47.44 6.15 1.91
C THR A 219 46.76 5.71 3.17
N LEU A 220 45.92 4.67 3.12
CA LEU A 220 45.20 4.23 4.31
C LEU A 220 46.19 3.69 5.34
N LEU A 221 46.15 4.22 6.58
CA LEU A 221 47.18 3.94 7.61
C LEU A 221 46.93 2.68 8.45
N PHE A 222 45.72 2.10 8.44
CA PHE A 222 45.48 0.93 9.27
C PHE A 222 44.27 0.18 8.69
N PRO A 223 44.08 -1.08 9.09
CA PRO A 223 42.98 -1.88 8.53
C PRO A 223 41.61 -1.27 8.80
N ALA A 224 40.69 -1.52 7.87
CA ALA A 224 39.35 -0.96 7.95
C ALA A 224 38.32 -2.05 7.65
N ILE A 225 37.21 -2.05 8.39
CA ILE A 225 36.07 -2.89 8.04
C ILE A 225 34.94 -1.96 7.57
N ASN A 226 34.45 -2.24 6.38
CA ASN A 226 33.32 -1.58 5.76
C ASN A 226 32.05 -2.21 6.34
N VAL A 227 31.48 -1.56 7.33
CA VAL A 227 30.29 -2.12 7.95
C VAL A 227 29.03 -1.82 7.14
N ASN A 228 29.06 -0.73 6.37
CA ASN A 228 27.91 -0.34 5.57
C ASN A 228 27.46 -1.47 4.64
N ASP A 229 28.41 -2.23 4.11
CA ASP A 229 28.08 -3.24 3.13
C ASP A 229 27.78 -4.61 3.70
N SER A 230 27.68 -4.75 5.02
CA SER A 230 26.95 -5.89 5.53
C SER A 230 25.54 -5.84 4.97
N VAL A 231 25.04 -6.99 4.52
CA VAL A 231 23.64 -7.04 4.08
C VAL A 231 22.73 -6.53 5.19
N THR A 232 23.01 -6.95 6.43
CA THR A 232 22.13 -6.54 7.54
C THR A 232 22.41 -5.12 7.99
N LYS A 233 23.25 -4.37 7.30
CA LYS A 233 23.31 -2.93 7.51
C LYS A 233 22.66 -2.25 6.31
N SER A 234 23.30 -2.29 5.14
CA SER A 234 22.84 -1.49 3.99
C SER A 234 21.38 -1.76 3.61
N LYS A 235 20.92 -3.01 3.71
CA LYS A 235 19.58 -3.37 3.25
C LYS A 235 18.52 -3.24 4.34
N PHE A 236 18.89 -2.78 5.53
CA PHE A 236 17.92 -2.57 6.60
C PHE A 236 18.00 -1.16 7.16
N ASP A 237 19.14 -0.81 7.76
CA ASP A 237 19.36 0.57 8.22
C ASP A 237 19.12 1.59 7.09
N ASN A 238 19.86 1.48 5.98
CA ASN A 238 19.75 2.56 5.01
C ASN A 238 18.36 2.62 4.39
N LEU A 239 17.73 1.45 4.23
CA LEU A 239 16.40 1.33 3.61
C LEU A 239 15.27 1.54 4.62
N TYR A 240 15.09 0.57 5.57
CA TYR A 240 13.98 0.65 6.52
C TYR A 240 14.17 1.74 7.56
N GLY A 241 15.42 2.02 7.97
CA GLY A 241 15.65 3.16 8.86
C GLY A 241 15.13 4.47 8.30
N CYS A 242 15.54 4.82 7.08
CA CYS A 242 15.07 6.07 6.48
C CYS A 242 13.58 6.01 6.20
N ARG A 243 13.05 4.83 5.87
CA ARG A 243 11.62 4.73 5.67
C ARG A 243 10.87 5.15 6.92
N GLU A 244 11.43 4.85 8.12
CA GLU A 244 10.78 5.31 9.33
C GLU A 244 11.18 6.73 9.72
N SER A 245 12.44 7.12 9.56
CA SER A 245 12.85 8.36 10.24
C SER A 245 12.81 9.60 9.34
N LEU A 246 12.69 9.45 8.02
CA LEU A 246 12.64 10.66 7.21
C LEU A 246 11.36 11.44 7.48
N VAL A 247 10.20 10.77 7.37
CA VAL A 247 8.95 11.50 7.54
C VAL A 247 8.83 11.98 8.98
N ASP A 248 9.44 11.26 9.92
CA ASP A 248 9.42 11.71 11.33
C ASP A 248 10.12 13.06 11.47
N GLY A 249 11.27 13.22 10.84
CA GLY A 249 11.98 14.52 10.86
C GLY A 249 11.17 15.64 10.25
N ILE A 250 10.50 15.36 9.12
CA ILE A 250 9.69 16.36 8.42
C ILE A 250 8.49 16.74 9.23
N ARG A 251 7.83 15.74 9.86
CA ARG A 251 6.66 16.06 10.67
C ARG A 251 7.04 16.87 11.89
N ARG A 252 8.07 16.44 12.62
CA ARG A 252 8.40 17.20 13.82
C ARG A 252 8.81 18.64 13.46
N GLY A 253 9.49 18.81 12.34
CA GLY A 253 9.96 20.16 12.01
C GLY A 253 8.86 21.07 11.51
N THR A 254 7.87 20.52 10.83
CA THR A 254 6.93 21.36 10.08
C THR A 254 5.48 21.11 10.36
N ASP A 255 5.12 19.93 10.90
CA ASP A 255 3.73 19.54 11.14
C ASP A 255 2.81 19.75 9.91
N VAL A 256 3.37 19.59 8.69
CA VAL A 256 2.51 19.71 7.51
C VAL A 256 1.77 18.40 7.23
N MET A 257 0.60 18.56 6.61
CA MET A 257 -0.18 17.43 6.09
C MET A 257 0.55 16.85 4.91
N LEU A 258 0.87 15.57 4.93
CA LEU A 258 1.59 15.02 3.77
C LEU A 258 0.66 14.48 2.70
N SER A 259 -0.54 14.05 3.08
CA SER A 259 -1.55 13.67 2.10
C SER A 259 -1.93 14.88 1.26
N GLY A 260 -1.83 14.74 -0.05
CA GLY A 260 -2.12 15.84 -0.94
C GLY A 260 -0.89 16.59 -1.42
N LYS A 261 0.29 16.32 -0.84
CA LYS A 261 1.51 17.05 -1.21
C LYS A 261 2.31 16.23 -2.22
N VAL A 262 3.09 16.94 -3.03
CA VAL A 262 4.04 16.35 -3.97
C VAL A 262 5.42 16.49 -3.36
N ALA A 263 6.18 15.39 -3.34
CA ALA A 263 7.53 15.43 -2.86
C ALA A 263 8.50 14.99 -3.96
N MET A 264 9.73 15.51 -3.89
CA MET A 264 10.77 15.16 -4.84
C MET A 264 11.94 14.56 -4.06
N VAL A 265 12.40 13.38 -4.46
CA VAL A 265 13.54 12.74 -3.78
C VAL A 265 14.68 12.59 -4.78
N ALA A 266 15.82 13.19 -4.49
CA ALA A 266 16.98 13.02 -5.37
C ALA A 266 17.75 11.79 -4.94
N GLY A 267 17.86 10.80 -5.84
CA GLY A 267 18.56 9.55 -5.55
C GLY A 267 17.59 8.40 -5.29
N PHE A 268 17.90 7.21 -5.81
CA PHE A 268 17.10 6.00 -5.56
C PHE A 268 18.04 4.85 -5.32
N GLY A 269 19.12 5.11 -4.57
CA GLY A 269 19.90 4.05 -3.97
C GLY A 269 19.21 3.57 -2.71
N ASP A 270 19.98 3.04 -1.75
CA ASP A 270 19.35 2.48 -0.56
C ASP A 270 18.60 3.54 0.24
N VAL A 271 19.22 4.70 0.47
CA VAL A 271 18.58 5.75 1.26
C VAL A 271 17.43 6.38 0.47
N GLY A 272 17.65 6.65 -0.83
CA GLY A 272 16.60 7.19 -1.67
C GLY A 272 15.40 6.27 -1.76
N LYS A 273 15.63 4.93 -1.82
CA LYS A 273 14.51 4.01 -1.85
C LYS A 273 13.72 4.10 -0.55
N GLY A 274 14.42 4.10 0.58
CA GLY A 274 13.77 4.21 1.89
C GLY A 274 13.08 5.54 2.08
N SER A 275 13.69 6.63 1.57
CA SER A 275 13.11 7.98 1.68
C SER A 275 11.83 8.10 0.84
N ALA A 276 11.88 7.66 -0.43
CA ALA A 276 10.69 7.78 -1.27
C ALA A 276 9.55 6.98 -0.65
N ALA A 277 9.88 5.79 -0.12
CA ALA A 277 8.87 4.97 0.56
C ALA A 277 8.32 5.70 1.79
N SER A 278 9.20 6.30 2.62
CA SER A 278 8.75 7.10 3.76
C SER A 278 7.65 8.09 3.34
N LEU A 279 7.91 8.85 2.29
CA LEU A 279 6.98 9.90 1.88
C LEU A 279 5.73 9.34 1.20
N ARG A 280 5.88 8.33 0.32
CA ARG A 280 4.67 7.78 -0.30
CA ARG A 280 4.70 7.74 -0.31
C ARG A 280 3.79 7.09 0.73
N GLN A 281 4.39 6.32 1.67
CA GLN A 281 3.57 5.69 2.70
C GLN A 281 2.85 6.71 3.56
N ALA A 282 3.42 7.89 3.75
CA ALA A 282 2.78 8.94 4.52
C ALA A 282 1.72 9.70 3.73
N GLY A 283 1.56 9.42 2.44
CA GLY A 283 0.47 9.96 1.63
C GLY A 283 0.92 10.96 0.55
N CYS A 284 2.22 11.25 0.44
CA CYS A 284 2.71 12.11 -0.63
C CYS A 284 2.67 11.38 -1.96
N ARG A 285 2.55 12.18 -3.02
CA ARG A 285 2.79 11.74 -4.37
CA ARG A 285 2.81 11.70 -4.36
C ARG A 285 4.27 12.03 -4.65
N VAL A 286 5.07 11.00 -4.95
CA VAL A 286 6.54 11.14 -4.91
C VAL A 286 7.14 11.03 -6.30
N MET A 287 8.02 11.98 -6.61
CA MET A 287 8.86 11.98 -7.80
C MET A 287 10.30 11.79 -7.37
N VAL A 288 11.12 11.27 -8.30
CA VAL A 288 12.48 10.84 -7.99
C VAL A 288 13.41 11.35 -9.11
N SER A 289 14.62 11.76 -8.77
CA SER A 289 15.67 11.91 -9.78
C SER A 289 16.76 10.84 -9.63
N GLU A 290 17.41 10.52 -10.76
CA GLU A 290 18.50 9.54 -10.68
C GLU A 290 19.42 9.77 -11.85
N VAL A 291 20.69 9.38 -11.66
CA VAL A 291 21.66 9.35 -12.75
C VAL A 291 21.95 7.93 -13.23
N ASP A 292 21.62 6.91 -12.45
CA ASP A 292 21.93 5.53 -12.75
C ASP A 292 20.73 4.90 -13.41
N PRO A 293 20.83 4.43 -14.65
CA PRO A 293 19.63 3.95 -15.36
C PRO A 293 18.99 2.72 -14.70
N ILE A 294 19.77 1.88 -14.01
CA ILE A 294 19.17 0.75 -13.30
C ILE A 294 18.29 1.22 -12.14
N CYS A 295 18.84 2.11 -11.29
CA CYS A 295 18.08 2.69 -10.19
C CYS A 295 16.89 3.48 -10.69
N ALA A 296 17.05 4.23 -11.79
CA ALA A 296 15.92 4.93 -12.42
C ALA A 296 14.83 3.94 -12.83
N LEU A 297 15.23 2.84 -13.46
CA LEU A 297 14.22 1.86 -13.89
C LEU A 297 13.54 1.21 -12.69
N GLN A 298 14.30 0.93 -11.62
CA GLN A 298 13.67 0.46 -10.37
C GLN A 298 12.63 1.45 -9.88
N ALA A 299 12.97 2.74 -9.85
CA ALA A 299 11.97 3.70 -9.34
C ALA A 299 10.72 3.74 -10.21
N ALA A 300 10.89 3.66 -11.53
CA ALA A 300 9.72 3.70 -12.41
C ALA A 300 8.87 2.45 -12.24
N MET A 301 9.49 1.27 -12.12
CA MET A 301 8.74 0.03 -11.89
C MET A 301 8.05 0.02 -10.51
N GLU A 302 8.56 0.79 -9.53
CA GLU A 302 7.88 0.96 -8.24
C GLU A 302 6.80 2.05 -8.30
N GLY A 303 6.56 2.65 -9.45
CA GLY A 303 5.44 3.55 -9.61
C GLY A 303 5.78 5.00 -9.39
N TYR A 304 7.05 5.35 -9.30
CA TYR A 304 7.43 6.75 -9.10
C TYR A 304 7.68 7.42 -10.44
N GLU A 305 7.20 8.64 -10.59
CA GLU A 305 7.60 9.43 -11.78
C GLU A 305 9.08 9.85 -11.67
N VAL A 306 9.89 9.66 -12.71
CA VAL A 306 11.32 9.96 -12.65
C VAL A 306 11.60 11.20 -13.49
N VAL A 307 12.06 12.28 -12.83
CA VAL A 307 12.15 13.60 -13.47
C VAL A 307 13.46 14.26 -13.05
N THR A 308 13.78 15.37 -13.70
CA THR A 308 14.93 16.15 -13.27
C THR A 308 14.55 17.13 -12.16
N MET A 309 15.58 17.60 -11.43
CA MET A 309 15.34 18.65 -10.43
C MET A 309 14.79 19.94 -11.07
N GLU A 310 15.16 20.22 -12.32
CA GLU A 310 14.64 21.42 -12.96
C GLU A 310 13.15 21.30 -13.22
N ASP A 311 12.72 20.11 -13.66
CA ASP A 311 11.31 19.84 -13.81
C ASP A 311 10.57 19.95 -12.46
N ALA A 312 11.13 19.37 -11.40
CA ALA A 312 10.43 19.31 -10.10
C ALA A 312 10.43 20.66 -9.36
N ALA A 313 11.46 21.48 -9.58
CA ALA A 313 11.67 22.62 -8.70
C ALA A 313 10.45 23.54 -8.58
N PRO A 314 9.75 23.91 -9.66
CA PRO A 314 8.62 24.82 -9.52
C PRO A 314 7.37 24.18 -8.96
N ARG A 315 7.31 22.87 -8.79
CA ARG A 315 6.01 22.30 -8.49
C ARG A 315 5.96 21.41 -7.25
N ALA A 316 7.08 20.87 -6.76
CA ALA A 316 6.96 20.00 -5.56
C ALA A 316 6.84 20.86 -4.31
N ASP A 317 6.18 20.30 -3.30
CA ASP A 317 6.01 20.91 -1.99
C ASP A 317 7.16 20.57 -1.05
N ILE A 318 7.83 19.44 -1.28
CA ILE A 318 8.85 18.90 -0.39
C ILE A 318 10.00 18.38 -1.24
N PHE A 319 11.24 18.66 -0.84
CA PHE A 319 12.41 18.21 -1.55
C PHE A 319 13.35 17.56 -0.56
N VAL A 320 13.89 16.40 -0.93
CA VAL A 320 14.80 15.62 -0.08
C VAL A 320 16.00 15.19 -0.95
N THR A 321 17.20 15.52 -0.52
CA THR A 321 18.38 14.98 -1.20
C THR A 321 18.87 13.72 -0.50
N ALA A 322 19.12 12.68 -1.30
CA ALA A 322 19.52 11.38 -0.76
C ALA A 322 20.64 10.79 -1.60
N THR A 323 21.57 11.62 -2.09
CA THR A 323 22.50 11.14 -3.11
C THR A 323 23.88 10.79 -2.60
N GLY A 324 24.37 11.42 -1.53
CA GLY A 324 25.78 11.30 -1.22
C GLY A 324 26.67 12.13 -2.13
N ASN A 325 26.07 12.95 -3.01
CA ASN A 325 26.78 13.78 -4.01
C ASN A 325 26.58 15.25 -3.64
N LYS A 326 27.19 16.14 -4.39
CA LYS A 326 27.10 17.57 -4.10
C LYS A 326 26.30 18.32 -5.16
N ASP A 327 25.76 19.51 -4.80
CA ASP A 327 25.18 20.44 -5.77
C ASP A 327 23.94 19.86 -6.47
N ILE A 328 23.06 19.25 -5.68
CA ILE A 328 21.83 18.61 -6.13
C ILE A 328 20.70 19.62 -6.22
N ILE A 329 20.50 20.38 -5.13
CA ILE A 329 19.54 21.48 -5.12
C ILE A 329 20.32 22.79 -5.06
N THR A 330 20.23 23.58 -6.14
CA THR A 330 21.04 24.79 -6.30
C THR A 330 20.22 26.04 -5.94
N ILE A 331 20.88 27.19 -5.95
CA ILE A 331 20.18 28.46 -5.71
CA ILE A 331 20.15 28.43 -5.70
C ILE A 331 19.18 28.70 -6.85
N GLU A 332 19.49 28.23 -8.07
CA GLU A 332 18.53 28.42 -9.17
C GLU A 332 17.29 27.58 -8.95
N HIS A 333 17.46 26.35 -8.48
CA HIS A 333 16.30 25.54 -8.09
C HIS A 333 15.49 26.24 -7.03
N MET A 334 16.17 26.73 -5.97
CA MET A 334 15.42 27.28 -4.84
C MET A 334 14.73 28.58 -5.20
N ARG A 335 15.34 29.39 -6.09
CA ARG A 335 14.66 30.60 -6.58
C ARG A 335 13.37 30.27 -7.30
N ALA A 336 13.25 29.07 -7.90
CA ALA A 336 12.06 28.71 -8.67
C ALA A 336 11.01 27.96 -7.84
N MET A 337 11.28 27.63 -6.59
CA MET A 337 10.37 26.83 -5.76
C MET A 337 9.16 27.66 -5.34
N LYS A 338 8.06 26.98 -5.05
CA LYS A 338 6.85 27.67 -4.60
C LYS A 338 7.05 28.21 -3.17
N ASP A 339 6.29 29.25 -2.82
CA ASP A 339 6.38 29.80 -1.49
C ASP A 339 6.14 28.70 -0.43
N ARG A 340 7.06 28.65 0.55
CA ARG A 340 7.05 27.78 1.72
C ARG A 340 7.22 26.31 1.36
N ALA A 341 7.82 26.04 0.21
CA ALA A 341 8.38 24.71 -0.04
C ALA A 341 9.37 24.32 1.07
N ILE A 342 9.36 23.02 1.40
CA ILE A 342 10.22 22.43 2.41
C ILE A 342 11.40 21.74 1.73
N VAL A 343 12.60 22.04 2.20
CA VAL A 343 13.84 21.49 1.65
C VAL A 343 14.63 20.84 2.77
N CYS A 344 15.22 19.68 2.50
CA CYS A 344 16.02 19.01 3.52
C CYS A 344 16.93 17.97 2.85
N ASN A 345 17.85 17.44 3.64
CA ASN A 345 18.88 16.54 3.15
C ASN A 345 18.97 15.36 4.12
N ILE A 346 18.92 14.14 3.61
CA ILE A 346 19.14 12.94 4.43
C ILE A 346 20.40 12.18 4.01
N GLY A 347 21.17 12.71 3.04
CA GLY A 347 22.41 12.10 2.60
C GLY A 347 23.65 12.43 3.41
N HIS A 348 24.39 13.47 3.05
CA HIS A 348 25.63 13.65 3.76
C HIS A 348 25.97 15.13 3.81
N PHE A 349 26.75 15.44 4.84
CA PHE A 349 27.36 16.75 4.97
C PHE A 349 26.27 17.81 4.83
N ASP A 350 26.60 18.90 4.17
CA ASP A 350 25.64 20.00 4.04
C ASP A 350 25.75 20.62 2.64
N ASN A 351 26.31 19.89 1.66
CA ASN A 351 26.52 20.41 0.32
C ASN A 351 25.70 19.70 -0.75
N GLU A 352 24.76 18.79 -0.38
CA GLU A 352 23.80 18.32 -1.39
C GLU A 352 22.87 19.46 -1.80
N ILE A 353 22.41 20.24 -0.83
CA ILE A 353 21.77 21.54 -1.05
C ILE A 353 22.83 22.64 -0.96
N GLN A 354 22.74 23.67 -1.81
CA GLN A 354 23.72 24.76 -1.76
C GLN A 354 23.37 25.75 -0.64
N ILE A 355 23.57 25.29 0.60
CA ILE A 355 23.29 26.12 1.77
C ILE A 355 24.15 27.38 1.77
N ALA A 356 25.43 27.25 1.42
CA ALA A 356 26.32 28.40 1.49
C ALA A 356 25.89 29.50 0.53
N SER A 357 25.26 29.14 -0.60
CA SER A 357 24.79 30.15 -1.55
C SER A 357 23.62 30.94 -1.01
N LEU A 358 22.97 30.48 0.06
CA LEU A 358 21.88 31.20 0.69
C LEU A 358 22.33 32.18 1.78
N ARG A 359 23.59 32.29 2.13
CA ARG A 359 23.83 32.96 3.39
CA ARG A 359 23.86 32.97 3.39
C ARG A 359 23.81 34.48 3.29
N ASN A 360 23.64 35.05 2.09
CA ASN A 360 23.33 36.48 1.99
C ASN A 360 21.83 36.80 1.99
N LEU A 361 20.96 35.80 2.18
CA LEU A 361 19.51 36.02 2.21
C LEU A 361 19.05 36.20 3.65
N LYS A 362 17.83 36.68 3.81
CA LYS A 362 17.24 36.82 5.15
C LYS A 362 16.83 35.47 5.71
N TRP A 363 17.45 35.04 6.82
CA TRP A 363 17.02 33.81 7.51
C TRP A 363 16.26 34.18 8.76
N THR A 364 15.15 33.51 9.01
CA THR A 364 14.40 33.70 10.26
C THR A 364 14.29 32.36 10.96
N ASN A 365 14.76 32.28 12.20
CA ASN A 365 14.60 31.02 12.91
C ASN A 365 13.16 30.80 13.38
N ILE A 366 12.62 29.63 13.08
CA ILE A 366 11.30 29.26 13.60
C ILE A 366 11.43 28.58 14.96
N LYS A 367 12.30 27.58 15.03
CA LYS A 367 12.52 26.77 16.22
C LYS A 367 13.81 25.98 15.98
N PRO A 368 14.31 25.20 16.95
CA PRO A 368 15.59 24.52 16.72
C PRO A 368 15.54 23.72 15.43
N GLN A 369 16.56 23.92 14.55
CA GLN A 369 16.72 23.18 13.28
C GLN A 369 15.61 23.45 12.27
N VAL A 370 14.88 24.57 12.41
CA VAL A 370 13.86 24.96 11.44
C VAL A 370 14.04 26.45 11.15
N ASP A 371 14.27 26.80 9.89
CA ASP A 371 14.44 28.20 9.50
C ASP A 371 13.68 28.51 8.23
N GLU A 372 13.26 29.78 8.11
CA GLU A 372 12.56 30.27 6.94
C GLU A 372 13.48 31.25 6.23
N ILE A 373 13.67 31.05 4.94
CA ILE A 373 14.63 31.81 4.16
C ILE A 373 13.85 32.58 3.13
N GLU A 374 13.99 33.90 3.12
CA GLU A 374 13.22 34.74 2.22
C GLU A 374 14.11 35.28 1.11
N PHE A 375 13.62 35.19 -0.14
CA PHE A 375 14.27 35.67 -1.36
C PHE A 375 13.85 37.09 -1.66
N PRO A 376 14.60 37.81 -2.51
CA PRO A 376 14.23 39.21 -2.83
C PRO A 376 12.80 39.34 -3.33
N ASP A 377 12.29 38.39 -4.09
CA ASP A 377 10.92 38.50 -4.59
C ASP A 377 9.87 38.14 -3.55
N LYS A 378 10.28 37.85 -2.31
CA LYS A 378 9.49 37.66 -1.10
C LYS A 378 8.99 36.23 -0.96
N HIS A 379 9.29 35.32 -1.89
CA HIS A 379 8.92 33.93 -1.64
C HIS A 379 9.92 33.31 -0.67
N ARG A 380 9.43 32.37 0.12
CA ARG A 380 10.18 31.80 1.23
C ARG A 380 10.35 30.31 1.01
N ILE A 381 11.41 29.74 1.59
CA ILE A 381 11.48 28.29 1.66
C ILE A 381 11.76 27.92 3.11
N ILE A 382 11.38 26.70 3.47
CA ILE A 382 11.53 26.19 4.83
CA ILE A 382 11.55 26.22 4.83
C ILE A 382 12.70 25.22 4.77
N MET A 383 13.80 25.55 5.45
CA MET A 383 14.99 24.71 5.49
C MET A 383 15.08 23.94 6.81
N LEU A 384 15.37 22.63 6.74
CA LEU A 384 15.46 21.81 7.95
C LEU A 384 16.91 21.49 8.27
N SER A 385 17.30 21.66 9.53
CA SER A 385 18.65 21.33 10.04
C SER A 385 19.74 21.99 9.23
N GLU A 386 19.48 23.20 8.74
CA GLU A 386 20.47 23.92 7.94
C GLU A 386 21.10 23.03 6.86
N GLY A 387 20.27 22.13 6.30
CA GLY A 387 20.67 21.21 5.22
C GLY A 387 21.56 20.04 5.64
N ARG A 388 21.67 19.74 6.94
CA ARG A 388 22.37 18.55 7.43
C ARG A 388 21.30 17.48 7.74
N LEU A 389 21.73 16.28 8.13
CA LEU A 389 20.81 15.11 8.21
C LEU A 389 19.50 15.42 8.93
N VAL A 390 18.40 15.37 8.18
CA VAL A 390 17.08 15.78 8.71
C VAL A 390 16.51 14.75 9.68
N ASN A 391 16.75 13.47 9.46
CA ASN A 391 16.17 12.49 10.37
C ASN A 391 16.80 12.59 11.77
N LEU A 392 18.11 12.81 11.84
CA LEU A 392 18.80 12.97 13.12
C LEU A 392 18.68 14.39 13.68
N GLY A 393 18.59 15.38 12.81
CA GLY A 393 18.59 16.75 13.28
C GLY A 393 17.22 17.19 13.75
N ASN A 394 16.16 16.84 13.00
CA ASN A 394 14.82 17.28 13.35
C ASN A 394 14.02 16.26 14.12
N ALA A 395 14.47 15.00 14.18
CA ALA A 395 13.77 14.00 15.00
C ALA A 395 14.80 13.21 15.80
N MET A 396 14.64 11.89 15.85
CA MET A 396 15.51 11.10 16.69
C MET A 396 16.33 10.07 15.92
N GLY A 397 16.50 10.23 14.63
CA GLY A 397 17.22 9.25 13.84
C GLY A 397 16.41 7.95 13.65
N HIS A 398 17.09 6.92 13.17
CA HIS A 398 16.42 5.63 13.04
C HIS A 398 16.01 5.10 14.42
N PRO A 399 14.95 4.28 14.46
CA PRO A 399 14.56 3.64 15.72
C PRO A 399 15.55 2.55 16.13
N SER A 400 15.42 2.15 17.41
CA SER A 400 16.42 1.30 18.04
C SER A 400 16.54 -0.06 17.35
N PHE A 401 15.42 -0.66 16.92
CA PHE A 401 15.50 -2.05 16.43
C PHE A 401 16.39 -2.15 15.22
N VAL A 402 16.24 -1.25 14.25
CA VAL A 402 17.10 -1.36 13.08
C VAL A 402 18.55 -0.96 13.41
N MET A 403 18.77 -0.01 14.33
CA MET A 403 20.15 0.26 14.77
C MET A 403 20.80 -0.91 15.51
N SER A 404 20.00 -1.77 16.12
CA SER A 404 20.55 -2.98 16.73
C SER A 404 21.28 -3.82 15.68
N ALA A 405 20.78 -3.85 14.45
CA ALA A 405 21.45 -4.66 13.43
C ALA A 405 22.74 -3.98 12.99
N SER A 406 22.70 -2.67 12.75
CA SER A 406 23.88 -1.93 12.36
C SER A 406 24.96 -2.03 13.42
N PHE A 407 24.57 -1.89 14.69
CA PHE A 407 25.53 -1.78 15.77
C PHE A 407 25.99 -3.15 16.24
N THR A 408 25.19 -4.19 16.01
CA THR A 408 25.75 -5.53 16.20
C THR A 408 26.88 -5.78 15.21
N ASN A 409 26.69 -5.36 13.95
CA ASN A 409 27.78 -5.44 12.97
C ASN A 409 29.00 -4.65 13.43
N GLN A 410 28.80 -3.40 13.89
CA GLN A 410 29.92 -2.60 14.40
C GLN A 410 30.66 -3.32 15.52
N THR A 411 29.91 -3.95 16.44
CA THR A 411 30.59 -4.60 17.57
C THR A 411 31.39 -5.79 17.08
N LEU A 412 30.81 -6.57 16.14
CA LEU A 412 31.56 -7.70 15.59
C LEU A 412 32.78 -7.22 14.82
N ALA A 413 32.67 -6.08 14.12
CA ALA A 413 33.82 -5.54 13.41
C ALA A 413 34.91 -5.11 14.38
N GLN A 414 34.54 -4.52 15.53
CA GLN A 414 35.55 -4.13 16.52
C GLN A 414 36.27 -5.35 17.08
N ILE A 415 35.52 -6.40 17.42
CA ILE A 415 36.11 -7.68 17.84
C ILE A 415 37.06 -8.21 16.76
N GLU A 416 36.62 -8.22 15.50
CA GLU A 416 37.48 -8.73 14.42
C GLU A 416 38.84 -8.04 14.41
N LEU A 417 38.83 -6.70 14.40
CA LEU A 417 40.06 -5.94 14.21
C LEU A 417 40.95 -5.94 15.44
N PHE A 418 40.35 -5.89 16.63
CA PHE A 418 41.16 -5.78 17.84
C PHE A 418 41.57 -7.15 18.37
N ALA A 419 40.70 -8.14 18.26
CA ALA A 419 41.00 -9.45 18.84
C ALA A 419 41.30 -10.54 17.83
N ASN A 420 40.93 -10.40 16.55
CA ASN A 420 41.08 -11.51 15.62
C ASN A 420 42.06 -11.19 14.50
N ASN A 421 43.10 -10.40 14.77
CA ASN A 421 44.06 -10.06 13.73
C ASN A 421 45.47 -10.40 14.18
N LYS A 422 45.59 -11.45 15.01
CA LYS A 422 46.88 -11.87 15.52
C LYS A 422 47.78 -12.48 14.44
N ASP A 423 47.19 -12.97 13.34
CA ASP A 423 47.93 -13.48 12.19
C ASP A 423 47.99 -12.48 11.03
N SER A 424 47.55 -11.23 11.24
CA SER A 424 47.57 -10.17 10.22
C SER A 424 46.72 -10.52 9.01
N LYS A 425 45.61 -11.23 9.22
CA LYS A 425 44.71 -11.48 8.12
C LYS A 425 44.14 -10.19 7.56
N TYR A 426 44.12 -9.10 8.35
CA TYR A 426 43.62 -7.81 7.88
C TYR A 426 44.81 -6.88 7.65
N ALA A 427 45.03 -6.50 6.40
CA ALA A 427 46.12 -5.60 6.09
C ALA A 427 45.58 -4.17 6.06
N LYS A 428 46.36 -3.22 5.54
CA LYS A 428 45.89 -1.85 5.43
C LYS A 428 44.99 -1.69 4.20
N LYS A 429 43.88 -2.43 4.23
CA LYS A 429 42.92 -2.51 3.13
C LYS A 429 41.53 -2.43 3.76
N VAL A 430 40.49 -2.45 2.93
CA VAL A 430 39.10 -2.39 3.39
C VAL A 430 38.48 -3.78 3.24
N TYR A 431 37.88 -4.28 4.32
CA TYR A 431 37.28 -5.60 4.36
C TYR A 431 35.82 -5.46 4.78
N VAL A 432 35.04 -6.49 4.47
CA VAL A 432 33.66 -6.60 4.95
C VAL A 432 33.59 -7.88 5.78
N LEU A 433 32.59 -7.94 6.65
CA LEU A 433 32.40 -9.13 7.47
C LEU A 433 31.89 -10.30 6.61
N PRO A 434 32.23 -11.54 6.96
CA PRO A 434 31.77 -12.69 6.18
C PRO A 434 30.26 -12.91 6.32
N LYS A 435 29.68 -13.57 5.29
CA LYS A 435 28.23 -13.81 5.27
C LYS A 435 27.73 -14.62 6.48
N THR A 436 28.57 -15.50 7.05
CA THR A 436 28.16 -16.21 8.27
C THR A 436 27.83 -15.26 9.41
N LEU A 437 28.64 -14.20 9.58
CA LEU A 437 28.31 -13.23 10.61
C LEU A 437 27.10 -12.38 10.21
N ASP A 438 26.97 -12.00 8.94
CA ASP A 438 25.80 -11.30 8.45
C ASP A 438 24.53 -12.08 8.78
N GLU A 439 24.50 -13.37 8.40
CA GLU A 439 23.37 -14.23 8.74
C GLU A 439 23.15 -14.34 10.24
N LYS A 440 24.22 -14.39 11.03
CA LYS A 440 24.04 -14.44 12.48
C LYS A 440 23.36 -13.19 13.02
N VAL A 441 23.75 -12.00 12.52
CA VAL A 441 23.11 -10.77 12.97
C VAL A 441 21.60 -10.82 12.71
N ALA A 442 21.20 -11.24 11.50
CA ALA A 442 19.78 -11.40 11.22
C ALA A 442 19.13 -12.34 12.21
N ARG A 443 19.74 -13.51 12.42
CA ARG A 443 19.16 -14.54 13.28
C ARG A 443 18.88 -14.03 14.69
N LEU A 444 19.79 -13.21 15.23
CA LEU A 444 19.62 -12.60 16.54
C LEU A 444 18.39 -11.70 16.67
N HIS A 445 17.81 -11.23 15.57
CA HIS A 445 16.67 -10.31 15.63
C HIS A 445 15.33 -10.99 15.38
N LEU A 446 15.33 -12.30 15.11
CA LEU A 446 14.10 -12.94 14.61
C LEU A 446 13.12 -13.19 15.75
N ALA A 447 13.63 -13.57 16.93
CA ALA A 447 12.71 -13.97 18.00
C ALA A 447 11.87 -12.80 18.49
N LYS A 448 12.49 -11.59 18.59
CA LYS A 448 11.82 -10.39 19.10
CA LYS A 448 11.80 -10.43 19.14
C LYS A 448 10.56 -10.06 18.30
N ILE A 449 10.60 -10.28 17.01
CA ILE A 449 9.46 -9.89 16.20
C ILE A 449 8.64 -11.10 15.78
N GLY A 450 8.84 -12.24 16.43
CA GLY A 450 7.93 -13.35 16.24
C GLY A 450 8.12 -14.15 14.96
N VAL A 451 9.30 -14.07 14.36
CA VAL A 451 9.56 -14.82 13.13
C VAL A 451 9.87 -16.26 13.47
N LYS A 452 9.19 -17.21 12.80
CA LYS A 452 9.55 -18.61 12.95
CA LYS A 452 9.50 -18.62 12.95
C LYS A 452 10.23 -19.11 11.69
N LEU A 453 11.51 -19.43 11.82
CA LEU A 453 12.32 -19.87 10.71
C LEU A 453 12.12 -21.37 10.41
N THR A 454 12.02 -21.71 9.12
CA THR A 454 12.03 -23.10 8.68
C THR A 454 13.45 -23.67 8.70
N GLU A 455 13.59 -24.95 9.04
CA GLU A 455 14.89 -25.61 8.98
C GLU A 455 14.93 -26.50 7.74
N LEU A 456 16.01 -26.41 6.96
CA LEU A 456 16.21 -27.35 5.85
C LEU A 456 16.46 -28.76 6.38
N ARG A 457 15.80 -29.75 5.77
CA ARG A 457 16.25 -31.14 5.96
C ARG A 457 17.54 -31.36 5.17
N LYS A 458 18.27 -32.43 5.48
CA LYS A 458 19.56 -32.58 4.81
C LYS A 458 19.37 -32.77 3.30
N ASP A 459 18.37 -33.55 2.87
CA ASP A 459 18.30 -33.73 1.42
C ASP A 459 17.85 -32.45 0.73
N GLN A 460 17.07 -31.59 1.42
CA GLN A 460 16.73 -30.29 0.82
C GLN A 460 17.93 -29.39 0.73
N ALA A 461 18.75 -29.35 1.78
CA ALA A 461 19.97 -28.54 1.76
C ALA A 461 20.89 -28.99 0.62
N ASP A 462 21.05 -30.30 0.47
CA ASP A 462 21.80 -30.89 -0.64
C ASP A 462 21.22 -30.50 -1.98
N TYR A 463 19.90 -30.59 -2.13
CA TYR A 463 19.27 -30.28 -3.42
C TYR A 463 19.62 -28.87 -3.88
N ILE A 464 19.70 -27.91 -2.95
CA ILE A 464 20.09 -26.57 -3.37
C ILE A 464 21.56 -26.28 -3.09
N GLY A 465 22.30 -27.26 -2.56
CA GLY A 465 23.75 -27.11 -2.44
C GLY A 465 24.21 -26.15 -1.37
N VAL A 466 23.56 -26.14 -0.21
CA VAL A 466 23.99 -25.39 0.95
C VAL A 466 24.06 -26.35 2.12
N LYS A 467 24.71 -25.90 3.19
CA LYS A 467 24.66 -26.58 4.46
C LYS A 467 23.42 -26.14 5.22
N GLN A 468 22.86 -27.05 6.04
CA GLN A 468 21.67 -26.71 6.82
C GLN A 468 21.86 -25.48 7.70
N GLU A 469 23.06 -25.24 8.22
CA GLU A 469 23.36 -24.10 9.08
C GLU A 469 23.75 -22.84 8.28
N GLY A 470 23.73 -22.90 6.96
CA GLY A 470 24.10 -21.72 6.16
C GLY A 470 25.61 -21.70 5.98
N PRO A 471 26.12 -20.71 5.22
CA PRO A 471 25.42 -19.67 4.46
C PRO A 471 24.48 -20.19 3.38
N TYR A 472 23.40 -19.45 3.15
CA TYR A 472 22.37 -19.95 2.26
C TYR A 472 22.48 -19.38 0.86
N LYS A 473 23.31 -18.36 0.66
CA LYS A 473 23.40 -17.66 -0.61
C LYS A 473 24.85 -17.55 -1.04
N SER A 474 25.05 -17.34 -2.34
CA SER A 474 26.39 -17.15 -2.83
C SER A 474 26.88 -15.77 -2.44
N ASP A 475 28.19 -15.57 -2.46
CA ASP A 475 28.68 -14.25 -2.06
C ASP A 475 28.22 -13.17 -3.03
N HIS A 476 27.79 -13.53 -4.25
CA HIS A 476 27.32 -12.53 -5.21
CA HIS A 476 27.32 -12.54 -5.22
C HIS A 476 25.83 -12.25 -5.11
N TYR A 477 25.11 -12.87 -4.17
CA TYR A 477 23.66 -12.69 -4.07
C TYR A 477 23.31 -11.29 -3.57
N ARG A 478 22.28 -10.69 -4.16
CA ARG A 478 21.98 -9.28 -3.93
C ARG A 478 20.80 -9.05 -3.00
N TYR A 479 20.05 -10.10 -2.62
CA TYR A 479 18.87 -9.95 -1.73
C TYR A 479 17.86 -8.96 -2.24
N GLY B 12 5.26 -26.14 -48.66
CA GLY B 12 6.12 -27.31 -48.51
C GLY B 12 6.84 -27.43 -47.17
N PHE B 13 7.03 -26.30 -46.46
CA PHE B 13 7.70 -26.29 -45.16
C PHE B 13 6.74 -26.83 -44.10
N THR B 14 7.07 -28.01 -43.48
CA THR B 14 6.35 -28.48 -42.29
C THR B 14 7.29 -29.04 -41.21
N ASP B 15 8.53 -28.54 -41.15
CA ASP B 15 9.52 -28.95 -40.13
C ASP B 15 9.18 -28.22 -38.82
N TYR B 16 8.03 -28.58 -38.27
CA TYR B 16 7.56 -27.99 -37.03
C TYR B 16 6.42 -28.83 -36.49
N ILE B 17 6.06 -28.60 -35.23
CA ILE B 17 4.88 -29.20 -34.61
C ILE B 17 4.21 -28.13 -33.77
N VAL B 18 3.00 -27.72 -34.17
CA VAL B 18 2.23 -26.76 -33.40
C VAL B 18 0.79 -27.28 -33.28
N LYS B 19 0.03 -26.72 -32.35
CA LYS B 19 -1.34 -27.20 -32.12
C LYS B 19 -2.24 -26.87 -33.31
N ASP B 20 -2.16 -25.65 -33.81
CA ASP B 20 -3.14 -25.17 -34.78
C ASP B 20 -2.47 -24.07 -35.61
N ILE B 21 -1.93 -24.45 -36.75
CA ILE B 21 -1.27 -23.47 -37.58
C ILE B 21 -2.21 -22.33 -37.98
N ALA B 22 -3.53 -22.55 -37.94
CA ALA B 22 -4.46 -21.46 -38.27
C ALA B 22 -4.44 -20.32 -37.25
N LEU B 23 -3.74 -20.46 -36.14
CA LEU B 23 -3.62 -19.40 -35.14
C LEU B 23 -2.56 -18.36 -35.51
N ALA B 24 -1.91 -18.51 -36.65
CA ALA B 24 -0.71 -17.73 -36.95
C ALA B 24 -1.01 -16.24 -37.12
N ASP B 25 -2.14 -15.89 -37.77
CA ASP B 25 -2.49 -14.47 -37.91
C ASP B 25 -2.76 -13.81 -36.56
N PHE B 26 -3.47 -14.50 -35.67
CA PHE B 26 -3.68 -13.98 -34.32
C PHE B 26 -2.35 -13.83 -33.61
N GLY B 27 -1.47 -14.82 -33.78
CA GLY B 27 -0.16 -14.72 -33.15
C GLY B 27 0.61 -13.53 -33.68
N ARG B 28 0.56 -13.29 -34.99
CA ARG B 28 1.28 -12.16 -35.55
C ARG B 28 0.73 -10.83 -35.02
N LYS B 29 -0.60 -10.73 -34.84
CA LYS B 29 -1.16 -9.50 -34.27
C LYS B 29 -0.64 -9.24 -32.85
N GLU B 30 -0.53 -10.30 -32.01
CA GLU B 30 -0.08 -10.08 -30.66
C GLU B 30 1.42 -9.86 -30.59
N ILE B 31 2.17 -10.48 -31.48
CA ILE B 31 3.60 -10.21 -31.60
C ILE B 31 3.84 -8.74 -31.92
N SER B 32 3.08 -8.21 -32.88
CA SER B 32 3.23 -6.79 -33.23
C SER B 32 2.94 -5.88 -32.04
N LEU B 33 1.87 -6.18 -31.30
CA LEU B 33 1.60 -5.44 -30.06
C LEU B 33 2.72 -5.58 -29.06
N ALA B 34 3.31 -6.78 -28.93
CA ALA B 34 4.37 -6.98 -27.95
C ALA B 34 5.62 -6.20 -28.34
N GLU B 35 5.92 -6.12 -29.65
CA GLU B 35 7.08 -5.37 -30.10
C GLU B 35 7.08 -3.95 -29.56
N THR B 36 5.91 -3.28 -29.59
CA THR B 36 5.83 -1.94 -29.04
C THR B 36 6.16 -1.91 -27.55
N GLU B 37 5.81 -2.97 -26.85
CA GLU B 37 6.08 -3.08 -25.41
C GLU B 37 7.47 -3.59 -25.11
N MET B 38 8.31 -3.92 -26.11
CA MET B 38 9.63 -4.47 -25.84
C MET B 38 10.74 -3.61 -26.47
N PRO B 39 10.90 -2.37 -25.98
CA PRO B 39 11.87 -1.45 -26.62
C PRO B 39 13.32 -1.90 -26.54
N GLY B 40 13.72 -2.62 -25.48
CA GLY B 40 15.07 -3.17 -25.44
C GLY B 40 15.38 -4.14 -26.57
N LEU B 41 14.48 -5.08 -26.84
CA LEU B 41 14.71 -6.02 -27.92
C LEU B 41 14.65 -5.36 -29.28
N MET B 42 13.69 -4.47 -29.49
CA MET B 42 13.60 -3.83 -30.80
C MET B 42 14.83 -2.95 -31.05
N ALA B 43 15.33 -2.26 -30.01
CA ALA B 43 16.53 -1.46 -30.17
C ALA B 43 17.76 -2.32 -30.43
N THR B 44 17.81 -3.52 -29.85
CA THR B 44 18.89 -4.47 -30.14
C THR B 44 18.85 -4.93 -31.59
N ARG B 45 17.65 -5.20 -32.13
CA ARG B 45 17.54 -5.46 -33.55
C ARG B 45 18.11 -4.33 -34.37
N GLU B 46 17.69 -3.11 -34.02
CA GLU B 46 18.10 -1.96 -34.82
C GLU B 46 19.62 -1.80 -34.80
N GLU B 47 20.24 -1.94 -33.62
CA GLU B 47 21.68 -1.71 -33.55
C GLU B 47 22.48 -2.85 -34.19
N TYR B 48 22.14 -4.10 -33.90
CA TYR B 48 22.95 -5.24 -34.30
C TYR B 48 22.51 -5.90 -35.58
N GLY B 49 21.26 -5.68 -36.03
CA GLY B 49 20.83 -6.23 -37.30
C GLY B 49 21.82 -6.03 -38.44
N PRO B 50 22.23 -4.78 -38.66
CA PRO B 50 23.15 -4.53 -39.79
C PRO B 50 24.58 -5.05 -39.53
N LYS B 51 24.92 -5.38 -38.28
CA LYS B 51 26.23 -5.98 -38.04
C LYS B 51 26.23 -7.50 -38.20
N GLN B 52 25.06 -8.15 -38.20
CA GLN B 52 24.95 -9.59 -38.38
C GLN B 52 25.89 -10.39 -37.48
N PRO B 53 25.93 -10.08 -36.17
CA PRO B 53 26.87 -10.81 -35.28
C PRO B 53 26.54 -12.28 -35.15
N LEU B 54 25.30 -12.70 -35.39
CA LEU B 54 24.98 -14.11 -35.29
C LEU B 54 24.86 -14.79 -36.66
N LYS B 55 25.40 -14.19 -37.73
CA LYS B 55 25.49 -14.92 -38.98
C LYS B 55 26.41 -16.13 -38.83
N GLY B 56 25.90 -17.30 -39.19
CA GLY B 56 26.59 -18.56 -38.92
C GLY B 56 26.20 -19.24 -37.60
N ALA B 57 25.48 -18.56 -36.72
CA ALA B 57 24.98 -19.21 -35.51
C ALA B 57 23.83 -20.15 -35.85
N ARG B 58 23.82 -21.32 -35.19
CA ARG B 58 22.69 -22.26 -35.26
C ARG B 58 22.25 -22.47 -33.83
N ILE B 59 21.22 -21.76 -33.44
CA ILE B 59 20.83 -21.66 -32.03
C ILE B 59 19.70 -22.64 -31.79
N ALA B 60 19.94 -23.59 -30.87
CA ALA B 60 18.90 -24.43 -30.31
C ALA B 60 18.40 -23.74 -29.04
N GLY B 61 17.14 -23.33 -29.05
CA GLY B 61 16.53 -22.66 -27.92
C GLY B 61 15.50 -23.56 -27.26
N SER B 62 15.50 -23.57 -25.92
CA SER B 62 14.51 -24.29 -25.14
C SER B 62 14.01 -23.28 -24.13
N LEU B 63 12.87 -22.65 -24.43
CA LEU B 63 12.35 -21.59 -23.60
C LEU B 63 10.88 -21.44 -23.91
N HIS B 64 10.05 -21.33 -22.86
CA HIS B 64 8.61 -21.07 -22.95
C HIS B 64 8.23 -20.41 -24.25
N MET B 65 7.40 -21.11 -25.05
CA MET B 65 7.12 -20.62 -26.41
C MET B 65 5.89 -19.67 -26.35
N THR B 66 6.16 -18.47 -25.81
CA THR B 66 5.17 -17.41 -25.64
C THR B 66 5.33 -16.33 -26.71
N ILE B 67 4.40 -15.36 -26.70
CA ILE B 67 4.50 -14.19 -27.58
C ILE B 67 5.83 -13.45 -27.35
N GLN B 68 6.24 -13.35 -26.09
CA GLN B 68 7.47 -12.66 -25.74
C GLN B 68 8.66 -13.40 -26.31
N THR B 69 8.65 -14.73 -26.22
CA THR B 69 9.75 -15.51 -26.81
C THR B 69 9.78 -15.39 -28.33
N ALA B 70 8.62 -15.24 -28.97
CA ALA B 70 8.61 -15.03 -30.41
C ALA B 70 9.37 -13.76 -30.81
N VAL B 71 9.20 -12.67 -30.06
CA VAL B 71 9.95 -11.43 -30.35
C VAL B 71 11.46 -11.67 -30.18
N LEU B 72 11.83 -12.49 -29.19
CA LEU B 72 13.23 -12.86 -29.01
C LEU B 72 13.72 -13.67 -30.20
N ILE B 73 12.94 -14.68 -30.63
CA ILE B 73 13.36 -15.50 -31.75
C ILE B 73 13.54 -14.63 -33.00
N GLU B 74 12.59 -13.74 -33.24
CA GLU B 74 12.74 -12.95 -34.46
C GLU B 74 13.88 -11.95 -34.35
N THR B 75 14.25 -11.54 -33.11
CA THR B 75 15.44 -10.71 -32.92
C THR B 75 16.72 -11.47 -33.25
N LEU B 76 16.86 -12.69 -32.72
CA LEU B 76 18.00 -13.53 -33.08
C LEU B 76 18.08 -13.76 -34.58
N ALA B 77 16.94 -14.03 -35.22
CA ALA B 77 16.95 -14.18 -36.68
C ALA B 77 17.36 -12.88 -37.37
N ALA B 78 16.89 -11.74 -36.88
CA ALA B 78 17.26 -10.47 -37.49
C ALA B 78 18.76 -10.18 -37.34
N LEU B 79 19.42 -10.79 -36.37
CA LEU B 79 20.86 -10.68 -36.19
C LEU B 79 21.61 -11.73 -36.98
N GLY B 80 20.90 -12.60 -37.71
CA GLY B 80 21.50 -13.51 -38.66
C GLY B 80 21.46 -14.98 -38.25
N ALA B 81 20.87 -15.30 -37.09
CA ALA B 81 20.90 -16.67 -36.58
C ALA B 81 19.96 -17.58 -37.36
N ASP B 82 20.39 -18.84 -37.54
CA ASP B 82 19.53 -19.96 -37.91
C ASP B 82 19.08 -20.61 -36.59
N ILE B 83 17.82 -21.05 -36.53
CA ILE B 83 17.19 -21.32 -35.23
C ILE B 83 16.33 -22.59 -35.29
N ARG B 84 16.31 -23.34 -34.18
CA ARG B 84 15.33 -24.41 -33.93
C ARG B 84 14.87 -24.19 -32.50
N TRP B 85 13.58 -24.39 -32.21
CA TRP B 85 13.04 -24.00 -30.91
C TRP B 85 12.06 -25.01 -30.32
N VAL B 86 12.11 -25.14 -29.00
CA VAL B 86 11.16 -25.88 -28.20
C VAL B 86 10.78 -25.08 -26.95
N SER B 87 9.63 -25.41 -26.37
CA SER B 87 9.31 -24.81 -25.08
C SER B 87 10.06 -25.56 -23.98
N CYS B 88 10.27 -24.90 -22.84
CA CYS B 88 10.90 -25.56 -21.71
C CYS B 88 9.89 -25.97 -20.66
N ASN B 89 8.60 -25.97 -21.02
CA ASN B 89 7.60 -26.39 -20.06
C ASN B 89 6.40 -26.92 -20.82
N ILE B 90 5.79 -28.00 -20.33
CA ILE B 90 4.71 -28.61 -21.13
C ILE B 90 3.44 -27.77 -21.17
N TYR B 91 3.25 -26.79 -20.28
CA TYR B 91 2.00 -26.01 -20.22
C TYR B 91 2.18 -24.55 -20.60
N SER B 92 3.38 -24.12 -20.93
CA SER B 92 3.63 -22.69 -21.03
C SER B 92 3.53 -22.15 -22.46
N THR B 93 3.52 -23.02 -23.47
CA THR B 93 3.40 -22.57 -24.84
C THR B 93 2.12 -21.76 -25.00
N GLN B 94 2.22 -20.66 -25.77
CA GLN B 94 1.03 -19.97 -26.26
C GLN B 94 0.87 -20.40 -27.72
N ASP B 95 -0.20 -21.14 -28.00
CA ASP B 95 -0.26 -21.82 -29.29
C ASP B 95 -0.26 -20.85 -30.45
N HIS B 96 -0.77 -19.63 -30.26
CA HIS B 96 -0.77 -18.68 -31.38
C HIS B 96 0.64 -18.12 -31.63
N ALA B 97 1.45 -17.93 -30.58
CA ALA B 97 2.86 -17.56 -30.78
C ALA B 97 3.63 -18.66 -31.50
N ALA B 98 3.41 -19.92 -31.10
CA ALA B 98 4.05 -21.02 -31.80
C ALA B 98 3.64 -21.03 -33.27
N ALA B 99 2.36 -20.84 -33.56
CA ALA B 99 1.90 -20.91 -34.96
C ALA B 99 2.53 -19.80 -35.80
N ALA B 100 2.70 -18.62 -35.20
CA ALA B 100 3.33 -17.50 -35.93
C ALA B 100 4.79 -17.83 -36.24
N ILE B 101 5.54 -18.34 -35.27
CA ILE B 101 6.93 -18.72 -35.54
C ILE B 101 7.00 -19.80 -36.63
N ALA B 102 6.12 -20.80 -36.59
CA ALA B 102 6.13 -21.84 -37.63
C ALA B 102 5.80 -21.26 -39.00
N ALA B 103 4.82 -20.34 -39.04
CA ALA B 103 4.47 -19.65 -40.28
C ALA B 103 5.63 -18.82 -40.84
N ALA B 104 6.50 -18.27 -39.99
CA ALA B 104 7.67 -17.49 -40.41
C ALA B 104 8.80 -18.38 -40.87
N GLY B 105 8.59 -19.69 -40.86
CA GLY B 105 9.54 -20.63 -41.40
C GLY B 105 10.62 -21.10 -40.46
N ILE B 106 10.43 -20.94 -39.16
CA ILE B 106 11.42 -21.36 -38.16
C ILE B 106 10.93 -22.66 -37.51
N PRO B 107 11.75 -23.73 -37.50
CA PRO B 107 11.35 -25.00 -36.82
C PRO B 107 11.08 -24.78 -35.34
N VAL B 108 9.86 -25.11 -34.92
CA VAL B 108 9.43 -24.94 -33.53
C VAL B 108 8.58 -26.15 -33.20
N PHE B 109 8.76 -26.69 -32.00
CA PHE B 109 8.04 -27.91 -31.57
C PHE B 109 7.49 -27.63 -30.20
N ALA B 110 6.22 -27.21 -30.14
CA ALA B 110 5.67 -26.67 -28.90
C ALA B 110 4.15 -26.63 -28.97
N VAL B 111 3.53 -27.29 -28.00
CA VAL B 111 2.08 -27.39 -27.87
C VAL B 111 1.76 -27.20 -26.40
N LYS B 112 0.80 -26.32 -26.09
CA LYS B 112 0.32 -26.22 -24.72
C LYS B 112 -0.39 -27.52 -24.35
N GLY B 113 0.11 -28.18 -23.31
CA GLY B 113 -0.44 -29.45 -22.89
C GLY B 113 0.18 -30.67 -23.51
N GLU B 114 1.33 -30.53 -24.17
CA GLU B 114 2.03 -31.71 -24.64
C GLU B 114 2.37 -32.60 -23.44
N THR B 115 2.58 -33.91 -23.69
CA THR B 115 2.94 -34.85 -22.63
C THR B 115 4.43 -34.76 -22.32
N LEU B 116 4.85 -35.36 -21.21
CA LEU B 116 6.29 -35.50 -20.96
C LEU B 116 6.99 -36.30 -22.05
N THR B 117 6.33 -37.33 -22.60
CA THR B 117 6.96 -38.06 -23.71
C THR B 117 7.25 -37.12 -24.88
N GLU B 118 6.25 -36.34 -25.29
CA GLU B 118 6.44 -35.43 -26.43
C GLU B 118 7.46 -34.37 -26.09
N TYR B 119 7.42 -33.87 -24.85
CA TYR B 119 8.31 -32.79 -24.43
C TYR B 119 9.77 -33.17 -24.67
N TRP B 120 10.15 -34.40 -24.27
CA TRP B 120 11.53 -34.86 -24.42
C TRP B 120 11.86 -35.25 -25.87
N ASP B 121 10.91 -35.86 -26.59
CA ASP B 121 11.11 -36.05 -28.03
C ASP B 121 11.33 -34.71 -28.76
N TYR B 122 10.58 -33.67 -28.39
CA TYR B 122 10.77 -32.41 -29.09
C TYR B 122 12.16 -31.82 -28.77
N THR B 123 12.57 -31.87 -27.49
CA THR B 123 13.91 -31.38 -27.16
C THR B 123 14.98 -32.01 -28.03
N ALA B 124 14.90 -33.33 -28.24
CA ALA B 124 15.90 -33.99 -29.09
C ALA B 124 15.86 -33.47 -30.52
N LYS B 125 14.71 -32.99 -30.96
CA LYS B 125 14.59 -32.47 -32.32
C LYS B 125 15.43 -31.20 -32.52
N LEU B 126 15.80 -30.50 -31.44
CA LEU B 126 16.69 -29.33 -31.57
C LEU B 126 18.00 -29.71 -32.26
N PHE B 127 18.46 -30.95 -32.03
CA PHE B 127 19.84 -31.29 -32.35
C PHE B 127 20.00 -31.91 -33.73
N ASP B 128 18.90 -32.27 -34.39
CA ASP B 128 18.96 -32.70 -35.78
C ASP B 128 18.75 -31.46 -36.64
N TRP B 129 19.85 -30.79 -36.98
CA TRP B 129 19.72 -29.52 -37.69
C TRP B 129 19.21 -29.76 -39.09
N HIS B 130 18.31 -28.88 -39.52
CA HIS B 130 17.79 -28.99 -40.89
C HIS B 130 18.91 -28.75 -41.89
N GLY B 131 18.97 -29.61 -42.91
CA GLY B 131 20.09 -29.57 -43.84
C GLY B 131 21.33 -30.31 -43.37
N GLY B 132 21.30 -30.93 -42.19
CA GLY B 132 22.37 -31.73 -41.67
C GLY B 132 23.15 -31.03 -40.56
N GLY B 133 23.83 -31.83 -39.75
CA GLY B 133 24.68 -31.25 -38.72
C GLY B 133 23.97 -31.04 -37.40
N THR B 134 24.57 -30.21 -36.56
CA THR B 134 24.13 -30.00 -35.19
C THR B 134 24.04 -28.51 -34.96
N PRO B 135 23.47 -28.06 -33.82
CA PRO B 135 23.54 -26.63 -33.45
C PRO B 135 24.97 -26.26 -33.09
N ASN B 136 25.22 -24.96 -32.94
CA ASN B 136 26.50 -24.50 -32.40
C ASN B 136 26.31 -23.52 -31.26
N MET B 137 25.07 -23.36 -30.79
CA MET B 137 24.73 -22.50 -29.66
C MET B 137 23.49 -23.08 -29.01
N ILE B 138 23.41 -22.91 -27.68
CA ILE B 138 22.21 -23.25 -26.91
C ILE B 138 21.73 -22.02 -26.14
N LEU B 139 20.41 -21.75 -26.21
CA LEU B 139 19.76 -20.76 -25.36
C LEU B 139 18.74 -21.53 -24.53
N ASP B 140 18.97 -21.60 -23.23
CA ASP B 140 18.32 -22.54 -22.32
C ASP B 140 17.59 -21.80 -21.19
N ASP B 141 16.45 -22.31 -20.78
CA ASP B 141 15.72 -21.81 -19.63
C ASP B 141 15.42 -23.04 -18.80
N GLY B 142 16.15 -23.24 -17.72
CA GLY B 142 15.92 -24.40 -16.88
C GLY B 142 16.95 -25.49 -17.07
N GLY B 143 17.74 -25.44 -18.14
CA GLY B 143 18.85 -26.38 -18.28
C GLY B 143 18.52 -27.73 -18.92
N ASP B 144 17.33 -27.92 -19.50
CA ASP B 144 16.97 -29.25 -20.01
C ASP B 144 17.72 -29.61 -21.29
N ALA B 145 17.88 -28.66 -22.21
CA ALA B 145 18.69 -28.96 -23.40
C ALA B 145 20.15 -29.20 -23.04
N THR B 146 20.71 -28.36 -22.19
CA THR B 146 22.05 -28.58 -21.71
C THR B 146 22.18 -29.94 -21.05
N MET B 147 21.15 -30.33 -20.29
CA MET B 147 21.28 -31.60 -19.58
C MET B 147 21.23 -32.78 -20.54
N LEU B 148 20.37 -32.72 -21.57
CA LEU B 148 20.37 -33.79 -22.57
C LEU B 148 21.75 -34.01 -23.14
N VAL B 149 22.45 -32.92 -23.47
CA VAL B 149 23.77 -33.06 -24.07
C VAL B 149 24.72 -33.71 -23.09
N HIS B 150 24.72 -33.25 -21.82
CA HIS B 150 25.72 -33.80 -20.89
C HIS B 150 25.43 -35.24 -20.51
N ALA B 151 24.15 -35.60 -20.32
CA ALA B 151 23.80 -36.98 -20.00
C ALA B 151 24.16 -37.91 -21.16
N GLY B 152 23.84 -37.49 -22.40
CA GLY B 152 24.16 -38.33 -23.55
C GLY B 152 25.65 -38.50 -23.69
N TYR B 153 26.41 -37.43 -23.41
CA TYR B 153 27.86 -37.51 -23.51
C TYR B 153 28.42 -38.45 -22.45
N ARG B 154 27.94 -38.29 -21.21
CA ARG B 154 28.37 -39.15 -20.13
C ARG B 154 28.13 -40.61 -20.46
N ALA B 155 26.92 -40.95 -20.91
CA ALA B 155 26.60 -42.33 -21.26
C ALA B 155 27.43 -42.81 -22.45
N GLU B 156 27.62 -41.95 -23.45
CA GLU B 156 28.44 -42.31 -24.60
C GLU B 156 29.90 -42.58 -24.23
N GLN B 157 30.44 -41.95 -23.18
CA GLN B 157 31.81 -42.22 -22.75
CA GLN B 157 31.81 -42.23 -22.78
C GLN B 157 31.93 -43.49 -21.93
N GLY B 158 30.89 -44.32 -21.90
CA GLY B 158 30.92 -45.62 -21.23
C GLY B 158 30.06 -45.72 -19.97
N ASP B 159 29.70 -44.60 -19.35
CA ASP B 159 29.06 -44.63 -18.03
C ASP B 159 27.55 -44.68 -18.20
N THR B 160 27.00 -45.88 -18.31
CA THR B 160 25.61 -46.04 -18.69
C THR B 160 24.70 -46.51 -17.56
N ALA B 161 25.25 -46.96 -16.44
CA ALA B 161 24.41 -47.61 -15.43
C ALA B 161 23.36 -46.63 -14.89
N PHE B 162 23.65 -45.32 -14.87
CA PHE B 162 22.68 -44.38 -14.29
C PHE B 162 21.39 -44.40 -15.07
N LEU B 163 21.45 -44.76 -16.35
CA LEU B 163 20.25 -44.77 -17.19
C LEU B 163 19.22 -45.80 -16.71
N ASP B 164 19.62 -46.76 -15.89
CA ASP B 164 18.65 -47.74 -15.41
C ASP B 164 18.18 -47.47 -13.99
N LYS B 165 18.40 -46.25 -13.48
CA LYS B 165 18.05 -45.93 -12.10
C LYS B 165 17.30 -44.61 -12.01
N PRO B 166 16.22 -44.44 -12.79
CA PRO B 166 15.39 -43.24 -12.60
C PRO B 166 14.68 -43.30 -11.26
N GLY B 167 14.31 -42.12 -10.75
CA GLY B 167 13.54 -42.03 -9.53
C GLY B 167 12.25 -41.24 -9.69
N SER B 168 11.84 -41.00 -10.94
CA SER B 168 10.57 -40.35 -11.25
C SER B 168 10.13 -40.76 -12.64
N GLU B 169 8.86 -40.51 -12.93
CA GLU B 169 8.36 -40.87 -14.25
C GLU B 169 9.05 -40.05 -15.34
N GLU B 170 9.30 -38.75 -15.07
CA GLU B 170 10.01 -37.91 -16.03
C GLU B 170 11.46 -38.33 -16.24
N GLU B 171 12.19 -38.67 -15.16
CA GLU B 171 13.49 -39.28 -15.33
C GLU B 171 13.44 -40.54 -16.19
N GLU B 172 12.42 -41.37 -15.97
CA GLU B 172 12.31 -42.58 -16.78
C GLU B 172 12.13 -42.24 -18.26
N ILE B 173 11.35 -41.20 -18.55
CA ILE B 173 11.14 -40.79 -19.94
C ILE B 173 12.44 -40.23 -20.51
N PHE B 174 13.13 -39.40 -19.71
CA PHE B 174 14.41 -38.81 -20.10
C PHE B 174 15.44 -39.88 -20.41
N TYR B 175 15.61 -40.83 -19.48
CA TYR B 175 16.59 -41.89 -19.68
C TYR B 175 16.24 -42.77 -20.88
N ALA B 176 14.95 -43.06 -21.09
CA ALA B 176 14.55 -43.77 -22.30
C ALA B 176 14.95 -42.99 -23.57
N LEU B 177 14.81 -41.67 -23.55
CA LEU B 177 15.21 -40.88 -24.71
C LEU B 177 16.71 -41.02 -24.97
N VAL B 178 17.52 -40.88 -23.92
CA VAL B 178 18.97 -41.00 -24.11
C VAL B 178 19.33 -42.36 -24.68
N LYS B 179 18.68 -43.41 -24.17
CA LYS B 179 18.99 -44.76 -24.66
C LYS B 179 18.62 -44.90 -26.13
N ARG B 180 17.45 -44.37 -26.50
CA ARG B 180 16.99 -44.45 -27.87
C ARG B 180 17.88 -43.64 -28.81
N LEU B 181 18.38 -42.49 -28.34
CA LEU B 181 19.30 -41.70 -29.16
C LEU B 181 20.61 -42.44 -29.36
N LEU B 182 21.21 -42.95 -28.28
CA LEU B 182 22.42 -43.74 -28.45
C LEU B 182 22.21 -44.92 -29.41
N LYS B 183 21.01 -45.49 -29.40
CA LYS B 183 20.73 -46.64 -30.26
C LYS B 183 20.57 -46.22 -31.72
N GLU B 184 19.91 -45.09 -31.97
CA GLU B 184 19.54 -44.64 -33.32
C GLU B 184 20.59 -43.76 -33.99
N LYS B 185 21.31 -42.93 -33.24
CA LYS B 185 22.15 -41.92 -33.89
C LYS B 185 23.54 -42.46 -34.18
N PRO B 186 24.24 -41.88 -35.16
CA PRO B 186 25.60 -42.33 -35.47
C PRO B 186 26.46 -42.37 -34.21
N LYS B 187 27.37 -43.35 -34.14
CA LYS B 187 28.30 -43.42 -33.02
C LYS B 187 29.05 -42.11 -32.86
N GLY B 188 29.20 -41.66 -31.61
CA GLY B 188 29.89 -40.42 -31.31
C GLY B 188 29.05 -39.16 -31.44
N TRP B 189 27.74 -39.31 -31.65
CA TRP B 189 26.87 -38.18 -31.93
C TRP B 189 26.87 -37.15 -30.81
N PHE B 190 26.83 -37.61 -29.56
CA PHE B 190 26.83 -36.66 -28.44
C PHE B 190 28.17 -35.93 -28.32
N ALA B 191 29.28 -36.63 -28.61
CA ALA B 191 30.57 -35.93 -28.63
C ALA B 191 30.66 -34.93 -29.79
N GLU B 192 30.03 -35.26 -30.92
CA GLU B 192 29.97 -34.31 -32.03
C GLU B 192 29.20 -33.06 -31.64
N ILE B 193 28.01 -33.24 -31.04
CA ILE B 193 27.24 -32.07 -30.56
C ILE B 193 28.09 -31.24 -29.61
N ALA B 194 28.72 -31.91 -28.61
CA ALA B 194 29.45 -31.21 -27.57
C ALA B 194 30.61 -30.39 -28.14
N LYS B 195 31.23 -30.90 -29.19
CA LYS B 195 32.37 -30.23 -29.81
C LYS B 195 31.93 -28.98 -30.56
N ASN B 196 30.70 -28.96 -31.05
CA ASN B 196 30.22 -27.92 -31.94
C ASN B 196 29.54 -26.77 -31.20
N ILE B 197 29.13 -26.98 -29.95
CA ILE B 197 28.43 -25.96 -29.16
C ILE B 197 29.46 -24.95 -28.68
N LYS B 198 29.33 -23.71 -29.14
CA LYS B 198 30.28 -22.72 -28.68
C LYS B 198 29.89 -22.10 -27.33
N GLY B 199 28.67 -22.26 -26.88
CA GLY B 199 28.29 -21.68 -25.63
C GLY B 199 26.83 -21.93 -25.34
N VAL B 200 26.49 -21.76 -24.08
CA VAL B 200 25.09 -21.78 -23.64
C VAL B 200 24.83 -20.54 -22.79
N SER B 201 23.67 -19.92 -22.99
CA SER B 201 23.23 -18.89 -22.06
C SER B 201 21.97 -19.38 -21.35
N GLU B 202 21.92 -19.17 -20.05
CA GLU B 202 20.88 -19.78 -19.20
C GLU B 202 20.15 -18.70 -18.42
N GLU B 203 18.84 -18.79 -18.46
CA GLU B 203 17.88 -17.79 -18.04
C GLU B 203 17.49 -17.85 -16.57
N THR B 204 17.43 -19.02 -15.91
CA THR B 204 16.72 -19.24 -14.65
CA THR B 204 16.79 -18.96 -14.61
C THR B 204 17.66 -19.52 -13.50
N THR B 205 17.24 -19.15 -12.28
CA THR B 205 18.00 -19.45 -11.06
C THR B 205 18.37 -20.93 -10.98
N THR B 206 17.40 -21.82 -11.16
CA THR B 206 17.72 -23.24 -10.98
CA THR B 206 17.66 -23.27 -11.03
C THR B 206 18.66 -23.75 -12.08
N GLY B 207 18.46 -23.31 -13.34
CA GLY B 207 19.38 -23.67 -14.43
C GLY B 207 20.80 -23.20 -14.21
N VAL B 208 20.95 -22.00 -13.68
CA VAL B 208 22.28 -21.48 -13.40
C VAL B 208 22.94 -22.27 -12.26
N HIS B 209 22.15 -22.65 -11.27
CA HIS B 209 22.69 -23.47 -10.20
C HIS B 209 23.24 -24.80 -10.75
N ARG B 210 22.49 -25.45 -11.66
CA ARG B 210 23.01 -26.68 -12.25
C ARG B 210 24.33 -26.42 -12.98
N LEU B 211 24.47 -25.25 -13.64
CA LEU B 211 25.68 -24.99 -14.41
C LEU B 211 26.90 -24.79 -13.50
N TYR B 212 26.76 -23.92 -12.48
CA TYR B 212 27.86 -23.71 -11.53
C TYR B 212 28.32 -25.03 -10.94
N GLU B 213 27.37 -25.92 -10.64
CA GLU B 213 27.71 -27.24 -10.11
C GLU B 213 28.61 -28.01 -11.07
N MET B 214 28.15 -28.16 -12.32
CA MET B 214 28.93 -28.84 -13.34
C MET B 214 30.29 -28.17 -13.54
N ALA B 215 30.35 -26.84 -13.47
CA ALA B 215 31.63 -26.17 -13.62
C ALA B 215 32.58 -26.60 -12.50
N ASN B 216 32.06 -26.65 -11.27
CA ASN B 216 32.87 -26.97 -10.11
C ASN B 216 33.43 -28.39 -10.20
N LYS B 217 32.61 -29.35 -10.69
CA LYS B 217 32.99 -30.75 -10.88
C LYS B 217 33.76 -31.00 -12.18
N GLY B 218 34.04 -29.96 -12.97
CA GLY B 218 34.78 -30.13 -14.21
C GLY B 218 34.05 -30.91 -15.27
N THR B 219 32.72 -30.92 -15.24
CA THR B 219 31.98 -31.67 -16.26
C THR B 219 31.31 -30.75 -17.25
N LEU B 220 31.36 -29.44 -17.04
CA LEU B 220 30.73 -28.50 -17.99
C LEU B 220 31.47 -28.59 -19.32
N LEU B 221 30.72 -28.86 -20.39
CA LEU B 221 31.30 -29.15 -21.69
C LEU B 221 31.65 -27.89 -22.51
N PHE B 222 31.06 -26.73 -22.22
CA PHE B 222 31.32 -25.55 -23.04
C PHE B 222 31.07 -24.29 -22.21
N PRO B 223 31.45 -23.11 -22.72
CA PRO B 223 31.27 -21.89 -21.91
C PRO B 223 29.80 -21.58 -21.70
N ALA B 224 29.51 -20.94 -20.56
CA ALA B 224 28.15 -20.58 -20.20
C ALA B 224 28.06 -19.15 -19.71
N ILE B 225 26.98 -18.45 -20.06
CA ILE B 225 26.67 -17.16 -19.45
C ILE B 225 25.41 -17.32 -18.62
N ASN B 226 25.56 -16.98 -17.34
CA ASN B 226 24.48 -16.87 -16.36
C ASN B 226 23.76 -15.53 -16.59
N VAL B 227 22.63 -15.59 -17.29
CA VAL B 227 21.83 -14.41 -17.58
C VAL B 227 20.93 -14.01 -16.39
N ASN B 228 20.54 -14.97 -15.57
CA ASN B 228 19.71 -14.67 -14.40
C ASN B 228 20.34 -13.61 -13.50
N ASP B 229 21.65 -13.68 -13.28
CA ASP B 229 22.28 -12.76 -12.34
C ASP B 229 22.69 -11.41 -12.95
N SER B 230 22.28 -11.08 -14.16
CA SER B 230 22.26 -9.66 -14.53
C SER B 230 21.32 -8.93 -13.59
N VAL B 231 21.67 -7.70 -13.19
CA VAL B 231 20.75 -6.97 -12.32
C VAL B 231 19.41 -6.78 -13.01
N THR B 232 19.45 -6.42 -14.32
CA THR B 232 18.26 -6.14 -15.10
C THR B 232 17.49 -7.42 -15.48
N LYS B 233 17.87 -8.58 -14.94
CA LYS B 233 17.05 -9.79 -15.05
C LYS B 233 16.55 -10.13 -13.65
N SER B 234 17.45 -10.55 -12.75
CA SER B 234 17.00 -11.01 -11.44
C SER B 234 16.19 -9.99 -10.66
N LYS B 235 16.57 -8.70 -10.69
CA LYS B 235 15.85 -7.69 -9.88
C LYS B 235 14.67 -7.06 -10.63
N PHE B 236 14.31 -7.60 -11.80
CA PHE B 236 13.16 -7.11 -12.57
C PHE B 236 12.19 -8.25 -12.96
N ASP B 237 12.63 -9.12 -13.85
CA ASP B 237 11.85 -10.31 -14.21
C ASP B 237 11.44 -11.09 -12.96
N ASN B 238 12.42 -11.59 -12.19
CA ASN B 238 12.07 -12.50 -11.11
C ASN B 238 11.13 -11.83 -10.11
N LEU B 239 11.35 -10.52 -9.88
CA LEU B 239 10.63 -9.73 -8.90
C LEU B 239 9.34 -9.16 -9.48
N TYR B 240 9.45 -8.15 -10.36
CA TYR B 240 8.26 -7.49 -10.87
C TYR B 240 7.46 -8.36 -11.82
N GLY B 241 8.11 -9.25 -12.57
CA GLY B 241 7.35 -10.15 -13.43
C GLY B 241 6.39 -11.01 -12.64
N CYS B 242 6.89 -11.65 -11.57
CA CYS B 242 6.01 -12.45 -10.73
C CYS B 242 4.98 -11.58 -10.01
N ARG B 243 5.37 -10.36 -9.62
CA ARG B 243 4.38 -9.49 -8.99
C ARG B 243 3.18 -9.26 -9.91
N GLU B 244 3.41 -9.18 -11.23
CA GLU B 244 2.29 -9.05 -12.16
C GLU B 244 1.68 -10.40 -12.52
N SER B 245 2.46 -11.45 -12.73
CA SER B 245 1.82 -12.62 -13.35
C SER B 245 1.37 -13.72 -12.37
N LEU B 246 1.79 -13.71 -11.10
CA LEU B 246 1.27 -14.75 -10.19
C LEU B 246 -0.22 -14.61 -9.99
N VAL B 247 -0.66 -13.42 -9.58
CA VAL B 247 -2.08 -13.27 -9.29
C VAL B 247 -2.90 -13.40 -10.59
N ASP B 248 -2.34 -13.01 -11.72
CA ASP B 248 -2.98 -13.26 -13.02
C ASP B 248 -3.29 -14.75 -13.19
N GLY B 249 -2.31 -15.62 -12.90
CA GLY B 249 -2.57 -17.04 -13.01
C GLY B 249 -3.63 -17.55 -12.05
N ILE B 250 -3.60 -17.07 -10.81
CA ILE B 250 -4.61 -17.52 -9.84
C ILE B 250 -5.99 -17.03 -10.23
N ARG B 251 -6.09 -15.78 -10.71
CA ARG B 251 -7.40 -15.27 -11.11
C ARG B 251 -7.94 -16.03 -12.30
N ARG B 252 -7.11 -16.24 -13.33
CA ARG B 252 -7.68 -16.92 -14.49
C ARG B 252 -8.05 -18.35 -14.17
N GLY B 253 -7.30 -19.00 -13.28
CA GLY B 253 -7.59 -20.39 -12.94
C GLY B 253 -8.84 -20.55 -12.07
N THR B 254 -9.10 -19.60 -11.18
CA THR B 254 -10.09 -19.83 -10.12
C THR B 254 -11.13 -18.74 -10.01
N ASP B 255 -10.84 -17.55 -10.48
CA ASP B 255 -11.72 -16.38 -10.35
C ASP B 255 -12.08 -16.07 -8.89
N VAL B 256 -11.27 -16.48 -7.90
CA VAL B 256 -11.64 -16.21 -6.52
C VAL B 256 -11.44 -14.75 -6.20
N MET B 257 -12.27 -14.24 -5.32
CA MET B 257 -11.99 -12.94 -4.73
C MET B 257 -10.75 -13.05 -3.86
N LEU B 258 -9.78 -12.12 -4.04
CA LEU B 258 -8.56 -12.21 -3.25
C LEU B 258 -8.62 -11.36 -1.98
N SER B 259 -9.36 -10.24 -1.99
CA SER B 259 -9.51 -9.46 -0.78
C SER B 259 -10.15 -10.33 0.30
N GLY B 260 -9.56 -10.35 1.48
CA GLY B 260 -10.12 -11.17 2.53
C GLY B 260 -9.55 -12.57 2.61
N LYS B 261 -8.71 -12.99 1.68
CA LYS B 261 -8.15 -14.32 1.76
C LYS B 261 -6.78 -14.27 2.42
N VAL B 262 -6.39 -15.41 2.98
CA VAL B 262 -5.08 -15.55 3.60
C VAL B 262 -4.25 -16.37 2.63
N ALA B 263 -3.04 -15.91 2.32
CA ALA B 263 -2.17 -16.65 1.41
C ALA B 263 -0.83 -16.96 2.06
N MET B 264 -0.22 -18.08 1.64
CA MET B 264 1.08 -18.51 2.13
C MET B 264 2.02 -18.63 0.94
N VAL B 265 3.17 -17.97 1.02
CA VAL B 265 4.23 -18.07 0.00
C VAL B 265 5.45 -18.71 0.66
N ALA B 266 5.94 -19.80 0.08
CA ALA B 266 7.17 -20.42 0.57
C ALA B 266 8.33 -19.82 -0.19
N GLY B 267 9.21 -19.13 0.53
CA GLY B 267 10.41 -18.51 -0.04
C GLY B 267 10.22 -17.01 -0.13
N PHE B 268 11.33 -16.27 0.06
CA PHE B 268 11.33 -14.81 -0.03
C PHE B 268 12.65 -14.35 -0.63
N GLY B 269 13.10 -15.08 -1.65
CA GLY B 269 14.13 -14.61 -2.54
C GLY B 269 13.47 -13.69 -3.56
N ASP B 270 14.03 -13.62 -4.76
CA ASP B 270 13.47 -12.70 -5.74
C ASP B 270 12.05 -13.07 -6.16
N VAL B 271 11.82 -14.36 -6.46
CA VAL B 271 10.48 -14.76 -6.89
C VAL B 271 9.49 -14.71 -5.73
N GLY B 272 9.92 -15.11 -4.52
CA GLY B 272 9.00 -15.04 -3.38
C GLY B 272 8.63 -13.62 -3.01
N LYS B 273 9.63 -12.69 -3.03
CA LYS B 273 9.30 -11.27 -2.83
C LYS B 273 8.24 -10.77 -3.82
N GLY B 274 8.41 -11.11 -5.10
CA GLY B 274 7.44 -10.65 -6.11
C GLY B 274 6.09 -11.33 -5.92
N SER B 275 6.11 -12.63 -5.56
CA SER B 275 4.87 -13.38 -5.38
C SER B 275 4.06 -12.87 -4.18
N ALA B 276 4.75 -12.67 -3.06
CA ALA B 276 4.08 -12.12 -1.89
C ALA B 276 3.49 -10.76 -2.20
N ALA B 277 4.24 -9.93 -2.96
CA ALA B 277 3.73 -8.61 -3.33
C ALA B 277 2.53 -8.73 -4.23
N SER B 278 2.54 -9.72 -5.13
CA SER B 278 1.41 -9.89 -6.04
C SER B 278 0.14 -10.11 -5.22
N LEU B 279 0.23 -11.02 -4.25
CA LEU B 279 -0.93 -11.42 -3.46
C LEU B 279 -1.32 -10.30 -2.51
N ARG B 280 -0.34 -9.63 -1.94
CA ARG B 280 -0.68 -8.59 -1.00
C ARG B 280 -1.29 -7.41 -1.70
N GLN B 281 -0.75 -7.05 -2.89
CA GLN B 281 -1.32 -5.91 -3.60
C GLN B 281 -2.73 -6.20 -4.08
N ALA B 282 -3.04 -7.48 -4.33
CA ALA B 282 -4.39 -7.90 -4.71
C ALA B 282 -5.34 -7.97 -3.51
N GLY B 283 -4.88 -7.79 -2.29
CA GLY B 283 -5.78 -7.73 -1.16
C GLY B 283 -5.67 -8.91 -0.19
N CYS B 284 -4.79 -9.87 -0.44
CA CYS B 284 -4.63 -10.97 0.51
C CYS B 284 -3.79 -10.57 1.70
N ARG B 285 -4.04 -11.25 2.80
CA ARG B 285 -3.19 -11.17 3.99
CA ARG B 285 -3.16 -11.16 3.98
C ARG B 285 -2.14 -12.28 3.84
N VAL B 286 -0.88 -11.92 3.66
CA VAL B 286 0.12 -12.86 3.18
C VAL B 286 1.07 -13.30 4.32
N MET B 287 1.31 -14.59 4.40
CA MET B 287 2.35 -15.15 5.26
C MET B 287 3.42 -15.78 4.37
N VAL B 288 4.63 -15.90 4.93
CA VAL B 288 5.84 -16.30 4.20
C VAL B 288 6.58 -17.35 5.04
N SER B 289 7.16 -18.34 4.39
CA SER B 289 8.16 -19.16 5.08
C SER B 289 9.54 -18.89 4.48
N GLU B 290 10.58 -19.08 5.30
CA GLU B 290 11.95 -18.96 4.81
C GLU B 290 12.87 -19.80 5.69
N VAL B 291 13.99 -20.24 5.08
CA VAL B 291 15.07 -20.92 5.79
C VAL B 291 16.25 -19.97 5.99
N ASP B 292 16.32 -18.88 5.26
CA ASP B 292 17.46 -17.97 5.32
C ASP B 292 17.11 -16.82 6.27
N PRO B 293 17.86 -16.62 7.36
CA PRO B 293 17.47 -15.60 8.36
C PRO B 293 17.47 -14.19 7.79
N ILE B 294 18.33 -13.90 6.81
CA ILE B 294 18.32 -12.55 6.22
C ILE B 294 17.03 -12.32 5.44
N CYS B 295 16.66 -13.27 4.57
CA CYS B 295 15.43 -13.10 3.82
C CYS B 295 14.22 -13.10 4.75
N ALA B 296 14.26 -13.89 5.82
CA ALA B 296 13.15 -13.90 6.77
C ALA B 296 13.01 -12.53 7.44
N LEU B 297 14.14 -11.93 7.82
CA LEU B 297 14.08 -10.61 8.43
C LEU B 297 13.55 -9.59 7.44
N GLN B 298 13.96 -9.69 6.16
CA GLN B 298 13.36 -8.81 5.14
C GLN B 298 11.84 -8.97 5.10
N ALA B 299 11.35 -10.21 5.05
CA ALA B 299 9.89 -10.42 4.99
C ALA B 299 9.21 -9.77 6.18
N ALA B 300 9.76 -9.97 7.39
CA ALA B 300 9.15 -9.38 8.59
C ALA B 300 9.17 -7.86 8.53
N MET B 301 10.27 -7.28 8.04
CA MET B 301 10.33 -5.83 7.95
C MET B 301 9.39 -5.29 6.88
N GLU B 302 9.03 -6.10 5.89
CA GLU B 302 8.02 -5.65 4.94
C GLU B 302 6.60 -5.90 5.43
N GLY B 303 6.42 -6.41 6.63
CA GLY B 303 5.09 -6.51 7.20
C GLY B 303 4.43 -7.87 7.07
N TYR B 304 5.13 -8.88 6.56
CA TYR B 304 4.58 -10.24 6.42
C TYR B 304 4.84 -11.07 7.67
N GLU B 305 3.85 -11.86 8.10
CA GLU B 305 4.05 -12.83 9.15
C GLU B 305 4.88 -14.01 8.62
N VAL B 306 5.95 -14.38 9.32
CA VAL B 306 6.83 -15.47 8.89
C VAL B 306 6.58 -16.69 9.78
N VAL B 307 6.13 -17.79 9.14
CA VAL B 307 5.55 -18.96 9.80
C VAL B 307 6.11 -20.20 9.10
N THR B 308 5.93 -21.36 9.72
CA THR B 308 6.25 -22.58 9.00
C THR B 308 5.07 -23.05 8.13
N MET B 309 5.37 -23.94 7.16
CA MET B 309 4.28 -24.54 6.39
C MET B 309 3.33 -25.32 7.29
N GLU B 310 3.84 -25.92 8.39
CA GLU B 310 2.94 -26.64 9.28
C GLU B 310 1.94 -25.69 9.94
N ASP B 311 2.41 -24.50 10.32
CA ASP B 311 1.54 -23.47 10.87
CA ASP B 311 1.49 -23.52 10.89
C ASP B 311 0.49 -23.02 9.85
N ALA B 312 0.93 -22.81 8.60
CA ALA B 312 0.05 -22.27 7.57
C ALA B 312 -0.97 -23.27 7.05
N ALA B 313 -0.63 -24.56 7.07
CA ALA B 313 -1.43 -25.51 6.29
C ALA B 313 -2.92 -25.53 6.66
N PRO B 314 -3.35 -25.51 7.94
CA PRO B 314 -4.79 -25.53 8.23
C PRO B 314 -5.50 -24.20 8.03
N ARG B 315 -4.77 -23.12 7.78
CA ARG B 315 -5.18 -21.72 7.87
C ARG B 315 -5.34 -21.02 6.53
N ALA B 316 -4.41 -21.21 5.62
CA ALA B 316 -4.37 -20.33 4.45
C ALA B 316 -5.35 -20.83 3.38
N ASP B 317 -5.82 -19.88 2.57
CA ASP B 317 -6.74 -20.15 1.46
C ASP B 317 -5.99 -20.49 0.19
N ILE B 318 -4.76 -19.97 0.08
CA ILE B 318 -3.96 -20.01 -1.15
C ILE B 318 -2.55 -20.33 -0.71
N PHE B 319 -1.89 -21.26 -1.40
CA PHE B 319 -0.51 -21.64 -1.13
C PHE B 319 0.27 -21.54 -2.44
N VAL B 320 1.48 -20.98 -2.36
CA VAL B 320 2.33 -20.75 -3.53
C VAL B 320 3.76 -21.15 -3.15
N THR B 321 4.35 -22.11 -3.88
CA THR B 321 5.75 -22.45 -3.62
C THR B 321 6.65 -21.60 -4.53
N ALA B 322 7.67 -20.97 -3.95
CA ALA B 322 8.56 -20.09 -4.70
C ALA B 322 10.02 -20.31 -4.31
N THR B 323 10.46 -21.58 -4.12
CA THR B 323 11.76 -21.82 -3.47
C THR B 323 12.87 -22.27 -4.40
N GLY B 324 12.57 -22.90 -5.55
CA GLY B 324 13.57 -23.63 -6.31
C GLY B 324 14.07 -24.92 -5.64
N ASN B 325 13.38 -25.37 -4.59
CA ASN B 325 13.77 -26.50 -3.75
C ASN B 325 12.64 -27.55 -3.79
N LYS B 326 12.84 -28.71 -3.19
CA LYS B 326 11.85 -29.77 -3.35
C LYS B 326 11.13 -30.04 -2.04
N ASP B 327 9.94 -30.66 -2.17
CA ASP B 327 9.20 -31.18 -1.02
C ASP B 327 8.84 -30.07 -0.03
N ILE B 328 8.29 -28.99 -0.55
CA ILE B 328 7.87 -27.85 0.26
C ILE B 328 6.44 -28.03 0.78
N ILE B 329 5.55 -28.51 -0.08
CA ILE B 329 4.18 -28.76 0.32
C ILE B 329 3.97 -30.26 0.16
N THR B 330 3.84 -30.96 1.30
CA THR B 330 3.76 -32.43 1.32
C THR B 330 2.32 -32.89 1.33
N ILE B 331 2.13 -34.20 1.11
CA ILE B 331 0.82 -34.83 1.29
C ILE B 331 0.26 -34.58 2.70
N GLU B 332 1.14 -34.59 3.72
CA GLU B 332 0.68 -34.31 5.08
C GLU B 332 0.21 -32.86 5.23
N HIS B 333 0.84 -31.92 4.54
CA HIS B 333 0.33 -30.55 4.56
C HIS B 333 -1.03 -30.46 3.88
N MET B 334 -1.14 -31.07 2.71
CA MET B 334 -2.39 -30.97 1.95
C MET B 334 -3.53 -31.68 2.66
N ARG B 335 -3.24 -32.75 3.41
CA ARG B 335 -4.28 -33.44 4.19
C ARG B 335 -4.90 -32.50 5.22
N ALA B 336 -4.11 -31.56 5.73
CA ALA B 336 -4.55 -30.63 6.78
C ALA B 336 -5.19 -29.34 6.25
N MET B 337 -5.10 -29.06 4.96
CA MET B 337 -5.66 -27.84 4.36
C MET B 337 -7.18 -27.81 4.42
N LYS B 338 -7.74 -26.60 4.42
CA LYS B 338 -9.19 -26.49 4.43
C LYS B 338 -9.75 -26.85 3.04
N ASP B 339 -11.05 -27.10 3.02
CA ASP B 339 -11.69 -27.53 1.78
C ASP B 339 -11.58 -26.44 0.71
N ARG B 340 -11.18 -26.85 -0.51
CA ARG B 340 -10.98 -25.98 -1.67
C ARG B 340 -9.92 -24.88 -1.45
N ALA B 341 -8.97 -25.11 -0.56
CA ALA B 341 -7.72 -24.35 -0.64
C ALA B 341 -7.07 -24.50 -2.03
N ILE B 342 -6.41 -23.45 -2.49
CA ILE B 342 -5.77 -23.40 -3.81
C ILE B 342 -4.29 -23.59 -3.61
N VAL B 343 -3.67 -24.45 -4.43
CA VAL B 343 -2.26 -24.82 -4.29
C VAL B 343 -1.60 -24.63 -5.65
N CYS B 344 -0.45 -23.96 -5.67
CA CYS B 344 0.26 -23.77 -6.93
C CYS B 344 1.75 -23.56 -6.68
N ASN B 345 2.49 -23.58 -7.78
CA ASN B 345 3.95 -23.53 -7.78
C ASN B 345 4.39 -22.49 -8.81
N ILE B 346 5.20 -21.53 -8.39
CA ILE B 346 5.80 -20.60 -9.35
C ILE B 346 7.32 -20.79 -9.46
N GLY B 347 7.88 -21.78 -8.74
CA GLY B 347 9.32 -21.96 -8.75
C GLY B 347 9.85 -22.81 -9.89
N HIS B 348 9.89 -24.12 -9.70
CA HIS B 348 10.53 -24.94 -10.71
C HIS B 348 9.93 -26.35 -10.68
N PHE B 349 10.07 -26.98 -11.83
CA PHE B 349 9.68 -28.35 -12.11
C PHE B 349 8.33 -28.63 -11.48
N ASP B 350 8.14 -29.80 -10.90
CA ASP B 350 6.84 -30.08 -10.30
C ASP B 350 6.99 -30.79 -8.97
N ASN B 351 8.13 -30.56 -8.33
CA ASN B 351 8.45 -31.29 -7.11
C ASN B 351 8.51 -30.38 -5.87
N GLU B 352 8.16 -29.10 -6.00
CA GLU B 352 8.01 -28.24 -4.82
C GLU B 352 6.78 -28.68 -4.02
N ILE B 353 5.73 -29.04 -4.74
CA ILE B 353 4.55 -29.73 -4.21
C ILE B 353 4.74 -31.21 -4.50
N GLN B 354 4.40 -32.06 -3.54
CA GLN B 354 4.42 -33.50 -3.77
C GLN B 354 3.24 -33.95 -4.65
N ILE B 355 3.27 -33.58 -5.92
CA ILE B 355 2.19 -33.95 -6.84
C ILE B 355 2.09 -35.45 -7.00
N ALA B 356 3.23 -36.12 -7.11
CA ALA B 356 3.20 -37.56 -7.36
C ALA B 356 2.51 -38.32 -6.22
N SER B 357 2.59 -37.83 -4.99
CA SER B 357 1.87 -38.52 -3.91
C SER B 357 0.35 -38.32 -4.02
N LEU B 358 -0.12 -37.37 -4.81
CA LEU B 358 -1.56 -37.20 -5.02
C LEU B 358 -2.14 -38.12 -6.07
N ARG B 359 -1.34 -38.93 -6.75
CA ARG B 359 -1.81 -39.51 -8.00
C ARG B 359 -2.84 -40.59 -7.81
N ASN B 360 -3.00 -41.12 -6.60
CA ASN B 360 -4.06 -42.10 -6.47
CA ASN B 360 -3.95 -42.14 -6.19
C ASN B 360 -5.30 -41.57 -5.78
N LEU B 361 -5.38 -40.26 -5.54
CA LEU B 361 -6.63 -39.65 -5.10
C LEU B 361 -7.55 -39.44 -6.29
N LYS B 362 -8.80 -39.09 -6.02
CA LYS B 362 -9.72 -38.77 -7.13
C LYS B 362 -9.41 -37.37 -7.66
N TRP B 363 -8.99 -37.27 -8.92
CA TRP B 363 -8.82 -35.97 -9.55
C TRP B 363 -10.01 -35.71 -10.48
N THR B 364 -10.50 -34.48 -10.51
CA THR B 364 -11.56 -34.07 -11.43
C THR B 364 -11.06 -32.85 -12.20
N ASN B 365 -11.03 -32.94 -13.53
CA ASN B 365 -10.62 -31.78 -14.27
C ASN B 365 -11.72 -30.72 -14.27
N ILE B 366 -11.36 -29.48 -13.98
CA ILE B 366 -12.31 -28.37 -14.09
C ILE B 366 -12.25 -27.74 -15.48
N LYS B 367 -11.03 -27.41 -15.88
CA LYS B 367 -10.75 -26.81 -17.17
C LYS B 367 -9.24 -26.94 -17.35
N PRO B 368 -8.66 -26.55 -18.49
CA PRO B 368 -7.23 -26.80 -18.68
C PRO B 368 -6.42 -26.18 -17.56
N GLN B 369 -5.47 -26.98 -17.02
CA GLN B 369 -4.56 -26.59 -15.95
C GLN B 369 -5.28 -26.28 -14.66
N VAL B 370 -6.51 -26.79 -14.46
CA VAL B 370 -7.21 -26.61 -13.19
C VAL B 370 -7.87 -27.93 -12.83
N ASP B 371 -7.49 -28.51 -11.69
CA ASP B 371 -8.02 -29.81 -11.26
C ASP B 371 -8.42 -29.72 -9.79
N GLU B 372 -9.47 -30.45 -9.44
CA GLU B 372 -9.92 -30.62 -8.06
C GLU B 372 -9.52 -32.03 -7.61
N ILE B 373 -8.75 -32.10 -6.52
CA ILE B 373 -8.31 -33.36 -5.94
C ILE B 373 -9.07 -33.60 -4.64
N GLU B 374 -9.71 -34.77 -4.51
CA GLU B 374 -10.47 -35.06 -3.30
C GLU B 374 -9.79 -36.11 -2.45
N PHE B 375 -9.82 -35.88 -1.08
CA PHE B 375 -9.24 -36.82 -0.14
C PHE B 375 -10.29 -37.77 0.40
N PRO B 376 -9.89 -38.93 0.95
CA PRO B 376 -10.88 -39.84 1.56
C PRO B 376 -11.82 -39.17 2.55
N ASP B 377 -11.37 -38.16 3.30
CA ASP B 377 -12.30 -37.48 4.22
C ASP B 377 -13.19 -36.46 3.53
N LYS B 378 -13.09 -36.34 2.21
CA LYS B 378 -13.94 -35.58 1.31
C LYS B 378 -13.54 -34.12 1.20
N HIS B 379 -12.52 -33.65 1.93
CA HIS B 379 -12.11 -32.31 1.62
C HIS B 379 -11.30 -32.34 0.33
N ARG B 380 -11.25 -31.19 -0.30
CA ARG B 380 -10.74 -31.08 -1.65
C ARG B 380 -9.67 -30.00 -1.66
N ILE B 381 -8.77 -30.08 -2.63
CA ILE B 381 -7.93 -28.94 -2.90
C ILE B 381 -7.99 -28.64 -4.40
N ILE B 382 -7.73 -27.40 -4.74
CA ILE B 382 -7.71 -26.97 -6.14
CA ILE B 382 -7.71 -26.95 -6.13
C ILE B 382 -6.25 -26.86 -6.55
N MET B 383 -5.84 -27.69 -7.51
CA MET B 383 -4.47 -27.70 -7.97
C MET B 383 -4.33 -27.01 -9.33
N LEU B 384 -3.37 -26.08 -9.45
CA LEU B 384 -3.16 -25.32 -10.68
C LEU B 384 -1.95 -25.86 -11.47
N SER B 385 -2.14 -26.06 -12.78
CA SER B 385 -1.10 -26.53 -13.72
C SER B 385 -0.38 -27.79 -13.22
N GLU B 386 -1.11 -28.66 -12.52
CA GLU B 386 -0.51 -29.91 -12.00
C GLU B 386 0.80 -29.65 -11.28
N GLY B 387 0.87 -28.51 -10.59
CA GLY B 387 2.05 -28.18 -9.79
C GLY B 387 3.21 -27.63 -10.58
N ARG B 388 3.02 -27.30 -11.84
CA ARG B 388 4.04 -26.65 -12.67
C ARG B 388 3.78 -25.14 -12.73
N LEU B 389 4.73 -24.39 -13.29
CA LEU B 389 4.67 -22.93 -13.21
C LEU B 389 3.29 -22.33 -13.48
N VAL B 390 2.71 -21.72 -12.44
CA VAL B 390 1.32 -21.29 -12.51
C VAL B 390 1.16 -20.03 -13.39
N ASN B 391 2.13 -19.13 -13.38
CA ASN B 391 1.91 -17.91 -14.14
C ASN B 391 1.94 -18.17 -15.65
N LEU B 392 2.77 -19.11 -16.09
CA LEU B 392 2.78 -19.51 -17.49
C LEU B 392 1.73 -20.54 -17.85
N GLY B 393 1.31 -21.38 -16.88
CA GLY B 393 0.38 -22.49 -17.18
C GLY B 393 -1.04 -21.99 -17.16
N ASN B 394 -1.37 -21.16 -16.14
CA ASN B 394 -2.73 -20.66 -16.03
C ASN B 394 -2.98 -19.28 -16.61
N ALA B 395 -1.94 -18.51 -16.93
CA ALA B 395 -2.22 -17.21 -17.56
C ALA B 395 -1.24 -17.09 -18.70
N MET B 396 -0.54 -15.96 -18.82
CA MET B 396 0.29 -15.74 -20.02
C MET B 396 1.76 -15.50 -19.66
N GLY B 397 2.18 -15.89 -18.44
CA GLY B 397 3.58 -15.58 -18.05
C GLY B 397 3.76 -14.07 -17.79
N HIS B 398 5.02 -13.65 -17.64
CA HIS B 398 5.30 -12.25 -17.35
C HIS B 398 4.86 -11.41 -18.56
N PRO B 399 4.44 -10.17 -18.34
CA PRO B 399 4.16 -9.28 -19.49
C PRO B 399 5.41 -8.93 -20.29
N SER B 400 5.16 -8.44 -21.53
CA SER B 400 6.23 -8.21 -22.51
C SER B 400 7.31 -7.25 -22.03
N PHE B 401 6.94 -6.15 -21.39
CA PHE B 401 7.94 -5.11 -21.05
C PHE B 401 9.06 -5.67 -20.18
N VAL B 402 8.73 -6.41 -19.13
CA VAL B 402 9.81 -6.94 -18.30
C VAL B 402 10.55 -8.07 -19.03
N MET B 403 9.89 -8.84 -19.90
CA MET B 403 10.62 -9.84 -20.67
C MET B 403 11.57 -9.19 -21.66
N SER B 404 11.27 -7.97 -22.09
CA SER B 404 12.22 -7.25 -22.94
C SER B 404 13.58 -7.10 -22.24
N ALA B 405 13.60 -6.85 -20.93
CA ALA B 405 14.90 -6.74 -20.26
C ALA B 405 15.59 -8.10 -20.21
N SER B 406 14.84 -9.15 -19.88
CA SER B 406 15.46 -10.47 -19.75
C SER B 406 16.02 -10.91 -21.08
N PHE B 407 15.26 -10.66 -22.15
CA PHE B 407 15.61 -11.18 -23.46
C PHE B 407 16.64 -10.32 -24.16
N THR B 408 16.72 -9.04 -23.80
CA THR B 408 17.87 -8.26 -24.29
C THR B 408 19.14 -8.83 -23.72
N ASN B 409 19.13 -9.14 -22.41
CA ASN B 409 20.27 -9.81 -21.79
C ASN B 409 20.59 -11.11 -22.51
N GLN B 410 19.57 -11.93 -22.81
CA GLN B 410 19.86 -13.19 -23.51
C GLN B 410 20.50 -12.93 -24.84
N THR B 411 19.99 -11.94 -25.58
CA THR B 411 20.58 -11.65 -26.90
C THR B 411 22.02 -11.21 -26.80
N LEU B 412 22.33 -10.33 -25.85
CA LEU B 412 23.73 -9.89 -25.65
C LEU B 412 24.62 -11.05 -25.24
N ALA B 413 24.06 -12.01 -24.51
CA ALA B 413 24.84 -13.18 -24.12
C ALA B 413 25.14 -14.08 -25.30
N GLN B 414 24.17 -14.29 -26.20
CA GLN B 414 24.45 -15.04 -27.43
C GLN B 414 25.53 -14.35 -28.25
N ILE B 415 25.44 -13.01 -28.36
CA ILE B 415 26.49 -12.24 -29.04
C ILE B 415 27.84 -12.46 -28.37
N GLU B 416 27.90 -12.29 -27.05
CA GLU B 416 29.17 -12.49 -26.36
C GLU B 416 29.80 -13.83 -26.71
N LEU B 417 29.01 -14.91 -26.58
CA LEU B 417 29.58 -16.24 -26.72
C LEU B 417 29.84 -16.60 -28.18
N PHE B 418 28.99 -16.14 -29.08
CA PHE B 418 29.18 -16.59 -30.44
C PHE B 418 30.13 -15.68 -31.20
N ALA B 419 30.02 -14.38 -31.00
CA ALA B 419 30.75 -13.42 -31.81
C ALA B 419 31.91 -12.76 -31.08
N ASN B 420 31.93 -12.74 -29.74
CA ASN B 420 33.03 -12.08 -29.02
C ASN B 420 33.88 -13.06 -28.21
N ASN B 421 34.12 -14.28 -28.73
CA ASN B 421 34.99 -15.20 -28.02
C ASN B 421 36.20 -15.57 -28.88
N LYS B 422 36.66 -14.66 -29.74
CA LYS B 422 37.80 -14.97 -30.62
C LYS B 422 39.06 -15.21 -29.82
N ASP B 423 39.19 -14.56 -28.66
CA ASP B 423 40.37 -14.67 -27.82
C ASP B 423 40.16 -15.66 -26.68
N SER B 424 39.06 -16.41 -26.72
CA SER B 424 38.74 -17.42 -25.71
C SER B 424 38.72 -16.84 -24.30
N LYS B 425 38.30 -15.59 -24.17
CA LYS B 425 37.99 -15.01 -22.87
C LYS B 425 36.96 -15.84 -22.11
N TYR B 426 36.08 -16.59 -22.80
CA TYR B 426 35.11 -17.43 -22.09
C TYR B 426 35.59 -18.87 -22.21
N ALA B 427 36.10 -19.43 -21.11
CA ALA B 427 36.48 -20.84 -21.02
C ALA B 427 35.29 -21.69 -20.57
N LYS B 428 35.50 -22.97 -20.27
CA LYS B 428 34.39 -23.86 -19.89
C LYS B 428 33.95 -23.60 -18.45
N LYS B 429 33.50 -22.37 -18.20
CA LYS B 429 33.16 -21.87 -16.89
C LYS B 429 31.90 -21.04 -17.03
N VAL B 430 31.41 -20.49 -15.93
CA VAL B 430 30.16 -19.75 -15.93
C VAL B 430 30.49 -18.27 -15.71
N TYR B 431 29.97 -17.41 -16.59
CA TYR B 431 30.25 -15.98 -16.56
C TYR B 431 28.97 -15.16 -16.46
N VAL B 432 29.11 -13.89 -16.03
CA VAL B 432 28.00 -12.94 -16.05
C VAL B 432 28.36 -11.78 -16.96
N LEU B 433 27.34 -11.11 -17.51
CA LEU B 433 27.59 -9.95 -18.36
C LEU B 433 28.14 -8.80 -17.51
N PRO B 434 29.02 -7.98 -18.09
CA PRO B 434 29.56 -6.82 -17.36
C PRO B 434 28.49 -5.78 -17.07
N LYS B 435 28.77 -4.98 -16.02
CA LYS B 435 27.81 -3.97 -15.57
C LYS B 435 27.54 -2.93 -16.67
N THR B 436 28.53 -2.62 -17.52
CA THR B 436 28.25 -1.66 -18.61
C THR B 436 27.10 -2.15 -19.49
N LEU B 437 27.03 -3.47 -19.74
CA LEU B 437 25.92 -4.01 -20.53
C LEU B 437 24.63 -4.06 -19.72
N ASP B 438 24.72 -4.38 -18.44
CA ASP B 438 23.56 -4.36 -17.56
C ASP B 438 22.92 -2.96 -17.55
N GLU B 439 23.74 -1.92 -17.37
CA GLU B 439 23.26 -0.53 -17.42
C GLU B 439 22.65 -0.21 -18.76
N LYS B 440 23.30 -0.62 -19.85
CA LYS B 440 22.75 -0.36 -21.20
C LYS B 440 21.36 -0.96 -21.33
N VAL B 441 21.13 -2.13 -20.75
CA VAL B 441 19.82 -2.77 -20.86
C VAL B 441 18.76 -1.87 -20.25
N ALA B 442 19.02 -1.36 -19.06
CA ALA B 442 18.08 -0.49 -18.38
C ALA B 442 17.86 0.78 -19.15
N ARG B 443 18.94 1.37 -19.64
CA ARG B 443 18.84 2.62 -20.38
C ARG B 443 17.91 2.48 -21.60
N LEU B 444 17.98 1.35 -22.30
CA LEU B 444 17.12 1.12 -23.47
C LEU B 444 15.63 1.12 -23.15
N HIS B 445 15.25 0.91 -21.88
CA HIS B 445 13.86 0.83 -21.47
C HIS B 445 13.30 2.13 -20.91
N LEU B 446 14.12 3.17 -20.74
CA LEU B 446 13.65 4.35 -20.02
C LEU B 446 12.67 5.21 -20.84
N ALA B 447 12.94 5.38 -22.13
CA ALA B 447 12.15 6.35 -22.91
C ALA B 447 10.69 5.92 -22.99
N LYS B 448 10.46 4.62 -23.18
CA LYS B 448 9.12 4.11 -23.38
C LYS B 448 8.22 4.39 -22.17
N ILE B 449 8.77 4.38 -20.97
CA ILE B 449 7.96 4.66 -19.78
C ILE B 449 8.14 6.08 -19.27
N GLY B 450 8.75 6.95 -20.05
CA GLY B 450 8.76 8.36 -19.73
C GLY B 450 9.74 8.74 -18.65
N VAL B 451 10.78 7.94 -18.41
CA VAL B 451 11.79 8.29 -17.41
C VAL B 451 12.73 9.33 -18.01
N LYS B 452 13.01 10.41 -17.28
CA LYS B 452 14.02 11.37 -17.67
CA LYS B 452 14.04 11.37 -17.68
C LYS B 452 15.21 11.21 -16.73
N LEU B 453 16.33 10.73 -17.29
CA LEU B 453 17.53 10.52 -16.49
C LEU B 453 18.30 11.84 -16.32
N THR B 454 18.83 12.05 -15.11
CA THR B 454 19.71 13.19 -14.87
C THR B 454 21.12 12.85 -15.35
N GLU B 455 21.82 13.83 -15.92
CA GLU B 455 23.20 13.64 -16.31
C GLU B 455 24.09 14.27 -15.27
N LEU B 456 25.09 13.52 -14.81
CA LEU B 456 26.08 14.11 -13.91
C LEU B 456 26.93 15.16 -14.63
N ARG B 457 27.18 16.29 -13.97
CA ARG B 457 28.22 17.19 -14.43
C ARG B 457 29.58 16.55 -14.10
N LYS B 458 30.65 16.96 -14.81
CA LYS B 458 31.96 16.34 -14.58
C LYS B 458 32.39 16.39 -13.11
N ASP B 459 32.19 17.53 -12.44
CA ASP B 459 32.66 17.60 -11.05
C ASP B 459 31.83 16.71 -10.13
N GLN B 460 30.56 16.47 -10.46
CA GLN B 460 29.74 15.58 -9.65
C GLN B 460 30.17 14.14 -9.86
N ALA B 461 30.49 13.78 -11.10
CA ALA B 461 30.98 12.44 -11.36
C ALA B 461 32.28 12.19 -10.60
N ASP B 462 33.24 13.12 -10.75
CA ASP B 462 34.49 13.00 -10.04
C ASP B 462 34.26 12.89 -8.53
N TYR B 463 33.30 13.65 -8.00
CA TYR B 463 33.03 13.66 -6.56
C TYR B 463 32.66 12.27 -6.06
N ILE B 464 31.83 11.54 -6.79
CA ILE B 464 31.47 10.19 -6.35
C ILE B 464 32.31 9.11 -7.03
N GLY B 465 33.29 9.50 -7.85
CA GLY B 465 34.25 8.53 -8.36
C GLY B 465 33.78 7.68 -9.51
N VAL B 466 32.98 8.23 -10.40
CA VAL B 466 32.46 7.49 -11.54
C VAL B 466 32.72 8.30 -12.80
N LYS B 467 32.64 7.63 -13.93
CA LYS B 467 32.56 8.31 -15.20
C LYS B 467 31.15 8.80 -15.45
N GLN B 468 31.03 9.94 -16.13
CA GLN B 468 29.70 10.45 -16.47
C GLN B 468 28.85 9.40 -17.19
N GLU B 469 29.47 8.55 -18.00
CA GLU B 469 28.75 7.54 -18.77
C GLU B 469 28.59 6.23 -17.99
N GLY B 470 29.00 6.19 -16.72
CA GLY B 470 28.95 4.96 -15.96
C GLY B 470 30.16 4.08 -16.26
N PRO B 471 30.27 2.92 -15.62
CA PRO B 471 29.29 2.39 -14.65
C PRO B 471 29.24 3.23 -13.37
N TYR B 472 28.06 3.23 -12.76
CA TYR B 472 27.80 4.12 -11.64
C TYR B 472 28.00 3.43 -10.30
N LYS B 473 28.09 2.10 -10.27
CA LYS B 473 28.13 1.38 -9.02
C LYS B 473 29.29 0.39 -9.03
N SER B 474 29.77 0.04 -7.83
CA SER B 474 30.80 -1.01 -7.77
C SER B 474 30.21 -2.35 -8.12
N ASP B 475 31.09 -3.32 -8.45
CA ASP B 475 30.56 -4.63 -8.85
C ASP B 475 29.93 -5.37 -7.67
N HIS B 476 30.18 -4.97 -6.42
CA HIS B 476 29.50 -5.61 -5.30
CA HIS B 476 29.51 -5.60 -5.29
C HIS B 476 28.23 -4.89 -4.89
N TYR B 477 27.83 -3.83 -5.61
CA TYR B 477 26.57 -3.17 -5.26
C TYR B 477 25.37 -4.12 -5.44
N ARG B 478 24.41 -4.06 -4.49
CA ARG B 478 23.28 -4.99 -4.50
C ARG B 478 21.97 -4.39 -5.00
N TYR B 479 21.89 -3.08 -5.23
CA TYR B 479 20.68 -2.44 -5.74
C TYR B 479 19.52 -2.72 -4.80
N ALA C 9 0.01 44.92 37.01
CA ALA C 9 1.11 45.88 36.94
C ALA C 9 1.74 46.03 35.55
N LYS C 10 2.53 45.05 35.07
CA LYS C 10 3.16 45.22 33.74
C LYS C 10 2.16 45.10 32.60
N PRO C 11 1.49 43.94 32.37
CA PRO C 11 0.42 43.94 31.36
C PRO C 11 -0.86 44.59 31.87
N GLY C 12 -1.54 45.32 30.98
CA GLY C 12 -2.88 45.81 31.30
C GLY C 12 -3.93 44.71 31.23
N PHE C 13 -3.81 43.82 30.22
CA PHE C 13 -4.71 42.68 30.04
C PHE C 13 -4.12 41.45 30.73
N THR C 14 -4.86 40.85 31.71
CA THR C 14 -4.49 39.54 32.25
C THR C 14 -5.69 38.60 32.44
N ASP C 15 -6.79 38.77 31.70
CA ASP C 15 -7.95 37.89 31.78
C ASP C 15 -7.72 36.65 30.92
N TYR C 16 -6.75 35.84 31.35
CA TYR C 16 -6.39 34.61 30.64
C TYR C 16 -5.49 33.81 31.58
N ILE C 17 -5.31 32.53 31.27
CA ILE C 17 -4.31 31.68 31.96
C ILE C 17 -3.53 30.89 30.91
N VAL C 18 -2.24 31.17 30.77
CA VAL C 18 -1.42 30.41 29.83
C VAL C 18 -0.14 30.02 30.57
N LYS C 19 0.58 29.05 30.02
CA LYS C 19 1.79 28.58 30.69
C LYS C 19 2.90 29.62 30.66
N ASP C 20 3.15 30.21 29.50
CA ASP C 20 4.30 31.09 29.37
C ASP C 20 3.98 32.09 28.26
N ILE C 21 3.58 33.29 28.67
CA ILE C 21 3.20 34.31 27.72
C ILE C 21 4.36 34.66 26.79
N ALA C 22 5.59 34.43 27.20
CA ALA C 22 6.73 34.73 26.35
C ALA C 22 6.83 33.79 25.15
N LEU C 23 6.01 32.74 25.07
CA LEU C 23 5.97 31.89 23.87
C LEU C 23 5.18 32.52 22.70
N ALA C 24 4.64 33.73 22.88
CA ALA C 24 3.69 34.26 21.92
C ALA C 24 4.34 34.49 20.56
N ASP C 25 5.59 34.96 20.53
CA ASP C 25 6.25 35.23 19.24
C ASP C 25 6.42 33.93 18.45
N PHE C 26 6.88 32.88 19.12
CA PHE C 26 6.98 31.58 18.48
C PHE C 26 5.61 31.11 18.00
N GLY C 27 4.58 31.28 18.82
CA GLY C 27 3.24 30.91 18.40
C GLY C 27 2.80 31.64 17.14
N ARG C 28 3.06 32.95 17.08
CA ARG C 28 2.72 33.74 15.91
C ARG C 28 3.43 33.24 14.67
N LYS C 29 4.72 32.86 14.80
CA LYS C 29 5.43 32.29 13.64
C LYS C 29 4.75 31.02 13.11
N GLU C 30 4.39 30.10 14.02
CA GLU C 30 3.72 28.87 13.60
C GLU C 30 2.29 29.13 13.10
N ILE C 31 1.60 30.13 13.65
CA ILE C 31 0.28 30.47 13.11
C ILE C 31 0.40 30.99 11.68
N SER C 32 1.39 31.83 11.42
CA SER C 32 1.56 32.33 10.06
C SER C 32 1.82 31.19 9.09
N LEU C 33 2.61 30.17 9.52
CA LEU C 33 2.85 29.03 8.68
C LEU C 33 1.58 28.21 8.48
N ALA C 34 0.77 28.10 9.54
CA ALA C 34 -0.47 27.31 9.39
C ALA C 34 -1.47 28.02 8.49
N GLU C 35 -1.49 29.36 8.48
CA GLU C 35 -2.45 30.07 7.65
C GLU C 35 -2.28 29.70 6.18
N THR C 36 -1.03 29.59 5.73
CA THR C 36 -0.75 29.15 4.36
C THR C 36 -1.33 27.77 4.08
N GLU C 37 -1.33 26.89 5.09
CA GLU C 37 -1.87 25.54 4.99
C GLU C 37 -3.37 25.46 5.23
N MET C 38 -4.05 26.58 5.54
CA MET C 38 -5.47 26.55 5.85
C MET C 38 -6.26 27.50 4.94
N PRO C 39 -6.23 27.20 3.62
CA PRO C 39 -6.91 28.12 2.66
C PRO C 39 -8.40 28.29 2.91
N GLY C 40 -9.09 27.25 3.41
CA GLY C 40 -10.53 27.39 3.60
C GLY C 40 -10.84 28.42 4.66
N LEU C 41 -10.09 28.40 5.75
CA LEU C 41 -10.32 29.42 6.77
C LEU C 41 -9.96 30.80 6.26
N MET C 42 -8.82 30.91 5.58
CA MET C 42 -8.42 32.23 5.10
C MET C 42 -9.39 32.77 4.06
N ALA C 43 -9.91 31.91 3.17
CA ALA C 43 -10.91 32.35 2.19
C ALA C 43 -12.21 32.75 2.89
N THR C 44 -12.60 32.01 3.94
CA THR C 44 -13.79 32.38 4.70
C THR C 44 -13.67 33.78 5.32
N ARG C 45 -12.48 34.13 5.82
CA ARG C 45 -12.23 35.50 6.30
C ARG C 45 -12.46 36.52 5.21
N GLU C 46 -11.93 36.28 4.02
CA GLU C 46 -12.09 37.28 2.95
C GLU C 46 -13.55 37.43 2.58
N GLU C 47 -14.27 36.31 2.46
CA GLU C 47 -15.64 36.39 1.97
C GLU C 47 -16.56 37.05 2.98
N TYR C 48 -16.41 36.72 4.27
CA TYR C 48 -17.37 37.20 5.26
C TYR C 48 -16.89 38.43 6.02
N GLY C 49 -15.63 38.83 5.84
CA GLY C 49 -15.11 40.08 6.36
C GLY C 49 -16.01 41.27 6.20
N PRO C 50 -16.32 41.67 4.95
CA PRO C 50 -17.07 42.91 4.76
C PRO C 50 -18.39 42.89 5.50
N LYS C 51 -18.97 41.72 5.76
CA LYS C 51 -20.32 41.72 6.27
C LYS C 51 -20.43 41.44 7.77
N GLN C 52 -19.35 41.04 8.43
CA GLN C 52 -19.31 40.92 9.88
C GLN C 52 -20.49 40.11 10.43
N PRO C 53 -20.70 38.91 9.92
CA PRO C 53 -21.89 38.13 10.33
C PRO C 53 -21.87 37.74 11.80
N LEU C 54 -20.71 37.72 12.44
CA LEU C 54 -20.63 37.38 13.85
C LEU C 54 -20.52 38.61 14.74
N LYS C 55 -20.90 39.79 14.26
CA LYS C 55 -20.88 41.00 15.07
C LYS C 55 -21.99 40.82 16.12
N GLY C 56 -21.68 41.00 17.40
CA GLY C 56 -22.61 40.73 18.47
C GLY C 56 -22.58 39.30 19.02
N ALA C 57 -21.84 38.39 18.39
CA ALA C 57 -21.67 37.04 18.92
C ALA C 57 -20.68 37.06 20.07
N ARG C 58 -20.99 36.32 21.13
CA ARG C 58 -20.10 36.10 22.26
C ARG C 58 -19.91 34.60 22.32
N ILE C 59 -18.86 34.12 21.67
CA ILE C 59 -18.63 32.70 21.49
C ILE C 59 -17.78 32.16 22.63
N ALA C 60 -18.33 31.20 23.39
CA ALA C 60 -17.53 30.41 24.32
C ALA C 60 -17.07 29.14 23.60
N GLY C 61 -15.76 28.99 23.43
CA GLY C 61 -15.16 27.88 22.71
C GLY C 61 -14.48 26.90 23.65
N SER C 62 -14.69 25.62 23.41
CA SER C 62 -14.07 24.58 24.24
C SER C 62 -13.50 23.61 23.22
N LEU C 63 -12.25 23.82 22.84
CA LEU C 63 -11.67 23.07 21.75
C LEU C 63 -10.15 23.13 21.88
N HIS C 64 -9.48 21.98 21.70
CA HIS C 64 -8.03 21.83 21.83
C HIS C 64 -7.28 23.10 21.43
N MET C 65 -6.52 23.69 22.36
CA MET C 65 -5.97 25.01 22.11
C MET C 65 -4.63 24.85 21.36
N THR C 66 -4.75 24.51 20.08
CA THR C 66 -3.62 24.24 19.21
C THR C 66 -3.38 25.41 18.27
N ILE C 67 -2.28 25.33 17.51
CA ILE C 67 -2.02 26.30 16.44
C ILE C 67 -3.17 26.34 15.43
N GLN C 68 -3.74 25.17 15.09
CA GLN C 68 -4.84 25.16 14.14
C GLN C 68 -6.05 25.89 14.73
N THR C 69 -6.35 25.65 16.00
CA THR C 69 -7.45 26.33 16.65
C THR C 69 -7.22 27.83 16.75
N ALA C 70 -5.96 28.26 16.93
CA ALA C 70 -5.70 29.70 16.93
C ALA C 70 -6.12 30.35 15.60
N VAL C 71 -5.93 29.65 14.48
CA VAL C 71 -6.38 30.22 13.20
C VAL C 71 -7.91 30.29 13.15
N LEU C 72 -8.58 29.31 13.75
CA LEU C 72 -10.04 29.35 13.82
C LEU C 72 -10.48 30.51 14.69
N ILE C 73 -9.84 30.68 15.85
CA ILE C 73 -10.22 31.79 16.74
C ILE C 73 -10.08 33.12 16.02
N GLU C 74 -8.97 33.30 15.30
CA GLU C 74 -8.78 34.58 14.66
C GLU C 74 -9.69 34.77 13.46
N THR C 75 -10.20 33.67 12.89
CA THR C 75 -11.20 33.78 11.84
C THR C 75 -12.52 34.25 12.42
N LEU C 76 -12.96 33.64 13.52
CA LEU C 76 -14.18 34.11 14.19
C LEU C 76 -14.07 35.57 14.59
N ALA C 77 -12.91 35.98 15.13
CA ALA C 77 -12.75 37.38 15.48
C ALA C 77 -12.79 38.27 14.25
N ALA C 78 -12.16 37.84 13.14
CA ALA C 78 -12.17 38.64 11.91
C ALA C 78 -13.59 38.82 11.36
N LEU C 79 -14.49 37.90 11.70
CA LEU C 79 -15.89 37.98 11.30
C LEU C 79 -16.76 38.74 12.29
N GLY C 80 -16.17 39.27 13.37
CA GLY C 80 -16.85 40.12 14.30
C GLY C 80 -17.04 39.54 15.69
N ALA C 81 -16.63 38.29 15.95
CA ALA C 81 -16.99 37.66 17.23
C ALA C 81 -16.18 38.21 18.39
N ASP C 82 -16.82 38.31 19.55
CA ASP C 82 -16.13 38.40 20.84
C ASP C 82 -16.07 36.98 21.42
N ILE C 83 -14.95 36.65 22.08
CA ILE C 83 -14.55 35.26 22.24
C ILE C 83 -13.96 35.04 23.63
N ARG C 84 -14.24 33.85 24.17
CA ARG C 84 -13.55 33.32 25.36
C ARG C 84 -13.29 31.85 25.09
N TRP C 85 -12.09 31.35 25.43
CA TRP C 85 -11.71 30.02 24.95
C TRP C 85 -11.06 29.16 26.03
N VAL C 86 -11.29 27.85 25.95
CA VAL C 86 -10.55 26.87 26.75
C VAL C 86 -10.24 25.65 25.88
N SER C 87 -9.27 24.85 26.33
CA SER C 87 -9.05 23.57 25.64
C SER C 87 -10.08 22.56 26.13
N CYS C 88 -10.34 21.54 25.29
CA CYS C 88 -11.24 20.47 25.70
C CYS C 88 -10.49 19.22 26.18
N ASN C 89 -9.19 19.33 26.45
CA ASN C 89 -8.40 18.18 26.92
C ASN C 89 -7.19 18.71 27.68
N ILE C 90 -6.81 18.01 28.76
CA ILE C 90 -5.77 18.54 29.65
C ILE C 90 -4.38 18.45 29.05
N TYR C 91 -4.18 17.62 28.01
CA TYR C 91 -2.85 17.48 27.41
C TYR C 91 -2.75 18.02 26.00
N SER C 92 -3.82 18.59 25.47
CA SER C 92 -3.74 18.89 24.05
C SER C 92 -3.32 20.31 23.73
N THR C 93 -3.34 21.24 24.70
CA THR C 93 -2.95 22.60 24.42
C THR C 93 -1.54 22.65 23.85
N GLN C 94 -1.31 23.50 22.85
CA GLN C 94 0.06 23.85 22.46
C GLN C 94 0.38 25.22 23.08
N ASP C 95 1.31 25.26 24.03
CA ASP C 95 1.42 26.45 24.87
C ASP C 95 1.78 27.71 24.07
N HIS C 96 2.51 27.58 22.95
CA HIS C 96 2.80 28.78 22.16
C HIS C 96 1.58 29.28 21.41
N ALA C 97 0.67 28.39 20.99
CA ALA C 97 -0.58 28.86 20.40
C ALA C 97 -1.43 29.56 21.43
N ALA C 98 -1.52 29.00 22.65
CA ALA C 98 -2.29 29.69 23.70
C ALA C 98 -1.68 31.06 24.03
N ALA C 99 -0.33 31.15 24.10
CA ALA C 99 0.30 32.43 24.36
C ALA C 99 -0.01 33.45 23.27
N ALA C 100 -0.02 33.02 22.00
CA ALA C 100 -0.31 33.99 20.93
C ALA C 100 -1.74 34.51 21.02
N ILE C 101 -2.69 33.66 21.37
CA ILE C 101 -4.07 34.12 21.50
C ILE C 101 -4.21 35.07 22.69
N ALA C 102 -3.61 34.71 23.84
CA ALA C 102 -3.63 35.62 24.98
C ALA C 102 -3.00 36.95 24.61
N ALA C 103 -1.87 36.92 23.89
CA ALA C 103 -1.21 38.16 23.51
C ALA C 103 -2.06 38.99 22.55
N ALA C 104 -2.96 38.35 21.78
CA ALA C 104 -3.88 39.07 20.90
C ALA C 104 -5.08 39.64 21.65
N GLY C 105 -5.11 39.52 22.97
CA GLY C 105 -6.16 40.12 23.77
C GLY C 105 -7.43 39.29 23.91
N ILE C 106 -7.37 38.00 23.61
CA ILE C 106 -8.55 37.14 23.69
C ILE C 106 -8.42 36.27 24.95
N PRO C 107 -9.44 36.28 25.84
CA PRO C 107 -9.35 35.42 27.05
C PRO C 107 -9.28 33.93 26.71
N VAL C 108 -8.20 33.28 27.12
CA VAL C 108 -7.97 31.87 26.88
C VAL C 108 -7.45 31.27 28.17
N PHE C 109 -7.90 30.06 28.51
CA PHE C 109 -7.52 29.42 29.79
C PHE C 109 -7.12 27.99 29.40
N ALA C 110 -5.81 27.77 29.18
CA ALA C 110 -5.39 26.55 28.51
C ALA C 110 -3.90 26.36 28.72
N VAL C 111 -3.52 25.24 29.33
CA VAL C 111 -2.13 24.93 29.63
C VAL C 111 -1.95 23.45 29.32
N LYS C 112 -0.86 23.09 28.63
CA LYS C 112 -0.62 21.65 28.44
C LYS C 112 -0.21 21.04 29.77
N GLY C 113 -0.92 20.00 30.19
CA GLY C 113 -0.68 19.34 31.48
C GLY C 113 -1.43 19.93 32.65
N GLU C 114 -2.44 20.75 32.39
CA GLU C 114 -3.29 21.20 33.48
C GLU C 114 -3.93 20.00 34.15
N THR C 115 -4.28 20.16 35.43
CA THR C 115 -4.94 19.07 36.14
C THR C 115 -6.43 19.07 35.84
N LEU C 116 -7.10 17.98 36.23
CA LEU C 116 -8.56 17.91 36.07
C LEU C 116 -9.27 19.00 36.87
N THR C 117 -8.76 19.32 38.06
CA THR C 117 -9.35 20.41 38.83
C THR C 117 -9.30 21.70 38.02
N GLU C 118 -8.13 21.99 37.44
CA GLU C 118 -7.97 23.21 36.67
C GLU C 118 -8.83 23.18 35.41
N TYR C 119 -8.81 22.04 34.72
CA TYR C 119 -9.63 21.87 33.54
C TYR C 119 -11.04 22.38 33.75
N TRP C 120 -11.69 21.93 34.83
CA TRP C 120 -13.09 22.27 35.00
C TRP C 120 -13.25 23.69 35.53
N ASP C 121 -12.32 24.15 36.37
CA ASP C 121 -12.33 25.56 36.77
C ASP C 121 -12.24 26.45 35.53
N TYR C 122 -11.40 26.07 34.56
CA TYR C 122 -11.24 26.90 33.38
C TYR C 122 -12.53 26.91 32.55
N THR C 123 -13.15 25.74 32.39
CA THR C 123 -14.41 25.70 31.64
C THR C 123 -15.42 26.64 32.25
N ALA C 124 -15.53 26.66 33.58
CA ALA C 124 -16.50 27.57 34.17
C ALA C 124 -16.20 29.04 33.80
N LYS C 125 -14.92 29.37 33.56
CA LYS C 125 -14.56 30.76 33.24
C LYS C 125 -15.10 31.21 31.90
N LEU C 126 -15.43 30.27 31.02
CA LEU C 126 -16.07 30.64 29.77
C LEU C 126 -17.29 31.51 30.00
N PHE C 127 -18.02 31.30 31.09
CA PHE C 127 -19.36 31.85 31.19
C PHE C 127 -19.45 33.16 31.95
N ASP C 128 -18.33 33.65 32.52
CA ASP C 128 -18.29 34.98 33.13
C ASP C 128 -17.75 35.90 32.08
N TRP C 129 -18.65 36.46 31.28
CA TRP C 129 -18.18 37.24 30.14
C TRP C 129 -17.49 38.50 30.60
N HIS C 130 -16.36 38.82 29.95
CA HIS C 130 -15.66 40.06 30.28
C HIS C 130 -16.56 41.26 30.04
N GLY C 131 -16.64 42.13 31.04
CA GLY C 131 -17.56 43.24 30.98
C GLY C 131 -18.95 42.95 31.46
N GLY C 132 -19.23 41.76 31.99
CA GLY C 132 -20.59 41.49 32.42
C GLY C 132 -21.34 40.58 31.46
N GLY C 133 -22.20 39.76 32.02
CA GLY C 133 -23.08 38.91 31.24
C GLY C 133 -22.51 37.53 30.95
N THR C 134 -23.10 36.90 29.94
CA THR C 134 -22.85 35.49 29.59
C THR C 134 -22.50 35.42 28.11
N PRO C 135 -22.01 34.27 27.63
CA PRO C 135 -21.89 34.04 26.18
C PRO C 135 -23.26 33.98 25.54
N ASN C 136 -23.29 33.92 24.21
CA ASN C 136 -24.54 33.66 23.50
C ASN C 136 -24.37 32.63 22.39
N MET C 137 -23.20 31.99 22.31
CA MET C 137 -22.88 30.89 21.39
C MET C 137 -21.90 29.97 22.09
N ILE C 138 -21.98 28.69 21.79
CA ILE C 138 -20.95 27.75 22.22
CA ILE C 138 -20.98 27.72 22.24
C ILE C 138 -20.41 27.02 21.01
N LEU C 139 -19.09 26.86 20.98
CA LEU C 139 -18.39 26.05 19.97
C LEU C 139 -17.68 24.96 20.74
N ASP C 140 -18.13 23.70 20.58
CA ASP C 140 -17.76 22.64 21.52
C ASP C 140 -17.10 21.49 20.77
N ASP C 141 -16.21 20.79 21.47
CA ASP C 141 -15.55 19.59 20.97
C ASP C 141 -15.60 18.62 22.14
N GLY C 142 -16.53 17.67 22.06
CA GLY C 142 -16.73 16.67 23.08
C GLY C 142 -17.86 16.96 24.04
N GLY C 143 -18.44 18.16 23.99
CA GLY C 143 -19.63 18.41 24.80
C GLY C 143 -19.39 18.85 26.23
N ASP C 144 -18.17 19.20 26.62
CA ASP C 144 -17.97 19.47 28.05
C ASP C 144 -18.56 20.81 28.46
N ALA C 145 -18.38 21.86 27.63
CA ALA C 145 -19.02 23.14 27.92
C ALA C 145 -20.55 22.99 27.92
N THR C 146 -21.09 22.28 26.92
CA THR C 146 -22.52 22.05 26.83
C THR C 146 -23.01 21.29 28.04
N MET C 147 -22.24 20.30 28.50
CA MET C 147 -22.65 19.51 29.66
C MET C 147 -22.67 20.34 30.96
N LEU C 148 -21.68 21.24 31.17
CA LEU C 148 -21.70 22.12 32.33
C LEU C 148 -23.03 22.88 32.42
N VAL C 149 -23.45 23.49 31.30
CA VAL C 149 -24.69 24.25 31.28
C VAL C 149 -25.87 23.36 31.65
N HIS C 150 -26.00 22.20 30.99
CA HIS C 150 -27.18 21.37 31.21
C HIS C 150 -27.19 20.75 32.59
N ALA C 151 -26.05 20.29 33.10
CA ALA C 151 -26.06 19.73 34.46
C ALA C 151 -26.37 20.81 35.49
N GLY C 152 -25.81 22.01 35.31
CA GLY C 152 -26.07 23.05 36.28
C GLY C 152 -27.52 23.50 36.21
N TYR C 153 -28.09 23.53 35.01
CA TYR C 153 -29.50 23.84 34.85
C TYR C 153 -30.36 22.82 35.58
N ARG C 154 -30.08 21.53 35.35
CA ARG C 154 -30.83 20.45 36.01
C ARG C 154 -30.79 20.61 37.53
N ALA C 155 -29.60 20.84 38.07
CA ALA C 155 -29.43 20.97 39.51
C ALA C 155 -30.14 22.21 40.03
N GLU C 156 -30.10 23.31 39.26
CA GLU C 156 -30.69 24.56 39.70
C GLU C 156 -32.21 24.51 39.63
N GLN C 157 -32.78 23.67 38.78
CA GLN C 157 -34.23 23.44 38.81
C GLN C 157 -34.65 22.48 39.91
N GLY C 158 -33.72 21.97 40.71
CA GLY C 158 -34.04 21.27 41.95
C GLY C 158 -33.59 19.83 42.02
N ASP C 159 -33.08 19.27 40.92
CA ASP C 159 -32.67 17.88 40.92
C ASP C 159 -31.17 17.83 41.16
N THR C 160 -30.80 17.87 42.44
CA THR C 160 -29.42 17.96 42.87
C THR C 160 -28.83 16.62 43.25
N ALA C 161 -29.64 15.57 43.37
CA ALA C 161 -29.12 14.37 44.02
C ALA C 161 -27.97 13.75 43.22
N PHE C 162 -27.91 13.96 41.91
CA PHE C 162 -26.86 13.30 41.12
C PHE C 162 -25.46 13.81 41.46
N LEU C 163 -25.35 15.02 42.02
CA LEU C 163 -24.06 15.59 42.38
C LEU C 163 -23.38 14.87 43.54
N ASP C 164 -24.07 13.94 44.23
CA ASP C 164 -23.45 13.22 45.33
C ASP C 164 -23.16 11.77 45.01
N LYS C 165 -23.36 11.33 43.77
CA LYS C 165 -23.15 9.94 43.39
C LYS C 165 -21.99 9.78 42.43
N PRO C 166 -20.79 10.21 42.78
CA PRO C 166 -19.72 10.24 41.77
C PRO C 166 -19.17 8.84 41.49
N GLY C 167 -18.97 8.58 40.20
CA GLY C 167 -18.49 7.28 39.75
C GLY C 167 -17.02 7.27 39.37
N SER C 168 -16.38 8.44 39.31
CA SER C 168 -14.98 8.54 38.93
C SER C 168 -14.34 9.78 39.53
N GLU C 169 -13.02 9.88 39.34
CA GLU C 169 -12.28 11.04 39.81
C GLU C 169 -12.77 12.32 39.13
N GLU C 170 -12.96 12.26 37.81
CA GLU C 170 -13.35 13.47 37.11
C GLU C 170 -14.81 13.85 37.39
N GLU C 171 -15.68 12.84 37.50
CA GLU C 171 -17.04 13.10 37.97
C GLU C 171 -17.06 13.81 39.32
N GLU C 172 -16.23 13.38 40.28
CA GLU C 172 -16.20 14.04 41.58
C GLU C 172 -15.82 15.51 41.42
N ILE C 173 -14.83 15.78 40.57
CA ILE C 173 -14.39 17.15 40.37
C ILE C 173 -15.49 17.95 39.69
N PHE C 174 -16.13 17.35 38.69
CA PHE C 174 -17.18 18.03 37.96
C PHE C 174 -18.36 18.34 38.87
N TYR C 175 -18.81 17.34 39.64
CA TYR C 175 -19.91 17.57 40.58
C TYR C 175 -19.53 18.59 41.63
N ALA C 176 -18.28 18.57 42.09
CA ALA C 176 -17.82 19.61 43.00
C ALA C 176 -17.92 20.98 42.34
N LEU C 177 -17.56 21.08 41.06
CA LEU C 177 -17.63 22.36 40.35
C LEU C 177 -19.05 22.90 40.34
N VAL C 178 -20.03 22.08 39.92
CA VAL C 178 -21.40 22.57 39.83
C VAL C 178 -21.91 23.01 41.19
N LYS C 179 -21.59 22.24 42.24
CA LYS C 179 -21.95 22.63 43.60
C LYS C 179 -21.38 24.01 43.93
N ARG C 180 -20.11 24.22 43.63
CA ARG C 180 -19.50 25.49 44.01
C ARG C 180 -20.13 26.66 43.25
N LEU C 181 -20.44 26.47 41.97
CA LEU C 181 -21.05 27.54 41.19
C LEU C 181 -22.48 27.83 41.66
N LEU C 182 -23.25 26.79 42.03
CA LEU C 182 -24.56 27.07 42.58
C LEU C 182 -24.47 27.80 43.91
N LYS C 183 -23.35 27.62 44.63
CA LYS C 183 -23.12 28.30 45.91
C LYS C 183 -22.71 29.75 45.71
N GLU C 184 -21.89 30.03 44.69
CA GLU C 184 -21.26 31.35 44.53
C GLU C 184 -21.96 32.30 43.55
N LYS C 185 -22.69 31.79 42.57
CA LYS C 185 -23.18 32.69 41.52
C LYS C 185 -24.60 33.13 41.83
N PRO C 186 -25.07 34.23 41.24
CA PRO C 186 -26.43 34.70 41.54
C PRO C 186 -27.44 33.60 41.25
N LYS C 187 -28.47 33.51 42.10
CA LYS C 187 -29.48 32.48 41.93
C LYS C 187 -30.09 32.61 40.54
N GLY C 188 -30.33 31.46 39.89
CA GLY C 188 -30.81 31.44 38.52
C GLY C 188 -29.76 31.62 37.44
N TRP C 189 -28.47 31.55 37.80
CA TRP C 189 -27.38 31.81 36.86
C TRP C 189 -27.40 30.86 35.69
N PHE C 190 -27.70 29.57 35.92
CA PHE C 190 -27.65 28.62 34.81
C PHE C 190 -28.81 28.83 33.85
N ALA C 191 -30.00 29.18 34.34
CA ALA C 191 -31.10 29.46 33.40
C ALA C 191 -30.83 30.73 32.62
N GLU C 192 -30.13 31.67 33.24
CA GLU C 192 -29.69 32.89 32.57
C GLU C 192 -28.78 32.56 31.39
N ILE C 193 -27.72 31.78 31.65
CA ILE C 193 -26.87 31.28 30.57
C ILE C 193 -27.72 30.55 29.52
N ALA C 194 -28.56 29.59 29.98
CA ALA C 194 -29.37 28.78 29.05
C ALA C 194 -30.20 29.65 28.11
N LYS C 195 -30.95 30.61 28.66
CA LYS C 195 -31.74 31.53 27.84
C LYS C 195 -30.90 32.34 26.85
N ASN C 196 -29.62 32.60 27.17
CA ASN C 196 -28.79 33.48 26.33
C ASN C 196 -28.10 32.75 25.16
N ILE C 197 -27.89 31.44 25.28
CA ILE C 197 -27.15 30.71 24.26
C ILE C 197 -28.05 30.51 23.04
N LYS C 198 -27.59 31.01 21.88
CA LYS C 198 -28.39 30.92 20.65
C LYS C 198 -28.19 29.60 19.93
N GLY C 199 -27.08 28.91 20.19
CA GLY C 199 -26.83 27.62 19.56
C GLY C 199 -25.48 27.09 19.97
N VAL C 200 -25.30 25.77 19.72
CA VAL C 200 -24.01 25.12 19.93
C VAL C 200 -23.64 24.42 18.62
N SER C 201 -22.37 24.52 18.22
CA SER C 201 -21.87 23.68 17.13
C SER C 201 -20.90 22.69 17.75
N GLU C 202 -21.05 21.43 17.40
CA GLU C 202 -20.28 20.37 18.03
C GLU C 202 -19.47 19.58 17.01
N GLU C 203 -18.21 19.34 17.35
CA GLU C 203 -17.18 18.88 16.44
C GLU C 203 -17.06 17.36 16.37
N THR C 204 -17.35 16.64 17.45
CA THR C 204 -16.87 15.26 17.40
C THR C 204 -17.97 14.24 17.66
N THR C 205 -17.68 13.00 17.27
CA THR C 205 -18.68 11.95 17.27
C THR C 205 -19.30 11.77 18.66
N THR C 206 -18.48 11.77 19.71
CA THR C 206 -19.07 11.51 21.01
CA THR C 206 -19.01 11.53 21.05
C THR C 206 -19.88 12.70 21.50
N GLY C 207 -19.44 13.92 21.24
CA GLY C 207 -20.24 15.06 21.66
C GLY C 207 -21.57 15.08 20.95
N VAL C 208 -21.56 14.68 19.68
CA VAL C 208 -22.75 14.68 18.86
C VAL C 208 -23.73 13.65 19.37
N HIS C 209 -23.20 12.49 19.76
CA HIS C 209 -24.04 11.47 20.40
C HIS C 209 -24.70 12.01 21.66
N ARG C 210 -23.92 12.65 22.56
CA ARG C 210 -24.52 13.26 23.75
C ARG C 210 -25.64 14.25 23.38
N LEU C 211 -25.49 14.98 22.27
CA LEU C 211 -26.54 15.92 21.86
C LEU C 211 -27.81 15.20 21.38
N TYR C 212 -27.66 14.20 20.49
CA TYR C 212 -28.86 13.53 19.98
C TYR C 212 -29.62 12.87 21.12
N GLU C 213 -28.89 12.36 22.12
CA GLU C 213 -29.51 11.84 23.33
C GLU C 213 -30.41 12.90 23.97
N MET C 214 -29.81 14.04 24.36
CA MET C 214 -30.56 15.12 24.99
C MET C 214 -31.74 15.57 24.12
N ALA C 215 -31.52 15.67 22.82
CA ALA C 215 -32.58 16.13 21.93
C ALA C 215 -33.75 15.15 21.91
N ASN C 216 -33.45 13.85 21.96
CA ASN C 216 -34.50 12.83 21.95
C ASN C 216 -35.31 12.86 23.24
N LYS C 217 -34.65 13.04 24.40
CA LYS C 217 -35.36 13.19 25.67
C LYS C 217 -36.01 14.55 25.85
N GLY C 218 -35.77 15.49 24.94
CA GLY C 218 -36.35 16.80 25.11
C GLY C 218 -35.65 17.66 26.13
N THR C 219 -34.40 17.34 26.49
CA THR C 219 -33.66 18.11 27.49
C THR C 219 -32.64 19.06 26.88
N LEU C 220 -32.44 19.00 25.57
CA LEU C 220 -31.50 19.91 24.93
C LEU C 220 -32.02 21.36 25.00
N LEU C 221 -31.20 22.28 25.53
CA LEU C 221 -31.68 23.62 25.86
C LEU C 221 -31.62 24.62 24.70
N PHE C 222 -30.91 24.30 23.62
CA PHE C 222 -30.76 25.27 22.52
C PHE C 222 -30.46 24.51 21.21
N PRO C 223 -30.66 25.18 20.06
CA PRO C 223 -30.35 24.51 18.77
C PRO C 223 -28.90 24.06 18.67
N ALA C 224 -28.67 22.99 17.91
CA ALA C 224 -27.32 22.47 17.73
C ALA C 224 -27.04 22.14 16.28
N ILE C 225 -25.80 22.36 15.87
CA ILE C 225 -25.32 21.86 14.58
C ILE C 225 -24.23 20.83 14.82
N ASN C 226 -24.45 19.66 14.24
CA ASN C 226 -23.58 18.49 14.22
C ASN C 226 -22.57 18.72 13.10
N VAL C 227 -21.40 19.27 13.46
CA VAL C 227 -20.35 19.51 12.49
C VAL C 227 -19.62 18.21 12.13
N ASN C 228 -19.62 17.22 13.03
CA ASN C 228 -18.90 15.99 12.74
C ASN C 228 -19.37 15.32 11.45
N ASP C 229 -20.67 15.38 11.19
CA ASP C 229 -21.23 14.61 10.09
C ASP C 229 -21.34 15.42 8.81
N SER C 230 -20.73 16.60 8.74
CA SER C 230 -20.38 17.13 7.43
C SER C 230 -19.49 16.11 6.74
N VAL C 231 -19.71 15.91 5.45
CA VAL C 231 -18.83 15.00 4.71
C VAL C 231 -17.39 15.48 4.81
N THR C 232 -17.20 16.78 4.69
CA THR C 232 -15.84 17.31 4.69
C THR C 232 -15.25 17.42 6.08
N LYS C 233 -15.91 16.84 7.10
CA LYS C 233 -15.29 16.65 8.40
C LYS C 233 -15.10 15.15 8.64
N SER C 234 -16.19 14.41 8.80
CA SER C 234 -16.09 12.98 9.16
C SER C 234 -15.25 12.15 8.16
N LYS C 235 -15.33 12.44 6.86
CA LYS C 235 -14.59 11.64 5.88
C LYS C 235 -13.19 12.18 5.59
N PHE C 236 -12.76 13.22 6.30
CA PHE C 236 -11.46 13.83 6.08
C PHE C 236 -10.67 13.92 7.39
N ASP C 237 -11.08 14.81 8.32
CA ASP C 237 -10.55 14.87 9.68
C ASP C 237 -10.49 13.49 10.35
N ASN C 238 -11.65 12.90 10.60
CA ASN C 238 -11.66 11.66 11.39
C ASN C 238 -10.79 10.60 10.75
N LEU C 239 -10.76 10.55 9.41
CA LEU C 239 -10.05 9.51 8.63
C LEU C 239 -8.59 9.88 8.35
N TYR C 240 -8.37 10.85 7.45
CA TYR C 240 -7.00 11.26 7.08
C TYR C 240 -6.25 11.94 8.23
N GLY C 241 -6.97 12.69 9.06
CA GLY C 241 -6.29 13.33 10.19
C GLY C 241 -5.65 12.30 11.10
N CYS C 242 -6.43 11.26 11.47
CA CYS C 242 -5.84 10.21 12.29
C CYS C 242 -4.82 9.41 11.52
N ARG C 243 -5.01 9.21 10.22
CA ARG C 243 -3.97 8.50 9.47
C ARG C 243 -2.64 9.22 9.55
N GLU C 244 -2.66 10.55 9.67
CA GLU C 244 -1.38 11.23 9.80
C GLU C 244 -0.94 11.35 11.25
N SER C 245 -1.84 11.58 12.19
CA SER C 245 -1.38 11.99 13.53
C SER C 245 -1.31 10.86 14.56
N LEU C 246 -1.90 9.68 14.31
CA LEU C 246 -1.76 8.57 15.29
C LEU C 246 -0.30 8.10 15.37
N VAL C 247 0.27 7.74 14.22
CA VAL C 247 1.64 7.26 14.30
C VAL C 247 2.58 8.37 14.73
N ASP C 248 2.27 9.63 14.40
CA ASP C 248 3.06 10.75 14.92
C ASP C 248 3.09 10.75 16.44
N GLY C 249 1.95 10.55 17.08
CA GLY C 249 1.95 10.51 18.54
C GLY C 249 2.75 9.32 19.08
N ILE C 250 2.60 8.16 18.44
CA ILE C 250 3.30 6.97 18.93
C ILE C 250 4.80 7.12 18.74
N ARG C 251 5.23 7.69 17.60
CA ARG C 251 6.66 7.88 17.38
C ARG C 251 7.25 8.84 18.38
N ARG C 252 6.59 9.99 18.61
CA ARG C 252 7.20 10.98 19.48
C ARG C 252 7.23 10.48 20.92
N GLY C 253 6.23 9.70 21.31
CA GLY C 253 6.22 9.18 22.66
C GLY C 253 7.22 8.07 22.88
N THR C 254 7.46 7.24 21.87
CA THR C 254 8.17 5.98 22.12
C THR C 254 9.37 5.76 21.23
N ASP C 255 9.42 6.40 20.05
CA ASP C 255 10.49 6.17 19.09
C ASP C 255 10.66 4.70 18.73
N VAL C 256 9.59 3.89 18.76
CA VAL C 256 9.77 2.47 18.42
C VAL C 256 9.76 2.29 16.89
N MET C 257 10.47 1.26 16.44
CA MET C 257 10.38 0.80 15.05
C MET C 257 9.01 0.16 14.80
N LEU C 258 8.28 0.65 13.80
CA LEU C 258 6.95 0.09 13.57
C LEU C 258 6.99 -1.12 12.62
N SER C 259 7.88 -1.08 11.62
CA SER C 259 8.15 -2.26 10.80
C SER C 259 8.56 -3.44 11.67
N GLY C 260 7.88 -4.55 11.46
CA GLY C 260 8.11 -5.73 12.25
C GLY C 260 7.17 -5.87 13.43
N LYS C 261 6.43 -4.82 13.82
CA LYS C 261 5.55 -4.98 14.97
CA LYS C 261 5.55 -4.92 14.98
C LYS C 261 4.12 -5.29 14.56
N VAL C 262 3.37 -5.82 15.51
CA VAL C 262 1.94 -6.14 15.39
C VAL C 262 1.16 -5.11 16.19
N ALA C 263 0.15 -4.51 15.57
CA ALA C 263 -0.66 -3.54 16.28
C ALA C 263 -2.10 -3.98 16.25
N MET C 264 -2.83 -3.64 17.31
CA MET C 264 -4.23 -3.99 17.43
C MET C 264 -4.99 -2.68 17.49
N VAL C 265 -5.99 -2.51 16.66
CA VAL C 265 -6.83 -1.30 16.69
C VAL C 265 -8.25 -1.74 17.06
N ALA C 266 -8.79 -1.21 18.17
CA ALA C 266 -10.19 -1.49 18.53
C ALA C 266 -11.11 -0.48 17.86
N GLY C 267 -12.00 -0.96 17.00
CA GLY C 267 -12.88 -0.05 16.29
C GLY C 267 -12.45 0.21 14.86
N PHE C 268 -13.44 0.21 13.95
CA PHE C 268 -13.18 0.40 12.54
C PHE C 268 -14.27 1.29 11.94
N GLY C 269 -14.67 2.33 12.67
CA GLY C 269 -15.41 3.45 12.13
C GLY C 269 -14.43 4.40 11.46
N ASP C 270 -14.76 5.67 11.43
CA ASP C 270 -13.91 6.62 10.71
C ASP C 270 -12.53 6.73 11.34
N VAL C 271 -12.48 6.92 12.66
CA VAL C 271 -11.19 7.04 13.36
C VAL C 271 -10.40 5.71 13.31
N GLY C 272 -11.09 4.58 13.45
CA GLY C 272 -10.38 3.29 13.43
C GLY C 272 -9.82 2.97 12.06
N LYS C 273 -10.59 3.30 11.01
CA LYS C 273 -10.09 3.14 9.64
C LYS C 273 -8.85 3.98 9.42
N GLY C 274 -8.85 5.22 9.90
CA GLY C 274 -7.67 6.08 9.73
C GLY C 274 -6.51 5.62 10.59
N SER C 275 -6.82 5.13 11.79
CA SER C 275 -5.78 4.69 12.70
C SER C 275 -5.13 3.41 12.18
N ALA C 276 -5.94 2.46 11.68
CA ALA C 276 -5.36 1.22 11.16
C ALA C 276 -4.50 1.51 9.94
N ALA C 277 -4.94 2.46 9.11
CA ALA C 277 -4.11 2.88 7.98
C ALA C 277 -2.82 3.55 8.43
N SER C 278 -2.90 4.45 9.40
CA SER C 278 -1.69 5.07 9.95
C SER C 278 -0.65 4.02 10.30
N LEU C 279 -1.09 2.97 11.03
CA LEU C 279 -0.13 1.97 11.50
C LEU C 279 0.34 1.06 10.37
N ARG C 280 -0.59 0.61 9.50
CA ARG C 280 -0.15 -0.23 8.39
CA ARG C 280 -0.20 -0.22 8.36
C ARG C 280 0.79 0.50 7.46
N GLN C 281 0.47 1.75 7.12
CA GLN C 281 1.36 2.53 6.24
C GLN C 281 2.75 2.71 6.84
N ALA C 282 2.85 2.80 8.18
CA ALA C 282 4.13 2.95 8.85
C ALA C 282 4.91 1.65 8.96
N GLY C 283 4.34 0.53 8.56
CA GLY C 283 5.03 -0.74 8.61
C GLY C 283 4.42 -1.80 9.52
N CYS C 284 3.43 -1.48 10.35
CA CYS C 284 2.91 -2.53 11.24
C CYS C 284 2.01 -3.51 10.51
N ARG C 285 1.92 -4.70 11.08
CA ARG C 285 0.89 -5.68 10.72
CA ARG C 285 0.89 -5.66 10.71
C ARG C 285 -0.29 -5.43 11.66
N VAL C 286 -1.43 -5.06 11.11
CA VAL C 286 -2.52 -4.49 11.93
C VAL C 286 -3.65 -5.50 12.08
N MET C 287 -4.12 -5.67 13.30
CA MET C 287 -5.33 -6.44 13.55
C MET C 287 -6.37 -5.47 14.10
N VAL C 288 -7.66 -5.85 13.99
CA VAL C 288 -8.77 -4.96 14.30
C VAL C 288 -9.84 -5.74 15.08
N SER C 289 -10.52 -5.08 16.02
CA SER C 289 -11.73 -5.64 16.62
C SER C 289 -12.90 -4.74 16.26
N GLU C 290 -14.10 -5.33 16.18
CA GLU C 290 -15.31 -4.59 15.84
C GLU C 290 -16.51 -5.33 16.39
N VAL C 291 -17.56 -4.56 16.71
CA VAL C 291 -18.84 -5.14 17.09
C VAL C 291 -19.86 -5.04 15.97
N ASP C 292 -19.60 -4.18 14.98
CA ASP C 292 -20.53 -3.91 13.92
C ASP C 292 -20.13 -4.81 12.75
N PRO C 293 -20.98 -5.74 12.30
CA PRO C 293 -20.53 -6.69 11.26
C PRO C 293 -20.23 -6.05 9.91
N ILE C 294 -20.83 -4.91 9.59
CA ILE C 294 -20.46 -4.18 8.37
C ILE C 294 -19.06 -3.61 8.48
N CYS C 295 -18.78 -2.95 9.61
CA CYS C 295 -17.44 -2.40 9.80
C CYS C 295 -16.41 -3.51 9.85
N ALA C 296 -16.76 -4.63 10.49
CA ALA C 296 -15.83 -5.75 10.53
C ALA C 296 -15.55 -6.29 9.13
N LEU C 297 -16.61 -6.40 8.32
CA LEU C 297 -16.43 -6.87 6.95
C LEU C 297 -15.55 -5.90 6.14
N GLN C 298 -15.73 -4.59 6.35
CA GLN C 298 -14.84 -3.62 5.70
C GLN C 298 -13.39 -3.87 6.08
N ALA C 299 -13.13 -4.10 7.37
CA ALA C 299 -11.75 -4.32 7.82
C ALA C 299 -11.18 -5.56 7.15
N ALA C 300 -11.95 -6.66 7.10
CA ALA C 300 -11.48 -7.88 6.46
C ALA C 300 -11.21 -7.65 4.97
N MET C 301 -12.08 -6.89 4.30
CA MET C 301 -11.85 -6.61 2.87
C MET C 301 -10.63 -5.77 2.63
N GLU C 302 -10.16 -4.98 3.63
CA GLU C 302 -8.94 -4.22 3.52
C GLU C 302 -7.71 -5.03 3.93
N GLY C 303 -7.90 -6.29 4.25
CA GLY C 303 -6.75 -7.11 4.49
C GLY C 303 -6.36 -7.24 5.95
N TYR C 304 -7.12 -6.67 6.88
CA TYR C 304 -6.80 -6.79 8.31
C TYR C 304 -7.40 -8.04 8.91
N GLU C 305 -6.62 -8.75 9.75
CA GLU C 305 -7.19 -9.81 10.56
C GLU C 305 -8.16 -9.21 11.59
N VAL C 306 -9.37 -9.75 11.70
CA VAL C 306 -10.35 -9.23 12.67
C VAL C 306 -10.51 -10.22 13.82
N VAL C 307 -10.14 -9.79 15.06
CA VAL C 307 -9.98 -10.66 16.23
C VAL C 307 -10.57 -9.96 17.45
N THR C 308 -10.74 -10.73 18.52
CA THR C 308 -11.15 -10.13 19.79
C THR C 308 -9.95 -9.53 20.52
N MET C 309 -10.23 -8.67 21.49
CA MET C 309 -9.15 -8.15 22.34
C MET C 309 -8.52 -9.26 23.17
N GLU C 310 -9.28 -10.30 23.54
CA GLU C 310 -8.69 -11.41 24.29
C GLU C 310 -7.65 -12.14 23.45
N ASP C 311 -7.97 -12.38 22.19
CA ASP C 311 -7.02 -12.94 21.25
C ASP C 311 -5.79 -12.04 21.04
N ALA C 312 -6.01 -10.72 20.90
CA ALA C 312 -4.91 -9.80 20.64
C ALA C 312 -4.02 -9.56 21.86
N ALA C 313 -4.54 -9.68 23.08
CA ALA C 313 -3.77 -9.13 24.20
C ALA C 313 -2.42 -9.79 24.39
N PRO C 314 -2.26 -11.12 24.27
CA PRO C 314 -0.93 -11.70 24.51
C PRO C 314 0.05 -11.45 23.38
N ARG C 315 -0.41 -10.95 22.22
CA ARG C 315 0.28 -10.98 20.93
C ARG C 315 0.79 -9.64 20.44
N ALA C 316 -0.04 -8.61 20.46
CA ALA C 316 0.29 -7.34 19.79
C ALA C 316 1.36 -6.57 20.56
N ASP C 317 2.15 -5.77 19.83
CA ASP C 317 3.14 -4.88 20.41
C ASP C 317 2.55 -3.53 20.77
N ILE C 318 1.47 -3.15 20.10
CA ILE C 318 0.90 -1.81 20.16
C ILE C 318 -0.61 -1.95 20.15
N PHE C 319 -1.29 -1.29 21.08
CA PHE C 319 -2.76 -1.32 21.20
C PHE C 319 -3.28 0.10 21.10
N VAL C 320 -4.29 0.34 20.29
CA VAL C 320 -4.91 1.66 20.10
C VAL C 320 -6.41 1.48 20.21
N THR C 321 -7.07 2.20 21.13
CA THR C 321 -8.54 2.17 21.18
C THR C 321 -9.11 3.30 20.34
N ALA C 322 -10.09 2.98 19.53
CA ALA C 322 -10.64 3.97 18.59
C ALA C 322 -12.16 3.88 18.51
N THR C 323 -12.82 3.65 19.64
CA THR C 323 -14.23 3.20 19.62
C THR C 323 -15.20 4.30 20.02
N GLY C 324 -14.79 5.27 20.83
CA GLY C 324 -15.78 6.08 21.51
C GLY C 324 -16.60 5.35 22.59
N ASN C 325 -16.19 4.14 23.02
CA ASN C 325 -16.97 3.33 23.96
C ASN C 325 -16.08 3.08 25.17
N LYS C 326 -16.58 2.38 26.17
CA LYS C 326 -15.87 2.26 27.44
C LYS C 326 -15.39 0.83 27.63
N ASP C 327 -14.36 0.67 28.48
CA ASP C 327 -13.87 -0.66 28.89
C ASP C 327 -13.52 -1.56 27.71
N ILE C 328 -12.76 -0.99 26.78
CA ILE C 328 -12.23 -1.74 25.65
C ILE C 328 -11.00 -2.51 26.06
N ILE C 329 -10.06 -1.87 26.74
CA ILE C 329 -8.87 -2.59 27.20
C ILE C 329 -8.90 -2.60 28.71
N THR C 330 -8.97 -3.80 29.29
CA THR C 330 -9.23 -3.97 30.71
C THR C 330 -7.95 -4.38 31.41
N ILE C 331 -7.99 -4.37 32.73
CA ILE C 331 -6.86 -4.84 33.50
C ILE C 331 -6.55 -6.31 33.16
N GLU C 332 -7.58 -7.11 32.87
CA GLU C 332 -7.37 -8.50 32.45
C GLU C 332 -6.54 -8.58 31.17
N HIS C 333 -6.87 -7.77 30.17
CA HIS C 333 -6.04 -7.68 28.97
C HIS C 333 -4.62 -7.21 29.27
N MET C 334 -4.46 -6.16 30.07
CA MET C 334 -3.12 -5.62 30.29
C MET C 334 -2.24 -6.57 31.08
N ARG C 335 -2.85 -7.35 31.99
CA ARG C 335 -2.13 -8.42 32.70
C ARG C 335 -1.57 -9.46 31.73
N ALA C 336 -2.21 -9.68 30.60
CA ALA C 336 -1.79 -10.66 29.61
C ALA C 336 -0.83 -10.12 28.54
N MET C 337 -0.57 -8.80 28.50
CA MET C 337 0.25 -8.27 27.41
C MET C 337 1.72 -8.60 27.63
N LYS C 338 2.45 -8.58 26.53
CA LYS C 338 3.87 -8.79 26.60
C LYS C 338 4.55 -7.61 27.30
N ASP C 339 5.73 -7.89 27.84
CA ASP C 339 6.50 -6.85 28.49
C ASP C 339 6.79 -5.70 27.50
N ARG C 340 6.48 -4.47 27.96
CA ARG C 340 6.69 -3.21 27.24
C ARG C 340 5.85 -3.08 25.95
N ALA C 341 4.73 -3.77 25.90
CA ALA C 341 3.70 -3.38 24.96
C ALA C 341 3.35 -1.91 25.17
N ILE C 342 2.96 -1.24 24.08
CA ILE C 342 2.50 0.15 24.12
C ILE C 342 0.98 0.18 24.06
N VAL C 343 0.35 0.99 24.91
CA VAL C 343 -1.11 1.14 24.95
C VAL C 343 -1.49 2.62 24.85
N CYS C 344 -2.45 2.95 23.99
CA CYS C 344 -2.88 4.33 23.86
C CYS C 344 -4.32 4.38 23.27
N ASN C 345 -4.91 5.57 23.37
CA ASN C 345 -6.32 5.81 23.06
C ASN C 345 -6.38 7.02 22.16
N ILE C 346 -7.01 6.85 20.98
CA ILE C 346 -7.30 7.97 20.10
C ILE C 346 -8.78 8.33 20.07
N GLY C 347 -9.60 7.67 20.88
CA GLY C 347 -11.04 7.85 20.81
C GLY C 347 -11.53 8.95 21.72
N HIS C 348 -11.82 8.62 22.96
CA HIS C 348 -12.38 9.69 23.77
C HIS C 348 -12.03 9.50 25.22
N PHE C 349 -12.04 10.60 25.91
CA PHE C 349 -12.03 10.59 27.36
C PHE C 349 -10.85 9.73 27.85
N ASP C 350 -11.01 9.06 28.95
CA ASP C 350 -9.89 8.28 29.45
C ASP C 350 -10.38 6.92 29.93
N ASN C 351 -11.54 6.46 29.42
CA ASN C 351 -12.14 5.20 29.91
C ASN C 351 -12.26 4.13 28.83
N GLU C 352 -11.68 4.33 27.63
CA GLU C 352 -11.58 3.22 26.70
C GLU C 352 -10.62 2.17 27.24
N ILE C 353 -9.52 2.64 27.82
CA ILE C 353 -8.58 1.84 28.60
C ILE C 353 -8.94 2.01 30.06
N GLN C 354 -8.87 0.93 30.84
CA GLN C 354 -9.13 1.00 32.28
C GLN C 354 -7.95 1.58 33.05
N ILE C 355 -7.71 2.89 32.83
CA ILE C 355 -6.61 3.59 33.51
C ILE C 355 -6.80 3.53 35.03
N ALA C 356 -8.04 3.72 35.49
CA ALA C 356 -8.29 3.80 36.93
C ALA C 356 -7.90 2.49 37.64
N SER C 357 -8.03 1.36 36.95
CA SER C 357 -7.68 0.08 37.55
CA SER C 357 -7.68 0.08 37.55
C SER C 357 -6.18 -0.12 37.70
N LEU C 358 -5.37 0.71 37.06
CA LEU C 358 -3.90 0.64 37.09
C LEU C 358 -3.30 1.47 38.19
N ARG C 359 -4.11 2.19 38.93
CA ARG C 359 -3.56 3.23 39.76
C ARG C 359 -3.04 2.71 41.07
N ASN C 360 -3.23 1.44 41.38
CA ASN C 360 -2.56 0.86 42.53
C ASN C 360 -1.24 0.20 42.17
N LEU C 361 -0.84 0.26 40.90
CA LEU C 361 0.42 -0.32 40.44
C LEU C 361 1.52 0.74 40.43
N LYS C 362 2.76 0.30 40.27
CA LYS C 362 3.90 1.21 40.26
C LYS C 362 4.00 1.91 38.90
N TRP C 363 3.88 3.24 38.90
CA TRP C 363 4.05 4.03 37.68
C TRP C 363 5.39 4.74 37.72
N THR C 364 6.14 4.68 36.64
CA THR C 364 7.35 5.46 36.51
C THR C 364 7.18 6.40 35.33
N ASN C 365 7.28 7.70 35.59
CA ASN C 365 7.21 8.64 34.46
C ASN C 365 8.50 8.57 33.65
N ILE C 366 8.37 8.46 32.34
CA ILE C 366 9.50 8.52 31.42
C ILE C 366 9.73 9.93 30.94
N LYS C 367 8.66 10.58 30.46
CA LYS C 367 8.72 11.98 30.05
C LYS C 367 7.28 12.47 29.96
N PRO C 368 6.99 13.73 29.62
CA PRO C 368 5.59 14.18 29.61
C PRO C 368 4.75 13.28 28.73
N GLN C 369 3.57 12.87 29.24
CA GLN C 369 2.61 11.98 28.56
C GLN C 369 3.19 10.60 28.20
N VAL C 370 4.25 10.16 28.88
CA VAL C 370 4.77 8.79 28.67
C VAL C 370 5.05 8.19 30.04
N ASP C 371 4.35 7.10 30.41
CA ASP C 371 4.57 6.43 31.68
C ASP C 371 4.78 4.94 31.49
N GLU C 372 5.59 4.36 32.38
CA GLU C 372 5.81 2.92 32.40
C GLU C 372 5.14 2.34 33.64
N ILE C 373 4.33 1.30 33.44
CA ILE C 373 3.50 0.77 34.51
C ILE C 373 3.96 -0.67 34.74
N GLU C 374 4.24 -1.03 35.99
CA GLU C 374 4.79 -2.33 36.32
C GLU C 374 3.76 -3.16 37.09
N PHE C 375 3.58 -4.40 36.66
CA PHE C 375 2.69 -5.37 37.29
C PHE C 375 3.43 -6.20 38.33
N PRO C 376 2.69 -6.86 39.23
CA PRO C 376 3.33 -7.71 40.26
C PRO C 376 4.28 -8.77 39.71
N ASP C 377 4.04 -9.32 38.52
CA ASP C 377 4.95 -10.30 37.94
C ASP C 377 6.09 -9.68 37.14
N LYS C 378 6.31 -8.37 37.25
CA LYS C 378 7.44 -7.62 36.70
C LYS C 378 7.26 -7.24 35.25
N HIS C 379 6.21 -7.70 34.57
CA HIS C 379 6.05 -7.22 33.20
C HIS C 379 5.53 -5.80 33.23
N ARG C 380 5.84 -5.06 32.18
CA ARG C 380 5.60 -3.62 32.12
C ARG C 380 4.73 -3.30 30.92
N ILE C 381 4.00 -2.19 30.99
CA ILE C 381 3.39 -1.64 29.78
C ILE C 381 3.75 -0.16 29.71
N ILE C 382 3.79 0.34 28.50
CA ILE C 382 4.09 1.74 28.27
C ILE C 382 2.76 2.41 27.96
N MET C 383 2.35 3.36 28.80
CA MET C 383 1.08 4.08 28.61
C MET C 383 1.34 5.50 28.07
N LEU C 384 0.61 5.89 27.04
CA LEU C 384 0.75 7.21 26.40
C LEU C 384 -0.40 8.13 26.84
N SER C 385 -0.06 9.38 27.23
CA SER C 385 -1.01 10.43 27.63
C SER C 385 -2.04 9.93 28.68
N GLU C 386 -1.58 9.08 29.61
CA GLU C 386 -2.44 8.52 30.66
C GLU C 386 -3.80 8.07 30.10
N GLY C 387 -3.79 7.53 28.88
CA GLY C 387 -5.02 7.03 28.27
C GLY C 387 -5.90 8.07 27.60
N ARG C 388 -5.44 9.31 27.48
CA ARG C 388 -6.19 10.33 26.78
C ARG C 388 -5.63 10.48 25.36
N LEU C 389 -6.29 11.32 24.55
CA LEU C 389 -6.04 11.35 23.11
C LEU C 389 -4.58 11.43 22.79
N VAL C 390 -4.05 10.38 22.15
CA VAL C 390 -2.62 10.21 21.96
C VAL C 390 -2.10 11.16 20.88
N ASN C 391 -2.88 11.47 19.87
CA ASN C 391 -2.34 12.29 18.80
C ASN C 391 -2.16 13.74 19.26
N LEU C 392 -3.10 14.26 20.04
CA LEU C 392 -2.98 15.60 20.60
C LEU C 392 -2.10 15.65 21.83
N GLY C 393 -2.07 14.54 22.63
CA GLY C 393 -1.29 14.54 23.84
C GLY C 393 0.18 14.32 23.59
N ASN C 394 0.56 13.37 22.72
CA ASN C 394 1.97 13.04 22.50
C ASN C 394 2.58 13.71 21.29
N ALA C 395 1.78 14.25 20.41
CA ALA C 395 2.34 14.99 19.27
C ALA C 395 1.59 16.32 19.12
N MET C 396 1.14 16.66 17.90
CA MET C 396 0.56 17.99 17.69
C MET C 396 -0.86 17.91 17.13
N GLY C 397 -1.51 16.80 17.29
CA GLY C 397 -2.83 16.66 16.70
C GLY C 397 -2.78 16.50 15.17
N HIS C 398 -3.96 16.64 14.54
CA HIS C 398 -4.02 16.60 13.06
C HIS C 398 -3.26 17.79 12.46
N PRO C 399 -2.68 17.64 11.27
CA PRO C 399 -2.05 18.79 10.60
C PRO C 399 -3.05 19.86 10.13
N SER C 400 -2.53 21.07 9.90
CA SER C 400 -3.38 22.22 9.63
C SER C 400 -4.32 22.00 8.45
N PHE C 401 -3.84 21.41 7.34
CA PHE C 401 -4.68 21.38 6.13
C PHE C 401 -6.00 20.66 6.36
N VAL C 402 -5.98 19.53 7.05
CA VAL C 402 -7.28 18.86 7.24
C VAL C 402 -8.12 19.59 8.29
N MET C 403 -7.48 20.25 9.27
CA MET C 403 -8.26 21.03 10.24
C MET C 403 -8.88 22.25 9.60
N SER C 404 -8.26 22.80 8.54
CA SER C 404 -8.91 23.84 7.75
C SER C 404 -10.30 23.40 7.29
N ALA C 405 -10.44 22.14 6.88
CA ALA C 405 -11.75 21.69 6.44
C ALA C 405 -12.72 21.61 7.62
N SER C 406 -12.30 20.97 8.73
CA SER C 406 -13.16 20.94 9.91
C SER C 406 -13.57 22.33 10.36
N PHE C 407 -12.61 23.27 10.40
CA PHE C 407 -12.87 24.55 11.03
C PHE C 407 -13.59 25.52 10.10
N THR C 408 -13.53 25.31 8.78
CA THR C 408 -14.43 26.05 7.88
C THR C 408 -15.88 25.64 8.13
N ASN C 409 -16.11 24.33 8.31
CA ASN C 409 -17.41 23.84 8.76
C ASN C 409 -17.83 24.48 10.07
N GLN C 410 -16.92 24.55 11.05
CA GLN C 410 -17.31 25.15 12.33
C GLN C 410 -17.72 26.58 12.14
N THR C 411 -16.98 27.30 11.30
CA THR C 411 -17.27 28.73 11.14
C THR C 411 -18.61 28.92 10.48
N LEU C 412 -18.90 28.11 9.45
CA LEU C 412 -20.17 28.22 8.76
C LEU C 412 -21.33 27.81 9.68
N ALA C 413 -21.09 26.85 10.59
CA ALA C 413 -22.13 26.47 11.54
C ALA C 413 -22.42 27.59 12.52
N GLN C 414 -21.35 28.31 12.98
CA GLN C 414 -21.56 29.44 13.88
C GLN C 414 -22.33 30.55 13.18
N ILE C 415 -22.00 30.82 11.90
CA ILE C 415 -22.81 31.77 11.13
C ILE C 415 -24.27 31.32 11.02
N GLU C 416 -24.51 30.03 10.75
CA GLU C 416 -25.89 29.55 10.60
C GLU C 416 -26.69 29.83 11.87
N LEU C 417 -26.14 29.47 13.04
CA LEU C 417 -26.92 29.54 14.27
C LEU C 417 -27.04 30.95 14.78
N PHE C 418 -25.99 31.75 14.58
CA PHE C 418 -26.03 33.09 15.13
C PHE C 418 -26.74 34.06 14.20
N ALA C 419 -26.53 33.91 12.90
CA ALA C 419 -26.95 34.92 11.95
C ALA C 419 -28.11 34.48 11.06
N ASN C 420 -28.26 33.19 10.76
CA ASN C 420 -29.25 32.71 9.81
CA ASN C 420 -29.27 32.73 9.80
C ASN C 420 -30.36 31.90 10.49
N ASN C 421 -30.76 32.29 11.70
CA ASN C 421 -31.86 31.58 12.36
C ASN C 421 -32.98 32.54 12.74
N LYS C 422 -33.17 33.61 11.96
CA LYS C 422 -34.14 34.64 12.34
C LYS C 422 -35.58 34.13 12.28
N ASP C 423 -35.78 32.96 11.68
CA ASP C 423 -37.09 32.34 11.47
C ASP C 423 -37.22 31.01 12.23
N SER C 424 -36.29 30.70 13.14
CA SER C 424 -36.27 29.43 13.87
C SER C 424 -36.33 28.23 12.92
N LYS C 425 -35.53 28.29 11.86
CA LYS C 425 -35.33 27.09 11.04
C LYS C 425 -34.57 26.03 11.83
N TYR C 426 -33.82 26.43 12.86
CA TYR C 426 -33.16 25.52 13.77
C TYR C 426 -33.89 25.58 15.10
N ALA C 427 -34.67 24.54 15.42
CA ALA C 427 -35.34 24.44 16.72
C ALA C 427 -34.38 23.80 17.73
N LYS C 428 -34.88 23.33 18.88
CA LYS C 428 -34.00 22.72 19.88
C LYS C 428 -33.77 21.23 19.57
N LYS C 429 -33.12 21.02 18.43
CA LYS C 429 -32.82 19.73 17.87
C LYS C 429 -31.42 19.81 17.27
N VAL C 430 -30.93 18.70 16.73
CA VAL C 430 -29.60 18.62 16.13
C VAL C 430 -29.73 18.62 14.61
N TYR C 431 -28.94 19.46 13.94
CA TYR C 431 -29.00 19.63 12.47
C TYR C 431 -27.62 19.45 11.88
N VAL C 432 -27.56 19.24 10.56
CA VAL C 432 -26.29 19.20 9.84
C VAL C 432 -26.33 20.31 8.80
N LEU C 433 -25.16 20.75 8.36
CA LEU C 433 -25.09 21.76 7.32
C LEU C 433 -25.58 21.22 5.98
N PRO C 434 -26.09 22.07 5.10
CA PRO C 434 -26.57 21.59 3.79
C PRO C 434 -25.42 21.15 2.90
N LYS C 435 -25.72 20.29 1.91
CA LYS C 435 -24.66 19.77 1.04
C LYS C 435 -24.00 20.88 0.20
N THR C 436 -24.73 21.93 -0.15
CA THR C 436 -24.07 22.99 -0.92
C THR C 436 -22.93 23.62 -0.12
N LEU C 437 -23.09 23.74 1.20
CA LEU C 437 -21.99 24.29 2.00
C LEU C 437 -20.88 23.27 2.17
N ASP C 438 -21.23 21.97 2.36
CA ASP C 438 -20.26 20.89 2.40
C ASP C 438 -19.36 20.90 1.15
N GLU C 439 -19.98 21.00 -0.02
CA GLU C 439 -19.23 21.04 -1.29
C GLU C 439 -18.37 22.28 -1.38
N LYS C 440 -18.90 23.42 -0.93
CA LYS C 440 -18.12 24.64 -0.96
C LYS C 440 -16.85 24.52 -0.12
N VAL C 441 -16.95 23.87 1.04
CA VAL C 441 -15.76 23.64 1.87
C VAL C 441 -14.71 22.88 1.08
N ALA C 442 -15.09 21.79 0.42
CA ALA C 442 -14.09 21.05 -0.34
C ALA C 442 -13.50 21.90 -1.44
N ARG C 443 -14.37 22.61 -2.17
CA ARG C 443 -13.90 23.44 -3.27
C ARG C 443 -12.85 24.44 -2.81
N LEU C 444 -12.99 24.98 -1.58
CA LEU C 444 -12.02 25.99 -1.12
C LEU C 444 -10.62 25.42 -0.91
N HIS C 445 -10.46 24.10 -0.86
CA HIS C 445 -9.18 23.48 -0.58
C HIS C 445 -8.48 22.92 -1.82
N LEU C 446 -9.13 22.97 -3.01
CA LEU C 446 -8.59 22.28 -4.18
C LEU C 446 -7.36 22.98 -4.77
N ALA C 447 -7.39 24.31 -4.86
CA ALA C 447 -6.28 25.00 -5.51
C ALA C 447 -4.98 24.77 -4.77
N LYS C 448 -5.00 24.77 -3.42
CA LYS C 448 -3.75 24.69 -2.68
CA LYS C 448 -3.75 24.68 -2.65
C LYS C 448 -3.01 23.39 -2.97
N ILE C 449 -3.73 22.33 -3.29
CA ILE C 449 -3.07 21.06 -3.52
C ILE C 449 -3.05 20.70 -5.00
N GLY C 450 -3.34 21.67 -5.85
CA GLY C 450 -3.16 21.52 -7.28
C GLY C 450 -4.18 20.66 -8.00
N VAL C 451 -5.38 20.45 -7.43
CA VAL C 451 -6.47 19.72 -8.12
C VAL C 451 -7.04 20.58 -9.24
N LYS C 452 -7.21 20.00 -10.42
CA LYS C 452 -7.92 20.67 -11.50
CA LYS C 452 -7.93 20.67 -11.50
C LYS C 452 -9.27 19.97 -11.65
N LEU C 453 -10.35 20.66 -11.32
CA LEU C 453 -11.66 20.05 -11.35
C LEU C 453 -12.22 20.13 -12.77
N THR C 454 -12.87 19.06 -13.21
CA THR C 454 -13.56 19.08 -14.49
C THR C 454 -14.91 19.77 -14.32
N GLU C 455 -15.31 20.54 -15.33
CA GLU C 455 -16.63 21.19 -15.37
C GLU C 455 -17.58 20.37 -16.25
N LEU C 456 -18.78 20.11 -15.74
CA LEU C 456 -19.84 19.48 -16.55
C LEU C 456 -20.30 20.40 -17.66
N ARG C 457 -20.39 19.87 -18.89
CA ARG C 457 -21.22 20.55 -19.87
C ARG C 457 -22.68 20.41 -19.48
N LYS C 458 -23.53 21.31 -20.01
CA LYS C 458 -24.96 21.26 -19.68
C LYS C 458 -25.57 19.90 -20.02
N ASP C 459 -25.29 19.37 -21.23
CA ASP C 459 -25.85 18.06 -21.57
C ASP C 459 -25.37 16.95 -20.63
N GLN C 460 -24.14 17.04 -20.11
CA GLN C 460 -23.67 16.04 -19.14
C GLN C 460 -24.32 16.20 -17.78
N ALA C 461 -24.52 17.44 -17.35
CA ALA C 461 -25.18 17.68 -16.07
C ALA C 461 -26.62 17.18 -16.10
N ASP C 462 -27.35 17.51 -17.18
CA ASP C 462 -28.69 17.00 -17.39
C ASP C 462 -28.73 15.49 -17.43
N TYR C 463 -27.76 14.85 -18.10
CA TYR C 463 -27.76 13.39 -18.23
C TYR C 463 -27.79 12.68 -16.88
N ILE C 464 -27.09 13.22 -15.88
CA ILE C 464 -27.02 12.60 -14.57
C ILE C 464 -27.90 13.32 -13.55
N GLY C 465 -28.63 14.34 -13.97
CA GLY C 465 -29.67 14.92 -13.13
C GLY C 465 -29.17 15.90 -12.10
N VAL C 466 -28.08 16.61 -12.38
CA VAL C 466 -27.55 17.63 -11.46
C VAL C 466 -27.44 18.97 -12.19
N LYS C 467 -27.39 20.03 -11.41
CA LYS C 467 -27.01 21.35 -11.91
C LYS C 467 -25.50 21.42 -12.08
N GLN C 468 -25.02 22.23 -13.05
CA GLN C 468 -23.57 22.33 -13.27
C GLN C 468 -22.83 22.72 -11.98
N GLU C 469 -23.45 23.61 -11.20
CA GLU C 469 -22.84 24.12 -9.96
C GLU C 469 -23.06 23.17 -8.76
N GLY C 470 -23.70 22.04 -8.95
CA GLY C 470 -24.04 21.14 -7.84
C GLY C 470 -25.28 21.56 -7.08
N PRO C 471 -25.64 20.85 -6.01
CA PRO C 471 -24.95 19.66 -5.48
C PRO C 471 -24.99 18.46 -6.43
N TYR C 472 -23.91 17.69 -6.39
CA TYR C 472 -23.68 16.59 -7.32
C TYR C 472 -24.21 15.26 -6.85
N LYS C 473 -24.56 15.13 -5.55
CA LYS C 473 -24.91 13.84 -4.95
C LYS C 473 -26.18 14.00 -4.12
N SER C 474 -26.96 12.91 -4.01
CA SER C 474 -28.14 12.99 -3.17
C SER C 474 -27.73 13.14 -1.71
N ASP C 475 -28.70 13.53 -0.88
CA ASP C 475 -28.38 13.59 0.55
C ASP C 475 -28.11 12.21 1.15
N HIS C 476 -28.53 11.09 0.51
CA HIS C 476 -28.23 9.75 1.01
CA HIS C 476 -28.18 9.79 1.10
C HIS C 476 -26.86 9.23 0.59
N TYR C 477 -26.10 9.98 -0.21
CA TYR C 477 -24.86 9.43 -0.76
C TYR C 477 -23.82 9.30 0.34
N ARG C 478 -23.06 8.23 0.34
CA ARG C 478 -22.16 7.91 1.44
C ARG C 478 -20.70 8.23 1.17
N TYR C 479 -20.33 8.57 -0.08
CA TYR C 479 -18.94 8.85 -0.48
C TYR C 479 -17.96 7.74 -0.11
N GLY D 12 -38.14 -34.61 -20.14
CA GLY D 12 -38.94 -34.06 -21.23
C GLY D 12 -39.02 -32.53 -21.25
N PHE D 13 -38.05 -31.89 -20.62
CA PHE D 13 -38.08 -30.44 -20.41
C PHE D 13 -37.56 -29.69 -21.64
N THR D 14 -38.38 -28.78 -22.17
CA THR D 14 -38.04 -27.99 -23.36
C THR D 14 -38.28 -26.49 -23.21
N ASP D 15 -38.71 -26.02 -22.05
CA ASP D 15 -39.10 -24.62 -21.85
C ASP D 15 -37.86 -23.78 -21.54
N TYR D 16 -36.99 -23.62 -22.55
CA TYR D 16 -35.78 -22.83 -22.36
C TYR D 16 -35.19 -22.44 -23.71
N ILE D 17 -34.33 -21.42 -23.72
CA ILE D 17 -33.54 -21.07 -24.92
C ILE D 17 -32.14 -20.75 -24.43
N VAL D 18 -31.17 -21.57 -24.79
CA VAL D 18 -29.78 -21.32 -24.45
C VAL D 18 -28.96 -21.62 -25.71
N LYS D 19 -27.68 -21.27 -25.64
CA LYS D 19 -26.81 -21.49 -26.80
C LYS D 19 -26.60 -22.99 -27.06
N ASP D 20 -26.32 -23.77 -25.99
CA ASP D 20 -25.82 -25.15 -26.14
C ASP D 20 -25.99 -25.88 -24.80
N ILE D 21 -27.03 -26.71 -24.70
CA ILE D 21 -27.33 -27.43 -23.46
C ILE D 21 -26.18 -28.37 -23.05
N ALA D 22 -25.29 -28.71 -23.98
CA ALA D 22 -24.14 -29.56 -23.69
C ALA D 22 -23.11 -28.90 -22.80
N LEU D 23 -23.19 -27.57 -22.63
CA LEU D 23 -22.28 -26.87 -21.73
C LEU D 23 -22.67 -27.02 -20.27
N ALA D 24 -23.83 -27.63 -19.97
CA ALA D 24 -24.33 -27.73 -18.61
C ALA D 24 -23.33 -28.37 -17.64
N ASP D 25 -22.64 -29.44 -18.05
CA ASP D 25 -21.74 -30.13 -17.12
C ASP D 25 -20.59 -29.24 -16.65
N PHE D 26 -20.00 -28.49 -17.59
CA PHE D 26 -19.00 -27.50 -17.21
C PHE D 26 -19.60 -26.41 -16.34
N GLY D 27 -20.78 -25.92 -16.70
CA GLY D 27 -21.44 -24.93 -15.86
C GLY D 27 -21.69 -25.46 -14.46
N ARG D 28 -22.16 -26.70 -14.35
CA ARG D 28 -22.43 -27.27 -13.02
C ARG D 28 -21.15 -27.39 -12.18
N LYS D 29 -20.02 -27.73 -12.79
CA LYS D 29 -18.78 -27.76 -12.03
C LYS D 29 -18.43 -26.38 -11.51
N GLU D 30 -18.69 -25.34 -12.30
CA GLU D 30 -18.31 -24.00 -11.85
C GLU D 30 -19.28 -23.48 -10.83
N ILE D 31 -20.55 -23.86 -10.94
CA ILE D 31 -21.53 -23.46 -9.93
C ILE D 31 -21.13 -24.04 -8.58
N SER D 32 -20.78 -25.33 -8.55
CA SER D 32 -20.34 -25.95 -7.32
C SER D 32 -19.18 -25.18 -6.69
N LEU D 33 -18.19 -24.81 -7.50
CA LEU D 33 -17.05 -24.04 -7.01
C LEU D 33 -17.48 -22.65 -6.48
N ALA D 34 -18.42 -22.01 -7.17
CA ALA D 34 -18.91 -20.70 -6.69
C ALA D 34 -19.68 -20.82 -5.37
N GLU D 35 -20.42 -21.92 -5.16
CA GLU D 35 -21.19 -22.05 -3.94
C GLU D 35 -20.30 -21.87 -2.72
N THR D 36 -19.12 -22.50 -2.73
CA THR D 36 -18.21 -22.41 -1.60
C THR D 36 -17.81 -20.97 -1.38
N GLU D 37 -17.75 -20.18 -2.44
CA GLU D 37 -17.35 -18.78 -2.37
C GLU D 37 -18.52 -17.83 -2.14
N MET D 38 -19.73 -18.34 -1.97
CA MET D 38 -20.91 -17.51 -1.75
C MET D 38 -21.60 -17.87 -0.43
N PRO D 39 -20.89 -17.68 0.68
CA PRO D 39 -21.42 -18.13 1.98
C PRO D 39 -22.68 -17.38 2.41
N GLY D 40 -22.89 -16.13 1.98
CA GLY D 40 -24.17 -15.47 2.27
C GLY D 40 -25.35 -16.22 1.69
N LEU D 41 -25.25 -16.59 0.41
CA LEU D 41 -26.34 -17.35 -0.20
C LEU D 41 -26.46 -18.76 0.37
N MET D 42 -25.35 -19.47 0.59
CA MET D 42 -25.48 -20.83 1.14
C MET D 42 -26.01 -20.79 2.57
N ALA D 43 -25.60 -19.80 3.37
CA ALA D 43 -26.09 -19.73 4.74
C ALA D 43 -27.56 -19.33 4.76
N THR D 44 -28.01 -18.54 3.78
CA THR D 44 -29.42 -18.22 3.66
C THR D 44 -30.25 -19.47 3.40
N ARG D 45 -29.74 -20.39 2.56
CA ARG D 45 -30.42 -21.67 2.34
C ARG D 45 -30.54 -22.44 3.65
N GLU D 46 -29.46 -22.45 4.44
CA GLU D 46 -29.47 -23.18 5.71
C GLU D 46 -30.51 -22.62 6.65
N GLU D 47 -30.60 -21.29 6.71
CA GLU D 47 -31.44 -20.65 7.71
C GLU D 47 -32.89 -20.68 7.33
N TYR D 48 -33.21 -20.36 6.07
CA TYR D 48 -34.60 -20.26 5.65
C TYR D 48 -35.12 -21.51 4.93
N GLY D 49 -34.24 -22.42 4.52
CA GLY D 49 -34.68 -23.62 3.86
C GLY D 49 -35.76 -24.40 4.58
N PRO D 50 -35.58 -24.68 5.88
CA PRO D 50 -36.64 -25.40 6.61
C PRO D 50 -37.96 -24.64 6.63
N LYS D 51 -37.94 -23.32 6.56
CA LYS D 51 -39.15 -22.54 6.68
C LYS D 51 -39.83 -22.30 5.34
N GLN D 52 -39.13 -22.53 4.24
CA GLN D 52 -39.67 -22.36 2.90
C GLN D 52 -40.44 -21.08 2.71
N PRO D 53 -39.80 -19.91 3.00
CA PRO D 53 -40.55 -18.63 2.91
C PRO D 53 -41.00 -18.28 1.48
N LEU D 54 -40.39 -18.86 0.46
CA LEU D 54 -40.79 -18.51 -0.89
C LEU D 54 -41.71 -19.55 -1.51
N LYS D 55 -42.30 -20.41 -0.71
CA LYS D 55 -43.22 -21.39 -1.24
C LYS D 55 -44.44 -20.67 -1.80
N GLY D 56 -44.81 -20.94 -3.03
CA GLY D 56 -45.87 -20.20 -3.70
C GLY D 56 -45.41 -18.95 -4.44
N ALA D 57 -44.15 -18.58 -4.31
CA ALA D 57 -43.57 -17.50 -5.11
C ALA D 57 -43.35 -18.00 -6.53
N ARG D 58 -43.66 -17.15 -7.49
CA ARG D 58 -43.34 -17.34 -8.93
C ARG D 58 -42.54 -16.10 -9.31
N ILE D 59 -41.21 -16.25 -9.26
CA ILE D 59 -40.29 -15.12 -9.45
C ILE D 59 -39.86 -15.08 -10.90
N ALA D 60 -40.18 -13.97 -11.58
CA ALA D 60 -39.59 -13.65 -12.88
C ALA D 60 -38.31 -12.87 -12.63
N GLY D 61 -37.16 -13.42 -13.00
CA GLY D 61 -35.87 -12.77 -12.80
C GLY D 61 -35.26 -12.27 -14.11
N SER D 62 -34.64 -11.11 -14.05
CA SER D 62 -33.92 -10.51 -15.21
C SER D 62 -32.63 -9.95 -14.62
N LEU D 63 -31.57 -10.77 -14.70
CA LEU D 63 -30.28 -10.44 -14.12
C LEU D 63 -29.20 -11.20 -14.89
N HIS D 64 -28.14 -10.49 -15.33
CA HIS D 64 -26.95 -11.06 -15.96
C HIS D 64 -26.76 -12.54 -15.70
N MET D 65 -26.88 -13.38 -16.73
CA MET D 65 -26.99 -14.84 -16.50
C MET D 65 -25.59 -15.44 -16.44
N THR D 66 -24.95 -15.26 -15.29
CA THR D 66 -23.60 -15.76 -15.01
C THR D 66 -23.66 -16.93 -14.04
N ILE D 67 -22.48 -17.52 -13.82
CA ILE D 67 -22.35 -18.57 -12.81
C ILE D 67 -22.77 -18.06 -11.43
N GLN D 68 -22.41 -16.82 -11.08
CA GLN D 68 -22.83 -16.25 -9.79
C GLN D 68 -24.37 -16.15 -9.69
N THR D 69 -24.99 -15.66 -10.76
CA THR D 69 -26.46 -15.58 -10.80
C THR D 69 -27.12 -16.96 -10.70
N ALA D 70 -26.50 -18.01 -11.27
CA ALA D 70 -27.01 -19.37 -11.07
C ALA D 70 -27.14 -19.73 -9.60
N VAL D 71 -26.18 -19.33 -8.78
CA VAL D 71 -26.25 -19.67 -7.37
C VAL D 71 -27.42 -18.93 -6.71
N LEU D 72 -27.65 -17.69 -7.11
CA LEU D 72 -28.84 -16.97 -6.63
C LEU D 72 -30.12 -17.69 -7.03
N ILE D 73 -30.22 -18.09 -8.30
CA ILE D 73 -31.42 -18.78 -8.77
C ILE D 73 -31.69 -20.04 -7.91
N GLU D 74 -30.65 -20.84 -7.67
CA GLU D 74 -30.87 -22.07 -6.92
C GLU D 74 -31.08 -21.81 -5.42
N THR D 75 -30.66 -20.65 -4.92
CA THR D 75 -31.00 -20.24 -3.55
C THR D 75 -32.48 -19.94 -3.42
N LEU D 76 -33.03 -19.16 -4.36
CA LEU D 76 -34.46 -18.89 -4.35
C LEU D 76 -35.25 -20.19 -4.45
N ALA D 77 -34.82 -21.10 -5.34
CA ALA D 77 -35.51 -22.38 -5.46
C ALA D 77 -35.41 -23.17 -4.16
N ALA D 78 -34.25 -23.12 -3.52
CA ALA D 78 -34.08 -23.82 -2.24
C ALA D 78 -35.03 -23.31 -1.17
N LEU D 79 -35.47 -22.05 -1.28
CA LEU D 79 -36.41 -21.43 -0.35
C LEU D 79 -37.85 -21.66 -0.74
N GLY D 80 -38.10 -22.44 -1.79
CA GLY D 80 -39.44 -22.75 -2.22
C GLY D 80 -39.87 -22.11 -3.53
N ALA D 81 -39.08 -21.24 -4.14
CA ALA D 81 -39.61 -20.45 -5.25
C ALA D 81 -39.68 -21.25 -6.55
N ASP D 82 -40.75 -21.01 -7.30
CA ASP D 82 -40.84 -21.30 -8.72
C ASP D 82 -40.26 -20.10 -9.51
N ILE D 83 -39.59 -20.37 -10.63
CA ILE D 83 -38.70 -19.37 -11.23
C ILE D 83 -38.75 -19.43 -12.76
N ARG D 84 -38.68 -18.26 -13.41
CA ARG D 84 -38.32 -18.16 -14.83
C ARG D 84 -37.30 -17.03 -14.92
N TRP D 85 -36.31 -17.16 -15.82
CA TRP D 85 -35.18 -16.23 -15.79
C TRP D 85 -34.73 -15.81 -17.20
N VAL D 86 -34.18 -14.59 -17.29
CA VAL D 86 -33.56 -14.07 -18.51
C VAL D 86 -32.38 -13.23 -18.06
N SER D 87 -31.46 -12.96 -18.98
CA SER D 87 -30.40 -12.02 -18.64
C SER D 87 -30.96 -10.61 -18.77
N CYS D 88 -30.35 -9.64 -18.07
CA CYS D 88 -30.72 -8.25 -18.23
C CYS D 88 -29.84 -7.53 -19.24
N ASN D 89 -28.95 -8.27 -19.88
CA ASN D 89 -27.96 -7.65 -20.73
C ASN D 89 -27.58 -8.66 -21.80
N ILE D 90 -27.52 -8.22 -23.06
CA ILE D 90 -27.26 -9.18 -24.13
C ILE D 90 -25.82 -9.69 -24.15
N TYR D 91 -24.84 -9.00 -23.53
CA TYR D 91 -23.45 -9.44 -23.65
C TYR D 91 -22.93 -10.23 -22.45
N SER D 92 -23.60 -10.17 -21.30
CA SER D 92 -22.93 -10.67 -20.10
C SER D 92 -23.24 -12.14 -19.81
N THR D 93 -24.21 -12.75 -20.51
CA THR D 93 -24.57 -14.15 -20.29
C THR D 93 -23.37 -15.05 -20.50
N GLN D 94 -23.19 -16.02 -19.59
CA GLN D 94 -22.21 -17.08 -19.73
C GLN D 94 -22.98 -18.32 -20.15
N ASP D 95 -22.66 -18.84 -21.33
CA ASP D 95 -23.56 -19.84 -21.91
C ASP D 95 -23.54 -21.13 -21.09
N HIS D 96 -22.44 -21.43 -20.42
CA HIS D 96 -22.43 -22.65 -19.61
C HIS D 96 -23.25 -22.48 -18.34
N ALA D 97 -23.32 -21.26 -17.79
CA ALA D 97 -24.22 -21.00 -16.67
C ALA D 97 -25.69 -21.15 -17.09
N ALA D 98 -26.05 -20.56 -18.24
CA ALA D 98 -27.41 -20.71 -18.73
C ALA D 98 -27.77 -22.17 -18.94
N ALA D 99 -26.84 -22.95 -19.51
CA ALA D 99 -27.14 -24.34 -19.80
C ALA D 99 -27.34 -25.13 -18.51
N ALA D 100 -26.51 -24.86 -17.50
CA ALA D 100 -26.65 -25.59 -16.24
C ALA D 100 -28.02 -25.34 -15.61
N ILE D 101 -28.55 -24.11 -15.78
CA ILE D 101 -29.85 -23.76 -15.22
C ILE D 101 -30.96 -24.45 -16.00
N ALA D 102 -30.86 -24.45 -17.32
CA ALA D 102 -31.86 -25.15 -18.12
C ALA D 102 -31.83 -26.66 -17.80
N ALA D 103 -30.64 -27.21 -17.57
CA ALA D 103 -30.53 -28.64 -17.29
C ALA D 103 -31.11 -29.02 -15.92
N ALA D 104 -31.19 -28.08 -14.99
CA ALA D 104 -31.84 -28.24 -13.69
C ALA D 104 -33.35 -28.09 -13.78
N GLY D 105 -33.90 -27.83 -14.96
CA GLY D 105 -35.34 -27.82 -15.12
C GLY D 105 -35.98 -26.49 -14.86
N ILE D 106 -35.20 -25.40 -14.92
CA ILE D 106 -35.66 -24.05 -14.64
C ILE D 106 -35.73 -23.30 -15.98
N PRO D 107 -36.88 -22.74 -16.38
CA PRO D 107 -36.96 -22.02 -17.67
C PRO D 107 -36.01 -20.83 -17.69
N VAL D 108 -35.14 -20.79 -18.68
CA VAL D 108 -34.20 -19.69 -18.80
C VAL D 108 -34.06 -19.37 -20.28
N PHE D 109 -34.03 -18.07 -20.61
CA PHE D 109 -33.98 -17.56 -21.99
C PHE D 109 -32.85 -16.53 -22.05
N ALA D 110 -31.69 -17.01 -22.46
CA ALA D 110 -30.49 -16.19 -22.35
C ALA D 110 -29.37 -16.80 -23.17
N VAL D 111 -28.90 -16.05 -24.16
CA VAL D 111 -27.83 -16.52 -25.05
C VAL D 111 -26.84 -15.37 -25.15
N LYS D 112 -25.55 -15.66 -24.95
CA LYS D 112 -24.56 -14.59 -25.10
C LYS D 112 -24.56 -14.09 -26.54
N GLY D 113 -24.76 -12.79 -26.71
CA GLY D 113 -24.77 -12.19 -28.02
C GLY D 113 -26.10 -12.19 -28.72
N GLU D 114 -27.21 -12.46 -28.03
CA GLU D 114 -28.54 -12.42 -28.65
C GLU D 114 -28.82 -11.03 -29.20
N THR D 115 -29.74 -10.95 -30.19
CA THR D 115 -30.11 -9.65 -30.74
C THR D 115 -30.97 -8.87 -29.75
N LEU D 116 -31.12 -7.56 -29.99
CA LEU D 116 -32.06 -6.76 -29.19
C LEU D 116 -33.47 -7.28 -29.29
N THR D 117 -33.85 -7.78 -30.48
CA THR D 117 -35.19 -8.34 -30.65
C THR D 117 -35.38 -9.56 -29.76
N GLU D 118 -34.38 -10.46 -29.77
CA GLU D 118 -34.46 -11.64 -28.91
C GLU D 118 -34.46 -11.24 -27.45
N TYR D 119 -33.59 -10.28 -27.09
CA TYR D 119 -33.58 -9.80 -25.71
C TYR D 119 -34.98 -9.47 -25.23
N TRP D 120 -35.71 -8.69 -26.03
CA TRP D 120 -37.04 -8.26 -25.59
C TRP D 120 -38.08 -9.40 -25.65
N ASP D 121 -38.01 -10.29 -26.67
CA ASP D 121 -38.97 -11.42 -26.67
C ASP D 121 -38.73 -12.35 -25.49
N TYR D 122 -37.47 -12.62 -25.15
CA TYR D 122 -37.18 -13.45 -23.97
C TYR D 122 -37.73 -12.79 -22.70
N THR D 123 -37.55 -11.47 -22.55
CA THR D 123 -38.13 -10.78 -21.39
C THR D 123 -39.63 -11.05 -21.32
N ALA D 124 -40.32 -10.98 -22.46
CA ALA D 124 -41.76 -11.24 -22.43
C ALA D 124 -42.08 -12.65 -21.97
N LYS D 125 -41.19 -13.63 -22.28
CA LYS D 125 -41.48 -15.01 -21.90
C LYS D 125 -41.44 -15.23 -20.39
N LEU D 126 -40.83 -14.31 -19.64
CA LEU D 126 -40.93 -14.38 -18.18
C LEU D 126 -42.38 -14.46 -17.73
N PHE D 127 -43.29 -13.86 -18.48
CA PHE D 127 -44.66 -13.70 -18.02
C PHE D 127 -45.62 -14.81 -18.48
N ASP D 128 -45.20 -15.71 -19.38
CA ASP D 128 -46.00 -16.89 -19.74
C ASP D 128 -45.61 -17.99 -18.76
N TRP D 129 -46.25 -18.00 -17.60
CA TRP D 129 -45.81 -18.91 -16.57
C TRP D 129 -46.10 -20.35 -16.97
N HIS D 130 -45.18 -21.25 -16.62
CA HIS D 130 -45.44 -22.64 -16.91
C HIS D 130 -46.63 -23.13 -16.07
N GLY D 131 -47.53 -23.88 -16.70
CA GLY D 131 -48.82 -24.21 -16.12
C GLY D 131 -49.92 -23.18 -16.34
N GLY D 132 -49.59 -22.00 -16.89
CA GLY D 132 -50.54 -20.92 -17.08
C GLY D 132 -50.44 -19.91 -15.94
N GLY D 133 -51.11 -18.75 -16.14
CA GLY D 133 -51.03 -17.67 -15.17
C GLY D 133 -49.77 -16.85 -15.32
N THR D 134 -49.46 -16.04 -14.30
CA THR D 134 -48.41 -15.05 -14.40
C THR D 134 -47.42 -15.23 -13.25
N PRO D 135 -46.32 -14.47 -13.28
CA PRO D 135 -45.46 -14.40 -12.08
C PRO D 135 -46.20 -13.75 -10.92
N ASN D 136 -45.66 -13.83 -9.70
CA ASN D 136 -46.16 -12.97 -8.65
C ASN D 136 -45.07 -12.16 -7.98
N MET D 137 -43.86 -12.20 -8.52
CA MET D 137 -42.69 -11.52 -7.98
C MET D 137 -41.81 -11.19 -9.18
N ILE D 138 -41.17 -10.01 -9.13
CA ILE D 138 -40.14 -9.67 -10.10
C ILE D 138 -38.85 -9.38 -9.37
N LEU D 139 -37.76 -9.94 -9.89
CA LEU D 139 -36.42 -9.61 -9.45
C LEU D 139 -35.76 -8.98 -10.67
N ASP D 140 -35.58 -7.66 -10.64
CA ASP D 140 -35.25 -6.88 -11.82
C ASP D 140 -33.89 -6.24 -11.61
N ASP D 141 -33.12 -6.08 -12.68
CA ASP D 141 -31.80 -5.46 -12.58
C ASP D 141 -31.65 -4.53 -13.77
N GLY D 142 -32.12 -3.29 -13.61
CA GLY D 142 -32.16 -2.28 -14.69
C GLY D 142 -33.56 -1.85 -15.08
N GLY D 143 -34.58 -2.57 -14.63
CA GLY D 143 -35.95 -2.13 -14.75
C GLY D 143 -36.67 -2.52 -16.03
N ASP D 144 -36.08 -3.36 -16.86
CA ASP D 144 -36.70 -3.65 -18.16
C ASP D 144 -37.99 -4.46 -18.00
N ALA D 145 -37.97 -5.49 -17.15
CA ALA D 145 -39.17 -6.29 -16.93
C ALA D 145 -40.30 -5.47 -16.32
N THR D 146 -39.97 -4.67 -15.31
CA THR D 146 -40.95 -3.74 -14.74
C THR D 146 -41.49 -2.76 -15.76
N MET D 147 -40.60 -2.23 -16.62
CA MET D 147 -41.05 -1.30 -17.65
C MET D 147 -42.00 -1.97 -18.63
N LEU D 148 -41.74 -3.22 -19.01
CA LEU D 148 -42.66 -3.95 -19.89
C LEU D 148 -44.06 -4.02 -19.29
N VAL D 149 -44.16 -4.40 -18.01
CA VAL D 149 -45.49 -4.48 -17.40
C VAL D 149 -46.18 -3.11 -17.41
N HIS D 150 -45.45 -2.05 -17.03
CA HIS D 150 -46.08 -0.75 -16.85
C HIS D 150 -46.45 -0.12 -18.19
N ALA D 151 -45.62 -0.32 -19.23
CA ALA D 151 -45.97 0.23 -20.54
C ALA D 151 -47.16 -0.51 -21.12
N GLY D 152 -47.17 -1.84 -20.98
CA GLY D 152 -48.29 -2.60 -21.51
C GLY D 152 -49.57 -2.28 -20.76
N TYR D 153 -49.47 -2.07 -19.44
CA TYR D 153 -50.64 -1.68 -18.66
C TYR D 153 -51.19 -0.35 -19.16
N ARG D 154 -50.29 0.61 -19.36
CA ARG D 154 -50.68 1.94 -19.82
C ARG D 154 -51.37 1.87 -21.18
N ALA D 155 -50.76 1.14 -22.13
CA ALA D 155 -51.39 0.94 -23.43
C ALA D 155 -52.73 0.27 -23.29
N GLU D 156 -52.78 -0.83 -22.53
CA GLU D 156 -54.01 -1.60 -22.40
C GLU D 156 -55.14 -0.78 -21.79
N GLN D 157 -54.81 0.23 -20.97
CA GLN D 157 -55.87 1.09 -20.47
C GLN D 157 -56.35 2.10 -21.51
N GLY D 158 -55.73 2.13 -22.67
CA GLY D 158 -56.22 2.97 -23.76
C GLY D 158 -55.30 4.11 -24.10
N ASP D 159 -54.17 4.25 -23.42
CA ASP D 159 -53.24 5.33 -23.74
C ASP D 159 -52.14 4.72 -24.61
N THR D 160 -52.42 4.65 -25.92
CA THR D 160 -51.57 3.94 -26.87
C THR D 160 -50.72 4.88 -27.73
N ALA D 161 -50.95 6.19 -27.64
CA ALA D 161 -50.33 7.14 -28.57
C ALA D 161 -48.81 7.02 -28.56
N PHE D 162 -48.22 6.71 -27.39
CA PHE D 162 -46.78 6.63 -27.28
C PHE D 162 -46.18 5.48 -28.09
N LEU D 163 -46.95 4.42 -28.38
CA LEU D 163 -46.39 3.24 -29.07
C LEU D 163 -45.95 3.58 -30.50
N ASP D 164 -46.59 4.54 -31.11
CA ASP D 164 -46.10 5.13 -32.34
C ASP D 164 -45.34 6.37 -31.94
N LYS D 165 -44.62 6.95 -32.88
CA LYS D 165 -43.66 7.99 -32.46
C LYS D 165 -42.60 7.47 -31.47
N PRO D 166 -41.75 6.50 -31.85
CA PRO D 166 -40.53 6.24 -31.09
C PRO D 166 -39.34 7.09 -31.56
N GLY D 167 -38.27 7.00 -30.78
CA GLY D 167 -36.99 7.60 -31.11
C GLY D 167 -36.07 6.56 -31.72
N SER D 168 -35.40 5.79 -30.87
CA SER D 168 -34.31 4.90 -31.21
C SER D 168 -34.83 3.54 -31.71
N GLU D 169 -33.89 2.73 -32.21
CA GLU D 169 -34.26 1.40 -32.67
C GLU D 169 -34.69 0.49 -31.52
N GLU D 170 -34.05 0.60 -30.36
CA GLU D 170 -34.47 -0.21 -29.21
C GLU D 170 -35.91 0.14 -28.84
N GLU D 171 -36.26 1.42 -28.90
CA GLU D 171 -37.63 1.82 -28.62
C GLU D 171 -38.60 1.27 -29.67
N GLU D 172 -38.17 1.23 -30.94
CA GLU D 172 -39.04 0.66 -31.96
C GLU D 172 -39.29 -0.83 -31.68
N ILE D 173 -38.25 -1.58 -31.30
CA ILE D 173 -38.38 -2.99 -30.92
C ILE D 173 -39.32 -3.13 -29.71
N PHE D 174 -39.10 -2.33 -28.66
CA PHE D 174 -39.92 -2.40 -27.45
C PHE D 174 -41.38 -2.10 -27.76
N TYR D 175 -41.65 -1.01 -28.48
CA TYR D 175 -43.04 -0.68 -28.75
C TYR D 175 -43.71 -1.75 -29.62
N ALA D 176 -42.98 -2.34 -30.58
CA ALA D 176 -43.61 -3.38 -31.39
C ALA D 176 -43.90 -4.62 -30.55
N LEU D 177 -43.04 -4.87 -29.55
CA LEU D 177 -43.29 -5.97 -28.63
C LEU D 177 -44.57 -5.74 -27.85
N VAL D 178 -44.75 -4.51 -27.36
CA VAL D 178 -46.00 -4.21 -26.66
C VAL D 178 -47.20 -4.37 -27.59
N LYS D 179 -47.09 -3.89 -28.84
CA LYS D 179 -48.18 -4.07 -29.78
C LYS D 179 -48.48 -5.54 -30.01
N ARG D 180 -47.42 -6.35 -30.15
CA ARG D 180 -47.62 -7.79 -30.40
C ARG D 180 -48.29 -8.48 -29.21
N LEU D 181 -47.85 -8.18 -27.98
CA LEU D 181 -48.50 -8.76 -26.81
C LEU D 181 -49.95 -8.33 -26.70
N LEU D 182 -50.28 -7.10 -27.08
CA LEU D 182 -51.67 -6.69 -27.00
C LEU D 182 -52.54 -7.50 -27.95
N LYS D 183 -51.97 -8.11 -29.00
CA LYS D 183 -52.75 -8.96 -29.90
C LYS D 183 -52.69 -10.45 -29.55
N GLU D 184 -51.55 -10.95 -29.11
CA GLU D 184 -51.36 -12.38 -28.96
C GLU D 184 -51.69 -12.89 -27.57
N LYS D 185 -51.88 -11.97 -26.58
CA LYS D 185 -52.21 -12.30 -25.19
C LYS D 185 -53.65 -11.85 -24.89
N PRO D 186 -54.36 -12.56 -23.94
CA PRO D 186 -55.78 -12.21 -23.66
C PRO D 186 -56.00 -10.72 -23.38
N LYS D 187 -57.23 -10.25 -23.62
CA LYS D 187 -57.59 -8.90 -23.17
C LYS D 187 -57.40 -8.80 -21.66
N GLY D 188 -56.74 -7.74 -21.22
CA GLY D 188 -56.52 -7.58 -19.81
C GLY D 188 -55.28 -8.26 -19.27
N TRP D 189 -54.48 -8.87 -20.15
CA TRP D 189 -53.26 -9.56 -19.73
C TRP D 189 -52.34 -8.69 -18.87
N PHE D 190 -52.04 -7.46 -19.31
CA PHE D 190 -51.13 -6.65 -18.49
C PHE D 190 -51.74 -6.33 -17.13
N ALA D 191 -53.07 -6.08 -17.08
CA ALA D 191 -53.68 -5.80 -15.78
C ALA D 191 -53.71 -7.04 -14.90
N GLU D 192 -53.83 -8.21 -15.52
CA GLU D 192 -53.75 -9.47 -14.78
C GLU D 192 -52.38 -9.61 -14.12
N ILE D 193 -51.32 -9.42 -14.89
CA ILE D 193 -49.96 -9.47 -14.36
C ILE D 193 -49.80 -8.47 -13.21
N ALA D 194 -50.20 -7.21 -13.45
CA ALA D 194 -50.04 -6.14 -12.45
C ALA D 194 -50.69 -6.49 -11.12
N LYS D 195 -51.91 -7.01 -11.17
CA LYS D 195 -52.61 -7.35 -9.94
C LYS D 195 -51.97 -8.50 -9.19
N ASN D 196 -51.25 -9.39 -9.88
CA ASN D 196 -50.65 -10.56 -9.25
C ASN D 196 -49.25 -10.30 -8.72
N ILE D 197 -48.51 -9.32 -9.24
CA ILE D 197 -47.17 -9.06 -8.75
C ILE D 197 -47.27 -8.48 -7.34
N LYS D 198 -46.69 -9.19 -6.38
CA LYS D 198 -46.69 -8.77 -4.99
C LYS D 198 -45.53 -7.85 -4.69
N GLY D 199 -44.52 -7.83 -5.56
CA GLY D 199 -43.41 -6.95 -5.35
C GLY D 199 -42.34 -7.12 -6.41
N VAL D 200 -41.54 -6.07 -6.53
CA VAL D 200 -40.32 -6.03 -7.35
C VAL D 200 -39.16 -5.58 -6.47
N SER D 201 -38.00 -6.21 -6.62
CA SER D 201 -36.77 -5.70 -6.05
C SER D 201 -35.83 -5.31 -7.17
N GLU D 202 -35.09 -4.23 -6.96
CA GLU D 202 -34.29 -3.63 -8.02
C GLU D 202 -33.04 -3.03 -7.40
N GLU D 203 -31.89 -3.24 -8.04
CA GLU D 203 -30.62 -2.79 -7.48
C GLU D 203 -29.87 -1.77 -8.32
N THR D 204 -30.31 -1.43 -9.53
CA THR D 204 -29.53 -0.49 -10.32
C THR D 204 -30.02 0.94 -10.10
N THR D 205 -29.13 1.88 -10.37
CA THR D 205 -29.48 3.29 -10.23
C THR D 205 -30.63 3.67 -11.14
N THR D 206 -30.48 3.42 -12.44
CA THR D 206 -31.53 3.80 -13.38
C THR D 206 -32.84 3.08 -13.08
N GLY D 207 -32.78 1.79 -12.70
CA GLY D 207 -34.03 1.09 -12.36
C GLY D 207 -34.73 1.72 -11.17
N VAL D 208 -33.96 2.06 -10.13
CA VAL D 208 -34.56 2.66 -8.96
C VAL D 208 -35.08 4.08 -9.27
N HIS D 209 -34.33 4.88 -10.05
CA HIS D 209 -34.85 6.17 -10.50
CA HIS D 209 -34.85 6.17 -10.50
C HIS D 209 -36.21 6.02 -11.17
N ARG D 210 -36.33 5.03 -12.06
CA ARG D 210 -37.65 4.80 -12.69
C ARG D 210 -38.73 4.46 -11.65
N LEU D 211 -38.39 3.68 -10.62
CA LEU D 211 -39.42 3.29 -9.64
C LEU D 211 -39.88 4.49 -8.82
N TYR D 212 -38.94 5.32 -8.33
CA TYR D 212 -39.35 6.49 -7.56
C TYR D 212 -40.17 7.44 -8.42
N GLU D 213 -39.73 7.65 -9.67
CA GLU D 213 -40.48 8.45 -10.64
C GLU D 213 -41.92 7.97 -10.79
N MET D 214 -42.14 6.65 -10.90
CA MET D 214 -43.51 6.17 -10.99
C MET D 214 -44.26 6.25 -9.68
N ALA D 215 -43.57 6.07 -8.55
CA ALA D 215 -44.25 6.19 -7.27
C ALA D 215 -44.68 7.62 -7.02
N ASN D 216 -43.80 8.60 -7.34
CA ASN D 216 -44.16 10.01 -7.17
C ASN D 216 -45.32 10.40 -8.07
N LYS D 217 -45.50 9.71 -9.19
CA LYS D 217 -46.56 10.03 -10.13
C LYS D 217 -47.81 9.21 -9.90
N GLY D 218 -47.83 8.34 -8.89
CA GLY D 218 -48.97 7.50 -8.61
C GLY D 218 -49.16 6.31 -9.55
N THR D 219 -48.22 6.06 -10.46
CA THR D 219 -48.36 5.05 -11.52
C THR D 219 -47.67 3.73 -11.19
N LEU D 220 -46.85 3.69 -10.14
CA LEU D 220 -46.25 2.43 -9.73
C LEU D 220 -47.35 1.41 -9.38
N LEU D 221 -47.24 0.20 -9.90
CA LEU D 221 -48.35 -0.73 -9.84
C LEU D 221 -48.27 -1.71 -8.67
N PHE D 222 -47.14 -1.79 -7.98
CA PHE D 222 -46.96 -2.74 -6.89
C PHE D 222 -45.76 -2.30 -6.05
N PRO D 223 -45.64 -2.82 -4.82
CA PRO D 223 -44.52 -2.43 -3.94
C PRO D 223 -43.17 -2.73 -4.54
N ALA D 224 -42.18 -1.89 -4.19
CA ALA D 224 -40.82 -2.04 -4.66
C ALA D 224 -39.84 -1.90 -3.50
N ILE D 225 -38.77 -2.70 -3.52
CA ILE D 225 -37.65 -2.50 -2.61
C ILE D 225 -36.46 -2.07 -3.43
N ASN D 226 -35.91 -0.93 -3.05
CA ASN D 226 -34.69 -0.39 -3.63
C ASN D 226 -33.50 -1.03 -2.92
N VAL D 227 -32.84 -1.98 -3.59
CA VAL D 227 -31.66 -2.66 -3.05
C VAL D 227 -30.42 -1.83 -3.33
N ASN D 228 -30.55 -0.81 -4.18
CA ASN D 228 -29.44 0.08 -4.47
C ASN D 228 -29.00 0.81 -3.20
N ASP D 229 -29.93 1.07 -2.28
CA ASP D 229 -29.64 1.81 -1.04
C ASP D 229 -28.81 1.02 -0.03
N SER D 230 -28.75 -0.30 -0.16
CA SER D 230 -28.07 -1.14 0.81
CA SER D 230 -28.07 -1.12 0.83
C SER D 230 -26.57 -0.82 0.89
N VAL D 231 -26.05 -0.74 2.11
CA VAL D 231 -24.62 -0.49 2.26
C VAL D 231 -23.80 -1.65 1.70
N THR D 232 -24.14 -2.88 2.14
CA THR D 232 -23.41 -4.06 1.71
C THR D 232 -23.55 -4.30 0.22
N LYS D 233 -24.73 -4.06 -0.37
CA LYS D 233 -24.80 -4.15 -1.83
C LYS D 233 -23.94 -3.06 -2.48
N SER D 234 -24.04 -1.82 -2.00
CA SER D 234 -23.35 -0.71 -2.68
C SER D 234 -21.83 -0.86 -2.60
N LYS D 235 -21.26 -1.17 -1.43
CA LYS D 235 -19.79 -1.30 -1.37
C LYS D 235 -19.25 -2.50 -2.17
N PHE D 236 -19.98 -3.62 -2.25
CA PHE D 236 -19.41 -4.73 -2.97
C PHE D 236 -19.65 -4.63 -4.45
N ASP D 237 -20.90 -4.37 -4.84
CA ASP D 237 -21.20 -4.34 -6.26
C ASP D 237 -20.44 -3.22 -6.97
N ASN D 238 -20.13 -2.12 -6.26
CA ASN D 238 -19.49 -0.96 -6.89
C ASN D 238 -18.00 -0.91 -6.58
N LEU D 239 -17.62 -0.86 -5.30
CA LEU D 239 -16.22 -0.60 -4.95
C LEU D 239 -15.35 -1.87 -5.04
N TYR D 240 -15.65 -2.87 -4.20
CA TYR D 240 -14.75 -4.04 -4.11
C TYR D 240 -14.80 -4.89 -5.38
N GLY D 241 -15.97 -5.05 -5.99
CA GLY D 241 -16.07 -5.80 -7.24
C GLY D 241 -15.21 -5.21 -8.34
N CYS D 242 -15.31 -3.89 -8.55
CA CYS D 242 -14.46 -3.26 -9.57
C CYS D 242 -12.96 -3.31 -9.19
N ARG D 243 -12.64 -3.21 -7.90
CA ARG D 243 -11.24 -3.30 -7.48
C ARG D 243 -10.68 -4.68 -7.83
N GLU D 244 -11.51 -5.72 -7.72
CA GLU D 244 -11.12 -7.07 -8.10
C GLU D 244 -11.08 -7.26 -9.61
N SER D 245 -12.02 -6.70 -10.35
CA SER D 245 -12.18 -7.19 -11.74
C SER D 245 -11.72 -6.20 -12.83
N LEU D 246 -11.41 -4.95 -12.51
CA LEU D 246 -10.97 -4.03 -13.57
C LEU D 246 -9.63 -4.47 -14.15
N VAL D 247 -8.61 -4.62 -13.29
CA VAL D 247 -7.32 -4.99 -13.80
C VAL D 247 -7.37 -6.37 -14.43
N ASP D 248 -8.21 -7.28 -13.91
CA ASP D 248 -8.41 -8.59 -14.54
C ASP D 248 -8.84 -8.44 -16.01
N GLY D 249 -9.83 -7.59 -16.26
CA GLY D 249 -10.27 -7.40 -17.64
C GLY D 249 -9.17 -6.79 -18.51
N ILE D 250 -8.41 -5.87 -17.95
CA ILE D 250 -7.35 -5.25 -18.73
C ILE D 250 -6.25 -6.26 -19.07
N ARG D 251 -5.83 -7.05 -18.09
CA ARG D 251 -4.79 -8.05 -18.36
C ARG D 251 -5.26 -9.07 -19.38
N ARG D 252 -6.46 -9.60 -19.22
CA ARG D 252 -6.87 -10.64 -20.15
C ARG D 252 -6.98 -10.09 -21.55
N GLY D 253 -7.41 -8.83 -21.66
CA GLY D 253 -7.56 -8.22 -22.98
C GLY D 253 -6.23 -7.90 -23.66
N THR D 254 -5.20 -7.50 -22.90
CA THR D 254 -3.97 -6.88 -23.43
C THR D 254 -2.66 -7.49 -22.93
N ASP D 255 -2.63 -8.15 -21.77
CA ASP D 255 -1.39 -8.70 -21.21
C ASP D 255 -0.29 -7.64 -21.10
N VAL D 256 -0.65 -6.40 -20.88
CA VAL D 256 0.38 -5.36 -20.78
C VAL D 256 0.94 -5.29 -19.34
N MET D 257 2.21 -4.87 -19.21
CA MET D 257 2.83 -4.63 -17.89
C MET D 257 2.25 -3.35 -17.30
N LEU D 258 1.69 -3.44 -16.08
CA LEU D 258 1.12 -2.24 -15.49
C LEU D 258 2.15 -1.40 -14.72
N SER D 259 3.13 -2.05 -14.10
CA SER D 259 4.21 -1.31 -13.44
C SER D 259 4.95 -0.50 -14.47
N GLY D 260 5.13 0.78 -14.22
CA GLY D 260 5.75 1.63 -15.18
C GLY D 260 4.77 2.43 -16.02
N LYS D 261 3.49 2.07 -16.02
CA LYS D 261 2.52 2.81 -16.82
C LYS D 261 1.76 3.85 -16.01
N VAL D 262 1.16 4.80 -16.75
CA VAL D 262 0.33 5.86 -16.21
C VAL D 262 -1.10 5.57 -16.64
N ALA D 263 -2.02 5.55 -15.68
CA ALA D 263 -3.43 5.32 -16.00
C ALA D 263 -4.25 6.55 -15.60
N MET D 264 -5.33 6.79 -16.35
CA MET D 264 -6.30 7.83 -16.07
C MET D 264 -7.65 7.18 -15.81
N VAL D 265 -8.24 7.48 -14.65
CA VAL D 265 -9.59 7.03 -14.30
C VAL D 265 -10.50 8.26 -14.25
N ALA D 266 -11.58 8.28 -15.07
CA ALA D 266 -12.54 9.36 -15.00
C ALA D 266 -13.62 8.97 -13.99
N GLY D 267 -13.79 9.79 -12.95
CA GLY D 267 -14.76 9.50 -11.91
C GLY D 267 -14.09 8.98 -10.62
N PHE D 268 -14.51 9.48 -9.45
CA PHE D 268 -14.02 8.97 -8.17
C PHE D 268 -15.20 8.79 -7.23
N GLY D 269 -16.31 8.27 -7.76
CA GLY D 269 -17.36 7.68 -6.98
C GLY D 269 -16.94 6.28 -6.60
N ASP D 270 -17.92 5.42 -6.30
CA ASP D 270 -17.53 4.08 -5.78
C ASP D 270 -16.80 3.26 -6.83
N VAL D 271 -17.30 3.24 -8.06
CA VAL D 271 -16.62 2.45 -9.11
C VAL D 271 -15.25 3.06 -9.43
N GLY D 272 -15.17 4.38 -9.51
CA GLY D 272 -13.88 5.00 -9.73
C GLY D 272 -12.89 4.77 -8.61
N LYS D 273 -13.35 4.86 -7.36
CA LYS D 273 -12.49 4.54 -6.23
C LYS D 273 -11.94 3.13 -6.36
N GLY D 274 -12.80 2.18 -6.69
CA GLY D 274 -12.35 0.78 -6.79
C GLY D 274 -11.41 0.58 -7.97
N SER D 275 -11.70 1.27 -9.08
CA SER D 275 -10.89 1.16 -10.30
C SER D 275 -9.50 1.76 -10.10
N ALA D 276 -9.44 2.96 -9.52
CA ALA D 276 -8.12 3.59 -9.30
C ALA D 276 -7.28 2.73 -8.38
N ALA D 277 -7.92 2.19 -7.33
CA ALA D 277 -7.21 1.28 -6.43
C ALA D 277 -6.77 0.03 -7.17
N SER D 278 -7.66 -0.54 -8.02
CA SER D 278 -7.31 -1.73 -8.80
C SER D 278 -6.01 -1.50 -9.54
N LEU D 279 -5.92 -0.37 -10.25
CA LEU D 279 -4.77 -0.04 -11.09
C LEU D 279 -3.54 0.35 -10.26
N ARG D 280 -3.72 1.14 -9.20
CA ARG D 280 -2.58 1.53 -8.37
CA ARG D 280 -2.55 1.52 -8.42
C ARG D 280 -1.92 0.31 -7.75
N GLN D 281 -2.76 -0.59 -7.18
CA GLN D 281 -2.27 -1.79 -6.51
C GLN D 281 -1.52 -2.68 -7.48
N ALA D 282 -1.94 -2.70 -8.75
CA ALA D 282 -1.27 -3.49 -9.79
C ALA D 282 -0.02 -2.81 -10.35
N GLY D 283 0.32 -1.62 -9.89
CA GLY D 283 1.59 -1.00 -10.22
C GLY D 283 1.50 0.29 -11.02
N CYS D 284 0.31 0.70 -11.50
CA CYS D 284 0.26 1.92 -12.29
C CYS D 284 0.34 3.15 -11.42
N ARG D 285 0.80 4.22 -12.03
CA ARG D 285 0.67 5.55 -11.45
CA ARG D 285 0.68 5.56 -11.45
C ARG D 285 -0.63 6.15 -11.97
N VAL D 286 -1.56 6.45 -11.06
CA VAL D 286 -2.96 6.71 -11.45
C VAL D 286 -3.29 8.20 -11.29
N MET D 287 -3.89 8.75 -12.33
CA MET D 287 -4.48 10.07 -12.35
C MET D 287 -5.99 9.91 -12.44
N VAL D 288 -6.71 10.91 -11.95
CA VAL D 288 -8.17 10.87 -11.80
C VAL D 288 -8.77 12.19 -12.31
N SER D 289 -9.98 12.14 -12.89
CA SER D 289 -10.78 13.34 -13.09
C SER D 289 -12.06 13.26 -12.28
N GLU D 290 -12.59 14.44 -11.91
CA GLU D 290 -13.82 14.53 -11.14
C GLU D 290 -14.44 15.87 -11.43
N VAL D 291 -15.77 15.90 -11.33
CA VAL D 291 -16.55 17.15 -11.33
C VAL D 291 -17.03 17.53 -9.94
N ASP D 292 -16.98 16.60 -8.96
CA ASP D 292 -17.52 16.81 -7.64
C ASP D 292 -16.35 17.19 -6.72
N PRO D 293 -16.34 18.39 -6.14
CA PRO D 293 -15.15 18.81 -5.35
C PRO D 293 -14.89 17.92 -4.15
N ILE D 294 -15.93 17.31 -3.53
CA ILE D 294 -15.68 16.43 -2.40
C ILE D 294 -14.98 15.18 -2.88
N CYS D 295 -15.45 14.59 -3.97
CA CYS D 295 -14.80 13.39 -4.52
C CYS D 295 -13.41 13.73 -5.04
N ALA D 296 -13.24 14.91 -5.65
CA ALA D 296 -11.90 15.31 -6.09
C ALA D 296 -10.94 15.42 -4.91
N LEU D 297 -11.40 16.02 -3.81
CA LEU D 297 -10.55 16.14 -2.61
C LEU D 297 -10.22 14.78 -2.01
N GLN D 298 -11.18 13.85 -1.97
CA GLN D 298 -10.86 12.48 -1.59
C GLN D 298 -9.72 11.94 -2.44
N ALA D 299 -9.84 12.07 -3.76
CA ALA D 299 -8.82 11.50 -4.64
C ALA D 299 -7.45 12.11 -4.35
N ALA D 300 -7.39 13.44 -4.22
CA ALA D 300 -6.13 14.13 -3.88
C ALA D 300 -5.56 13.63 -2.57
N MET D 301 -6.39 13.50 -1.54
N MET D 301 -6.39 13.49 -1.54
CA MET D 301 -5.92 13.00 -0.24
CA MET D 301 -5.89 13.01 -0.24
C MET D 301 -5.44 11.57 -0.30
C MET D 301 -5.47 11.55 -0.27
N GLU D 302 -5.92 10.78 -1.27
CA GLU D 302 -5.39 9.44 -1.42
C GLU D 302 -4.16 9.40 -2.30
N GLY D 303 -3.69 10.54 -2.78
CA GLY D 303 -2.40 10.57 -3.41
C GLY D 303 -2.48 10.49 -4.92
N TYR D 304 -3.68 10.62 -5.48
CA TYR D 304 -3.83 10.67 -6.92
C TYR D 304 -3.73 12.12 -7.40
N GLU D 305 -3.05 12.30 -8.53
CA GLU D 305 -3.08 13.56 -9.26
C GLU D 305 -4.45 13.76 -9.91
N VAL D 306 -5.13 14.89 -9.67
CA VAL D 306 -6.47 15.09 -10.26
C VAL D 306 -6.35 16.12 -11.40
N VAL D 307 -6.69 15.70 -12.62
CA VAL D 307 -6.41 16.44 -13.84
C VAL D 307 -7.65 16.37 -14.71
N THR D 308 -7.68 17.18 -15.78
CA THR D 308 -8.73 17.02 -16.80
C THR D 308 -8.37 15.93 -17.81
N MET D 309 -9.41 15.43 -18.52
CA MET D 309 -9.15 14.48 -19.60
C MET D 309 -8.30 15.11 -20.69
N GLU D 310 -8.40 16.42 -20.88
CA GLU D 310 -7.56 17.06 -21.89
C GLU D 310 -6.08 17.01 -21.49
N ASP D 311 -5.79 17.20 -20.20
CA ASP D 311 -4.44 17.07 -19.66
C ASP D 311 -3.94 15.63 -19.78
N ALA D 312 -4.81 14.64 -19.48
CA ALA D 312 -4.39 13.24 -19.47
C ALA D 312 -4.20 12.65 -20.87
N ALA D 313 -4.95 13.14 -21.85
CA ALA D 313 -5.05 12.48 -23.15
C ALA D 313 -3.71 12.25 -23.82
N PRO D 314 -2.75 13.17 -23.80
CA PRO D 314 -1.48 12.87 -24.50
C PRO D 314 -0.51 12.08 -23.65
N ARG D 315 -0.80 11.87 -22.37
CA ARG D 315 0.15 11.35 -21.39
C ARG D 315 -0.11 9.91 -20.97
N ALA D 316 -1.37 9.56 -20.72
CA ALA D 316 -1.64 8.29 -20.09
C ALA D 316 -1.47 7.11 -21.08
N ASP D 317 -1.11 5.96 -20.54
CA ASP D 317 -1.02 4.68 -21.24
C ASP D 317 -2.35 3.94 -21.26
N ILE D 318 -3.20 4.19 -20.29
CA ILE D 318 -4.43 3.42 -20.11
C ILE D 318 -5.48 4.41 -19.66
N PHE D 319 -6.69 4.30 -20.22
CA PHE D 319 -7.82 5.17 -19.91
C PHE D 319 -8.99 4.31 -19.49
N VAL D 320 -9.61 4.63 -18.34
CA VAL D 320 -10.78 3.92 -17.85
C VAL D 320 -11.87 4.93 -17.52
N THR D 321 -13.06 4.77 -18.08
CA THR D 321 -14.16 5.68 -17.78
C THR D 321 -14.99 5.03 -16.67
N ALA D 322 -15.28 5.80 -15.61
CA ALA D 322 -16.01 5.24 -14.47
C ALA D 322 -17.02 6.25 -13.94
N THR D 323 -17.67 7.02 -14.82
CA THR D 323 -18.48 8.15 -14.33
C THR D 323 -19.98 7.87 -14.24
N GLY D 324 -20.51 6.94 -15.04
CA GLY D 324 -21.96 6.86 -15.22
C GLY D 324 -22.51 7.97 -16.09
N ASN D 325 -21.66 8.80 -16.71
CA ASN D 325 -22.07 9.95 -17.51
C ASN D 325 -21.74 9.67 -19.00
N LYS D 326 -21.89 10.65 -19.87
CA LYS D 326 -21.64 10.41 -21.29
C LYS D 326 -20.56 11.34 -21.82
N ASP D 327 -19.99 10.96 -22.97
CA ASP D 327 -19.02 11.82 -23.68
C ASP D 327 -17.86 12.22 -22.77
N ILE D 328 -17.30 11.21 -22.09
CA ILE D 328 -16.15 11.39 -21.20
C ILE D 328 -14.87 11.36 -22.01
N ILE D 329 -14.70 10.35 -22.86
CA ILE D 329 -13.54 10.29 -23.76
C ILE D 329 -14.06 10.51 -25.19
N THR D 330 -13.59 11.58 -25.82
CA THR D 330 -14.11 11.99 -27.12
C THR D 330 -13.10 11.73 -28.21
N ILE D 331 -13.56 11.91 -29.44
CA ILE D 331 -12.66 11.81 -30.59
C ILE D 331 -11.48 12.76 -30.44
N GLU D 332 -11.69 13.96 -29.89
CA GLU D 332 -10.55 14.87 -29.68
C GLU D 332 -9.53 14.29 -28.72
N HIS D 333 -10.01 13.58 -27.69
CA HIS D 333 -9.05 12.99 -26.76
C HIS D 333 -8.29 11.87 -27.45
N MET D 334 -9.02 10.99 -28.15
CA MET D 334 -8.37 9.82 -28.76
C MET D 334 -7.40 10.23 -29.87
N ARG D 335 -7.67 11.36 -30.57
CA ARG D 335 -6.72 11.85 -31.56
C ARG D 335 -5.39 12.25 -30.93
N ALA D 336 -5.43 12.71 -29.69
CA ALA D 336 -4.25 13.16 -28.98
C ALA D 336 -3.51 12.04 -28.22
N MET D 337 -4.06 10.83 -28.10
CA MET D 337 -3.44 9.78 -27.28
C MET D 337 -2.19 9.22 -27.92
N LYS D 338 -1.28 8.67 -27.11
CA LYS D 338 -0.09 8.07 -27.71
C LYS D 338 -0.45 6.80 -28.46
N ASP D 339 0.41 6.42 -29.42
CA ASP D 339 0.18 5.19 -30.18
C ASP D 339 0.05 3.99 -29.23
N ARG D 340 -1.02 3.21 -29.43
CA ARG D 340 -1.34 1.98 -28.69
C ARG D 340 -1.67 2.22 -27.22
N ALA D 341 -2.12 3.42 -26.85
CA ALA D 341 -2.84 3.62 -25.59
C ALA D 341 -4.04 2.68 -25.54
N ILE D 342 -4.38 2.26 -24.32
CA ILE D 342 -5.52 1.36 -24.09
C ILE D 342 -6.69 2.17 -23.54
N VAL D 343 -7.88 1.95 -24.08
CA VAL D 343 -9.08 2.68 -23.69
C VAL D 343 -10.14 1.65 -23.28
N CYS D 344 -10.82 1.88 -22.15
CA CYS D 344 -11.89 0.98 -21.78
C CYS D 344 -12.85 1.69 -20.84
N ASN D 345 -13.93 0.98 -20.48
CA ASN D 345 -15.05 1.57 -19.76
C ASN D 345 -15.50 0.56 -18.72
N ILE D 346 -15.72 1.01 -17.48
CA ILE D 346 -16.20 0.12 -16.40
C ILE D 346 -17.41 0.79 -15.80
N GLY D 347 -17.86 1.89 -16.41
CA GLY D 347 -18.91 2.65 -15.78
C GLY D 347 -20.27 2.33 -16.33
N HIS D 348 -20.93 3.28 -16.97
CA HIS D 348 -22.21 2.92 -17.54
C HIS D 348 -22.04 1.99 -18.74
N PHE D 349 -23.11 1.26 -19.08
CA PHE D 349 -23.00 0.18 -20.06
C PHE D 349 -22.47 0.69 -21.41
N ASP D 350 -22.77 1.92 -21.81
CA ASP D 350 -22.17 2.48 -23.03
CA ASP D 350 -22.29 2.48 -23.08
C ASP D 350 -22.20 4.01 -22.95
N ASN D 351 -21.76 4.65 -24.03
CA ASN D 351 -21.74 6.11 -24.23
C ASN D 351 -20.79 6.93 -23.35
N GLU D 352 -20.00 6.31 -22.46
CA GLU D 352 -18.93 7.05 -21.78
C GLU D 352 -17.81 7.40 -22.76
N ILE D 353 -17.49 6.48 -23.67
CA ILE D 353 -16.53 6.69 -24.75
C ILE D 353 -17.32 6.93 -26.05
N GLN D 354 -16.88 7.92 -26.86
CA GLN D 354 -17.49 8.19 -28.16
C GLN D 354 -17.14 7.17 -29.24
N ILE D 355 -17.64 5.95 -29.08
CA ILE D 355 -17.35 4.85 -30.01
C ILE D 355 -17.85 5.17 -31.39
N ALA D 356 -19.05 5.73 -31.50
CA ALA D 356 -19.63 5.99 -32.81
C ALA D 356 -18.79 6.96 -33.63
N SER D 357 -18.03 7.83 -32.95
CA SER D 357 -17.20 8.76 -33.71
C SER D 357 -16.00 8.07 -34.34
N LEU D 358 -15.73 6.81 -34.00
CA LEU D 358 -14.63 6.06 -34.56
C LEU D 358 -15.06 5.21 -35.75
N ARG D 359 -16.33 5.26 -36.14
CA ARG D 359 -16.84 4.24 -37.05
C ARG D 359 -16.32 4.35 -38.49
N ASN D 360 -15.74 5.48 -38.88
CA ASN D 360 -15.14 5.63 -40.20
C ASN D 360 -13.62 5.45 -40.20
N LEU D 361 -13.03 5.02 -39.08
CA LEU D 361 -11.62 4.66 -39.04
C LEU D 361 -11.42 3.16 -39.32
N LYS D 362 -10.16 2.77 -39.52
CA LYS D 362 -9.86 1.37 -39.77
C LYS D 362 -9.82 0.59 -38.43
N TRP D 363 -10.71 -0.39 -38.27
CA TRP D 363 -10.75 -1.25 -37.09
C TRP D 363 -10.18 -2.62 -37.44
N THR D 364 -9.27 -3.10 -36.61
CA THR D 364 -8.71 -4.43 -36.80
C THR D 364 -9.00 -5.24 -35.55
N ASN D 365 -9.67 -6.35 -35.72
CA ASN D 365 -9.96 -7.16 -34.56
C ASN D 365 -8.72 -7.94 -34.18
N ILE D 366 -8.40 -7.95 -32.88
CA ILE D 366 -7.29 -8.71 -32.35
C ILE D 366 -7.76 -10.06 -31.84
N LYS D 367 -8.80 -10.05 -31.01
CA LYS D 367 -9.43 -11.25 -30.53
C LYS D 367 -10.79 -10.79 -30.02
N PRO D 368 -11.66 -11.67 -29.52
CA PRO D 368 -12.96 -11.22 -29.00
C PRO D 368 -12.80 -10.08 -27.97
N GLN D 369 -13.55 -9.00 -28.20
CA GLN D 369 -13.61 -7.85 -27.32
C GLN D 369 -12.29 -7.08 -27.27
N VAL D 370 -11.41 -7.25 -28.26
CA VAL D 370 -10.18 -6.46 -28.34
C VAL D 370 -10.02 -6.01 -29.77
N ASP D 371 -9.90 -4.69 -29.98
CA ASP D 371 -9.82 -4.13 -31.34
C ASP D 371 -8.77 -3.05 -31.39
N GLU D 372 -8.11 -2.94 -32.53
CA GLU D 372 -7.13 -1.87 -32.76
C GLU D 372 -7.75 -0.90 -33.77
N ILE D 373 -7.78 0.38 -33.42
CA ILE D 373 -8.38 1.42 -34.26
C ILE D 373 -7.27 2.34 -34.72
N GLU D 374 -7.19 2.59 -36.03
CA GLU D 374 -6.09 3.32 -36.62
C GLU D 374 -6.58 4.68 -37.14
N PHE D 375 -5.89 5.76 -36.78
CA PHE D 375 -6.19 7.15 -37.16
C PHE D 375 -5.46 7.52 -38.44
N PRO D 376 -5.95 8.53 -39.16
CA PRO D 376 -5.29 8.85 -40.44
C PRO D 376 -3.78 9.08 -40.27
N ASP D 377 -3.29 9.59 -39.14
CA ASP D 377 -1.84 9.80 -38.97
C ASP D 377 -1.10 8.52 -38.54
N LYS D 378 -1.79 7.37 -38.56
CA LYS D 378 -1.30 6.02 -38.26
C LYS D 378 -1.08 5.76 -36.78
N HIS D 379 -1.38 6.70 -35.89
CA HIS D 379 -1.35 6.20 -34.51
C HIS D 379 -2.62 5.40 -34.24
N ARG D 380 -2.52 4.52 -33.25
CA ARG D 380 -3.48 3.45 -33.01
C ARG D 380 -3.92 3.52 -31.56
N ILE D 381 -5.16 3.10 -31.30
CA ILE D 381 -5.54 2.89 -29.92
C ILE D 381 -6.15 1.51 -29.83
N ILE D 382 -6.01 0.92 -28.65
CA ILE D 382 -6.53 -0.41 -28.36
C ILE D 382 -7.80 -0.23 -27.57
N MET D 383 -8.93 -0.68 -28.11
CA MET D 383 -10.24 -0.51 -27.50
C MET D 383 -10.71 -1.84 -26.93
N LEU D 384 -11.15 -1.84 -25.69
CA LEU D 384 -11.64 -3.07 -25.07
C LEU D 384 -13.15 -3.09 -25.08
N SER D 385 -13.70 -4.25 -25.47
CA SER D 385 -15.15 -4.55 -25.47
C SER D 385 -15.96 -3.48 -26.19
N GLU D 386 -15.38 -2.87 -27.21
CA GLU D 386 -16.06 -1.84 -28.03
C GLU D 386 -16.69 -0.77 -27.16
N GLY D 387 -16.00 -0.43 -26.06
CA GLY D 387 -16.47 0.57 -25.13
C GLY D 387 -17.51 0.10 -24.14
N ARG D 388 -17.89 -1.17 -24.16
CA ARG D 388 -18.82 -1.72 -23.17
C ARG D 388 -18.02 -2.10 -21.93
N LEU D 389 -18.68 -2.72 -20.93
CA LEU D 389 -18.04 -3.01 -19.64
C LEU D 389 -16.86 -3.96 -19.78
N VAL D 390 -15.68 -3.48 -19.36
CA VAL D 390 -14.45 -4.23 -19.53
C VAL D 390 -14.39 -5.42 -18.59
N ASN D 391 -14.94 -5.32 -17.37
CA ASN D 391 -14.79 -6.45 -16.44
C ASN D 391 -15.65 -7.64 -16.88
N LEU D 392 -16.89 -7.38 -17.26
CA LEU D 392 -17.77 -8.42 -17.80
C LEU D 392 -17.41 -8.80 -19.23
N GLY D 393 -16.84 -7.88 -20.00
CA GLY D 393 -16.61 -8.13 -21.41
C GLY D 393 -15.30 -8.84 -21.69
N ASN D 394 -14.24 -8.44 -21.01
CA ASN D 394 -12.93 -9.04 -21.24
C ASN D 394 -12.53 -10.04 -20.18
N ALA D 395 -13.27 -10.12 -19.07
CA ALA D 395 -12.91 -11.14 -18.10
C ALA D 395 -14.18 -11.82 -17.62
N MET D 396 -14.38 -11.89 -16.32
CA MET D 396 -15.52 -12.67 -15.79
C MET D 396 -16.41 -11.85 -14.88
N GLY D 397 -16.31 -10.53 -14.91
CA GLY D 397 -17.11 -9.77 -13.98
C GLY D 397 -16.59 -9.91 -12.55
N HIS D 398 -17.43 -9.48 -11.61
CA HIS D 398 -17.07 -9.55 -10.21
C HIS D 398 -16.94 -11.01 -9.78
N PRO D 399 -16.05 -11.28 -8.83
CA PRO D 399 -15.92 -12.64 -8.28
C PRO D 399 -17.12 -13.05 -7.41
N SER D 400 -17.24 -14.36 -7.19
CA SER D 400 -18.41 -14.92 -6.50
C SER D 400 -18.66 -14.29 -5.13
N PHE D 401 -17.61 -14.10 -4.31
CA PHE D 401 -17.86 -13.61 -2.95
C PHE D 401 -18.49 -12.22 -2.98
N VAL D 402 -18.05 -11.38 -3.92
CA VAL D 402 -18.63 -10.06 -4.10
C VAL D 402 -20.11 -10.17 -4.47
N MET D 403 -20.42 -11.00 -5.44
CA MET D 403 -21.83 -11.07 -5.85
C MET D 403 -22.69 -11.70 -4.74
N SER D 404 -22.11 -12.53 -3.88
CA SER D 404 -22.88 -13.12 -2.76
C SER D 404 -23.48 -12.03 -1.86
N ALA D 405 -22.70 -10.96 -1.60
CA ALA D 405 -23.24 -9.83 -0.84
C ALA D 405 -24.47 -9.21 -1.51
N SER D 406 -24.36 -8.82 -2.79
CA SER D 406 -25.52 -8.20 -3.45
C SER D 406 -26.68 -9.18 -3.60
N PHE D 407 -26.39 -10.44 -3.86
CA PHE D 407 -27.48 -11.38 -4.12
C PHE D 407 -28.17 -11.82 -2.82
N THR D 408 -27.43 -11.81 -1.71
CA THR D 408 -28.08 -12.04 -0.42
C THR D 408 -29.09 -10.94 -0.13
N ASN D 409 -28.69 -9.67 -0.40
CA ASN D 409 -29.64 -8.56 -0.30
C ASN D 409 -30.89 -8.82 -1.14
N GLN D 410 -30.70 -9.24 -2.40
CA GLN D 410 -31.88 -9.52 -3.26
C GLN D 410 -32.76 -10.59 -2.64
N THR D 411 -32.13 -11.68 -2.15
CA THR D 411 -32.94 -12.75 -1.58
C THR D 411 -33.77 -12.25 -0.39
N LEU D 412 -33.16 -11.44 0.49
CA LEU D 412 -33.87 -10.88 1.65
C LEU D 412 -35.00 -9.94 1.21
N ALA D 413 -34.79 -9.20 0.11
CA ALA D 413 -35.85 -8.32 -0.39
C ALA D 413 -37.00 -9.13 -0.95
N GLN D 414 -36.70 -10.24 -1.66
CA GLN D 414 -37.78 -11.07 -2.16
C GLN D 414 -38.55 -11.67 -0.99
N ILE D 415 -37.83 -12.05 0.08
CA ILE D 415 -38.52 -12.54 1.27
C ILE D 415 -39.41 -11.47 1.87
N GLU D 416 -38.89 -10.25 2.00
CA GLU D 416 -39.68 -9.17 2.59
C GLU D 416 -40.99 -8.95 1.84
N LEU D 417 -40.91 -8.80 0.51
CA LEU D 417 -42.11 -8.49 -0.27
C LEU D 417 -43.06 -9.68 -0.37
N PHE D 418 -42.51 -10.88 -0.52
CA PHE D 418 -43.39 -12.02 -0.71
C PHE D 418 -43.95 -12.53 0.61
N ALA D 419 -43.15 -12.53 1.67
CA ALA D 419 -43.52 -13.27 2.86
C ALA D 419 -43.80 -12.40 4.07
N ASN D 420 -43.34 -11.15 4.09
CA ASN D 420 -43.54 -10.30 5.26
CA ASN D 420 -43.50 -10.27 5.25
C ASN D 420 -44.34 -9.05 4.91
N ASN D 421 -45.42 -9.23 4.13
CA ASN D 421 -46.34 -8.15 3.79
C ASN D 421 -47.79 -8.54 4.06
N LYS D 422 -47.99 -9.40 5.06
CA LYS D 422 -49.36 -9.83 5.39
C LYS D 422 -50.19 -8.66 5.89
N ASP D 423 -49.56 -7.67 6.54
CA ASP D 423 -50.22 -6.49 7.07
C ASP D 423 -50.19 -5.29 6.13
N SER D 424 -49.77 -5.47 4.88
CA SER D 424 -49.64 -4.38 3.92
C SER D 424 -48.76 -3.25 4.47
N LYS D 425 -47.67 -3.62 5.14
CA LYS D 425 -46.70 -2.60 5.51
C LYS D 425 -45.95 -2.02 4.31
N TYR D 426 -45.99 -2.70 3.17
CA TYR D 426 -45.47 -2.17 1.92
C TYR D 426 -46.67 -1.90 1.01
N ALA D 427 -46.91 -0.62 0.72
CA ALA D 427 -47.91 -0.17 -0.24
C ALA D 427 -47.22 0.03 -1.59
N LYS D 428 -47.95 0.62 -2.56
CA LYS D 428 -47.41 0.76 -3.91
C LYS D 428 -46.42 1.93 -3.96
N LYS D 429 -45.36 1.82 -3.15
CA LYS D 429 -44.27 2.80 -3.09
C LYS D 429 -42.95 2.06 -3.05
N VAL D 430 -41.86 2.80 -2.95
CA VAL D 430 -40.50 2.25 -2.96
C VAL D 430 -39.93 2.29 -1.54
N TYR D 431 -39.47 1.15 -1.05
CA TYR D 431 -38.93 0.99 0.29
C TYR D 431 -37.47 0.56 0.25
N VAL D 432 -36.78 0.64 1.40
CA VAL D 432 -35.43 0.09 1.51
C VAL D 432 -35.39 -1.00 2.59
N LEU D 433 -34.39 -1.88 2.50
CA LEU D 433 -34.18 -2.84 3.59
C LEU D 433 -33.74 -2.08 4.84
N PRO D 434 -34.24 -2.47 6.02
CA PRO D 434 -33.79 -1.86 7.26
C PRO D 434 -32.34 -2.23 7.58
N LYS D 435 -31.68 -1.37 8.37
CA LYS D 435 -30.25 -1.57 8.60
C LYS D 435 -29.96 -2.92 9.24
N THR D 436 -30.87 -3.47 10.05
CA THR D 436 -30.59 -4.80 10.63
C THR D 436 -30.44 -5.88 9.57
N LEU D 437 -31.15 -5.77 8.43
CA LEU D 437 -30.96 -6.75 7.36
C LEU D 437 -29.68 -6.50 6.56
N ASP D 438 -29.31 -5.23 6.39
CA ASP D 438 -27.98 -4.89 5.87
C ASP D 438 -26.89 -5.47 6.77
N GLU D 439 -27.02 -5.32 8.09
CA GLU D 439 -26.05 -5.92 9.02
C GLU D 439 -26.06 -7.43 8.92
N LYS D 440 -27.25 -8.02 8.74
CA LYS D 440 -27.34 -9.48 8.65
C LYS D 440 -26.61 -9.98 7.43
N VAL D 441 -26.70 -9.27 6.30
CA VAL D 441 -25.94 -9.66 5.10
C VAL D 441 -24.46 -9.79 5.43
N ALA D 442 -23.91 -8.78 6.09
CA ALA D 442 -22.49 -8.81 6.44
C ALA D 442 -22.19 -9.94 7.40
N ARG D 443 -23.05 -10.11 8.41
CA ARG D 443 -22.81 -11.15 9.40
CA ARG D 443 -22.89 -11.18 9.40
C ARG D 443 -22.72 -12.53 8.74
N LEU D 444 -23.56 -12.81 7.74
CA LEU D 444 -23.54 -14.10 7.08
C LEU D 444 -22.23 -14.37 6.34
N HIS D 445 -21.43 -13.34 6.06
CA HIS D 445 -20.20 -13.55 5.32
C HIS D 445 -18.98 -13.62 6.22
N LEU D 446 -19.13 -13.43 7.52
CA LEU D 446 -17.96 -13.28 8.38
C LEU D 446 -17.22 -14.61 8.61
N ALA D 447 -17.95 -15.72 8.74
CA ALA D 447 -17.25 -16.95 9.16
C ALA D 447 -16.32 -17.45 8.06
N LYS D 448 -16.75 -17.35 6.81
CA LYS D 448 -15.94 -17.88 5.70
C LYS D 448 -14.59 -17.16 5.60
N ILE D 449 -14.54 -15.89 5.94
CA ILE D 449 -13.29 -15.15 5.82
C ILE D 449 -12.59 -15.00 7.15
N GLY D 450 -13.06 -15.69 8.18
CA GLY D 450 -12.34 -15.83 9.43
C GLY D 450 -12.40 -14.65 10.37
N VAL D 451 -13.42 -13.81 10.26
CA VAL D 451 -13.65 -12.66 11.13
C VAL D 451 -14.26 -13.15 12.42
N LYS D 452 -13.72 -12.70 13.54
CA LYS D 452 -14.39 -12.94 14.81
C LYS D 452 -14.95 -11.64 15.38
N LEU D 453 -16.26 -11.55 15.47
CA LEU D 453 -16.93 -10.32 15.89
C LEU D 453 -16.98 -10.23 17.42
N THR D 454 -16.70 -9.03 17.96
CA THR D 454 -16.84 -8.80 19.41
C THR D 454 -18.32 -8.60 19.74
N GLU D 455 -18.75 -9.12 20.88
CA GLU D 455 -20.09 -8.83 21.39
C GLU D 455 -20.04 -7.74 22.45
N LEU D 456 -20.94 -6.75 22.33
CA LEU D 456 -21.05 -5.69 23.32
C LEU D 456 -21.66 -6.23 24.62
N ARG D 457 -21.11 -5.84 25.77
CA ARG D 457 -21.83 -6.04 27.02
C ARG D 457 -22.92 -4.99 27.12
N LYS D 458 -23.90 -5.23 28.00
CA LYS D 458 -25.07 -4.35 28.03
C LYS D 458 -24.67 -2.91 28.39
N ASP D 459 -23.73 -2.72 29.32
CA ASP D 459 -23.36 -1.35 29.67
C ASP D 459 -22.61 -0.65 28.52
N GLN D 460 -21.84 -1.38 27.71
CA GLN D 460 -21.20 -0.81 26.53
C GLN D 460 -22.21 -0.46 25.44
N ALA D 461 -23.21 -1.32 25.25
CA ALA D 461 -24.26 -1.00 24.28
C ALA D 461 -25.02 0.23 24.70
N ASP D 462 -25.39 0.31 25.98
CA ASP D 462 -26.05 1.49 26.53
C ASP D 462 -25.22 2.75 26.33
N TYR D 463 -23.91 2.66 26.56
CA TYR D 463 -23.04 3.83 26.54
C TYR D 463 -23.01 4.51 25.17
N ILE D 464 -23.14 3.74 24.09
CA ILE D 464 -23.13 4.31 22.75
C ILE D 464 -24.52 4.36 22.15
N GLY D 465 -25.55 4.07 22.95
CA GLY D 465 -26.94 4.18 22.48
C GLY D 465 -27.42 3.14 21.50
N VAL D 466 -26.95 1.89 21.58
CA VAL D 466 -27.43 0.85 20.66
C VAL D 466 -27.92 -0.37 21.44
N LYS D 467 -28.73 -1.20 20.76
CA LYS D 467 -29.04 -2.52 21.29
C LYS D 467 -27.86 -3.44 21.00
N GLN D 468 -27.65 -4.44 21.88
CA GLN D 468 -26.55 -5.39 21.69
C GLN D 468 -26.62 -6.09 20.33
N GLU D 469 -27.83 -6.38 19.86
CA GLU D 469 -28.03 -7.06 18.59
C GLU D 469 -28.09 -6.10 17.41
N GLY D 470 -27.82 -4.81 17.62
CA GLY D 470 -27.88 -3.90 16.49
C GLY D 470 -29.29 -3.40 16.32
N PRO D 471 -29.49 -2.45 15.40
CA PRO D 471 -28.54 -1.80 14.49
C PRO D 471 -27.52 -0.93 15.23
N TYR D 472 -26.29 -0.91 14.73
CA TYR D 472 -25.18 -0.28 15.46
C TYR D 472 -24.92 1.17 15.04
N LYS D 473 -25.52 1.61 13.94
CA LYS D 473 -25.25 2.92 13.37
C LYS D 473 -26.57 3.58 13.01
N SER D 474 -26.56 4.92 12.98
CA SER D 474 -27.76 5.64 12.58
C SER D 474 -27.98 5.46 11.08
N ASP D 475 -29.21 5.75 10.64
CA ASP D 475 -29.49 5.66 9.21
C ASP D 475 -28.71 6.68 8.38
N HIS D 476 -28.16 7.72 9.00
CA HIS D 476 -27.33 8.70 8.30
C HIS D 476 -25.86 8.31 8.20
N TYR D 477 -25.43 7.24 8.90
CA TYR D 477 -24.03 6.87 8.91
C TYR D 477 -23.53 6.47 7.53
N ARG D 478 -22.32 6.92 7.19
CA ARG D 478 -21.80 6.68 5.83
C ARG D 478 -20.79 5.56 5.72
N TYR D 479 -20.31 4.98 6.82
CA TYR D 479 -19.31 3.89 6.75
C TYR D 479 -18.07 4.32 5.99
PA NAD E . 23.76 4.70 -2.77
O1A NAD E . 24.99 4.66 -3.58
O2A NAD E . 23.09 3.34 -2.62
O5B NAD E . 22.71 5.60 -3.47
C5B NAD E . 22.96 6.92 -3.94
C4B NAD E . 22.24 7.16 -5.23
O4B NAD E . 22.42 8.51 -5.63
C3B NAD E . 22.83 6.38 -6.35
O3B NAD E . 21.91 5.42 -6.87
C2B NAD E . 23.21 7.38 -7.31
O2B NAD E . 23.07 7.02 -8.68
C1B NAD E . 22.36 8.53 -7.00
N9A NAD E . 22.95 9.83 -7.43
C8A NAD E . 24.26 10.25 -7.39
N7A NAD E . 24.32 11.58 -7.85
C5A NAD E . 23.04 11.95 -8.23
C6A NAD E . 22.44 13.11 -8.78
N6A NAD E . 23.28 14.25 -9.10
N1A NAD E . 21.12 13.16 -9.02
C2A NAD E . 20.33 12.09 -8.71
N3A NAD E . 20.85 10.94 -8.21
C4A NAD E . 22.18 10.85 -7.94
O3 NAD E . 24.05 5.37 -1.38
PN NAD E . 23.18 5.36 -0.09
O1N NAD E . 23.54 4.17 0.75
O2N NAD E . 21.71 5.46 -0.45
O5D NAD E . 23.65 6.63 0.70
C5D NAD E . 23.35 7.92 0.29
C4D NAD E . 23.78 8.92 1.35
O4D NAD E . 23.03 8.71 2.57
C3D NAD E . 25.19 8.66 1.75
O3D NAD E . 25.85 9.87 1.93
C2D NAD E . 25.10 7.90 3.04
O2D NAD E . 26.25 8.00 3.84
C1D NAD E . 23.92 8.51 3.70
N1N NAD E . 23.14 7.77 4.74
C2N NAD E . 22.34 8.45 5.63
C3N NAD E . 21.52 7.77 6.52
C7N NAD E . 20.71 8.53 7.50
O7N NAD E . 20.34 7.98 8.55
N7N NAD E . 20.52 9.89 7.32
C4N NAD E . 21.47 6.33 6.54
C5N NAD E . 22.34 5.64 5.62
C6N NAD E . 23.14 6.37 4.76
O5' ADN F . 25.55 9.39 9.29
C5' ADN F . 24.51 8.56 8.76
C4' ADN F . 24.37 7.31 9.58
O4' ADN F . 23.63 7.61 10.75
C3' ADN F . 23.62 6.14 8.95
O3' ADN F . 24.55 5.27 8.30
C2' ADN F . 23.03 5.40 10.15
O2' ADN F . 23.62 4.13 10.39
C1' ADN F . 23.29 6.39 11.33
N9 ADN F . 22.11 6.56 12.19
C8 ADN F . 20.88 6.67 11.71
N7 ADN F . 20.08 6.76 12.82
C5 ADN F . 20.82 6.66 13.97
C6 ADN F . 20.58 6.64 15.36
N6 ADN F . 19.28 6.73 15.97
N1 ADN F . 21.61 6.55 16.20
C2 ADN F . 22.90 6.44 15.76
N3 ADN F . 23.17 6.39 14.46
C4 ADN F . 22.14 6.54 13.57
NA NA G . 15.77 6.78 17.55
C1 PEG H . 3.85 -1.58 -0.02
O1 PEG H . 2.95 -1.81 1.00
C2 PEG H . 3.12 -1.19 -1.26
O2 PEG H . 3.74 -0.10 -1.85
C3 PEG H . 3.25 0.49 -2.99
C4 PEG H . 2.10 1.39 -2.65
O4 PEG H . 1.39 1.65 -3.80
PA NAD I . 16.28 -17.30 -4.76
O1A NAD I . 17.53 -18.04 -4.42
O2A NAD I . 16.49 -15.82 -4.87
O5B NAD I . 15.20 -17.50 -3.68
C5B NAD I . 14.71 -18.75 -3.21
C4B NAD I . 14.42 -18.69 -1.74
O4B NAD I . 13.86 -19.87 -1.32
C3B NAD I . 15.66 -18.47 -0.93
O3B NAD I . 15.66 -17.23 -0.20
C2B NAD I . 15.76 -19.63 -0.07
O2B NAD I . 16.20 -19.38 1.29
C1B NAD I . 14.35 -20.04 -0.03
N9A NAD I . 14.19 -21.45 0.37
C8A NAD I . 14.90 -22.54 -0.06
N7A NAD I . 14.34 -23.62 0.55
C5A NAD I . 13.27 -23.25 1.31
C6A NAD I . 12.32 -23.88 2.12
N6A NAD I . 12.35 -25.32 2.31
N1A NAD I . 11.35 -23.16 2.69
C2A NAD I . 11.28 -21.82 2.59
N3A NAD I . 12.19 -21.18 1.83
C4A NAD I . 13.17 -21.87 1.18
O3 NAD I . 15.74 -17.89 -6.13
PN NAD I . 14.63 -17.19 -7.03
O1N NAD I . 15.32 -16.32 -8.01
O2N NAD I . 13.63 -16.50 -6.20
O5D NAD I . 13.97 -18.36 -7.85
C5D NAD I . 13.17 -19.34 -7.28
C4D NAD I . 12.67 -20.29 -8.31
O4D NAD I . 11.82 -19.56 -9.22
C3D NAD I . 13.72 -20.85 -9.20
O3D NAD I . 13.39 -22.14 -9.56
C2D NAD I . 13.68 -19.99 -10.42
O2D NAD I . 14.27 -20.67 -11.48
C1D NAD I . 12.21 -19.77 -10.58
N1N NAD I . 11.77 -18.59 -11.35
C2N NAD I . 10.50 -18.59 -11.86
C3N NAD I . 9.95 -17.50 -12.54
C7N NAD I . 8.59 -17.63 -13.13
O7N NAD I . 8.24 -16.89 -14.05
N7N NAD I . 7.75 -18.68 -12.72
C4N NAD I . 10.73 -16.28 -12.67
C5N NAD I . 12.09 -16.28 -12.12
C6N NAD I . 12.55 -17.43 -11.46
O5' ADN J . 11.29 -20.89 -16.31
C5' ADN J . 11.15 -19.69 -15.56
C4' ADN J . 11.50 -18.50 -16.42
O4' ADN J . 10.41 -18.21 -17.29
C3' ADN J . 11.77 -17.22 -15.67
O3' ADN J . 13.18 -17.15 -15.40
C2' ADN J . 11.36 -16.13 -16.68
O2' ADN J . 12.44 -15.36 -17.18
C1' ADN J . 10.61 -16.93 -17.79
N9 ADN J . 9.34 -16.31 -18.18
C8 ADN J . 8.41 -15.80 -17.35
N7 ADN J . 7.39 -15.29 -18.13
C5 ADN J . 7.73 -15.55 -19.45
C6 ADN J . 7.17 -15.23 -20.72
N6 ADN J . 5.94 -14.52 -20.88
N1 ADN J . 7.77 -15.65 -21.84
C2 ADN J . 8.94 -16.29 -21.79
N3 ADN J . 9.53 -16.60 -20.65
C4 ADN J . 8.95 -16.22 -19.48
NA NA K . 2.69 -12.39 -21.39
C1 PEG L . 32.70 3.93 -6.24
O1 PEG L . 32.30 3.57 -4.97
C2 PEG L . 32.58 2.80 -7.19
O2 PEG L . 32.46 3.27 -8.48
C3 PEG L . 31.97 2.45 -9.48
C4 PEG L . 32.83 2.46 -10.69
O4 PEG L . 33.67 1.36 -10.68
PA NAD M . -17.64 5.70 14.66
O1A NAD M . -18.99 5.56 15.17
O2A NAD M . -17.53 5.96 13.19
O5B NAD M . -16.79 4.42 14.96
C5B NAD M . -16.74 3.81 16.23
C4B NAD M . -16.62 2.32 16.01
O4B NAD M . -16.35 1.69 17.22
C3B NAD M . -17.93 1.79 15.55
O3B NAD M . -17.85 1.29 14.19
C2B NAD M . -18.27 0.79 16.51
O2B NAD M . -18.98 -0.35 15.95
C1B NAD M . -16.95 0.44 17.12
N9A NAD M . -17.10 -0.12 18.48
C8A NAD M . -17.98 0.27 19.45
N7A NAD M . -17.78 -0.46 20.59
C5A NAD M . -16.74 -1.35 20.29
C6A NAD M . -16.10 -2.38 20.96
N6A NAD M . -16.47 -2.65 22.34
N1A NAD M . -15.09 -3.05 20.37
C2A NAD M . -14.70 -2.80 19.10
N3A NAD M . -15.32 -1.83 18.40
C4A NAD M . -16.34 -1.12 18.95
O3 NAD M . -16.96 6.91 15.52
PN NAD M . -15.67 7.69 15.05
O1N NAD M . -16.04 8.86 14.22
O2N NAD M . -14.65 6.75 14.52
O5D NAD M . -15.17 8.17 16.48
C5D NAD M . -14.54 7.35 17.43
C4D NAD M . -14.02 8.19 18.57
O4D NAD M . -12.93 9.08 18.12
C3D NAD M . -15.02 9.15 19.10
O3D NAD M . -14.79 9.25 20.49
C2D NAD M . -14.69 10.44 18.42
O2D NAD M . -15.20 11.57 19.06
C1D NAD M . -13.20 10.44 18.45
N1N NAD M . -12.43 11.24 17.48
C2N NAD M . -11.10 11.45 17.79
C3N NAD M . -10.28 12.15 16.90
C7N NAD M . -8.89 12.43 17.34
O7N NAD M . -8.33 11.90 18.31
N7N NAD M . -8.25 13.47 16.68
C4N NAD M . -10.80 12.59 15.62
C5N NAD M . -12.20 12.35 15.29
C6N NAD M . -12.96 11.65 16.25
O5' ADN N . -11.55 15.63 20.39
C5' ADN N . -11.31 15.07 19.10
C4' ADN N . -11.34 16.16 18.05
O4' ADN N . -10.08 16.84 18.02
C3' ADN N . -11.54 15.65 16.64
O3' ADN N . -12.94 15.77 16.29
C2' ADN N . -10.73 16.64 15.77
O2' ADN N . -11.56 17.36 14.92
C1' ADN N . -9.97 17.51 16.81
N9 ADN N . -8.54 17.69 16.49
C8 ADN N . -7.65 16.81 16.04
N7 ADN N . -6.44 17.48 15.83
C5 ADN N . -6.64 18.81 16.11
C6 ADN N . -5.82 19.98 16.07
N6 ADN N . -4.48 19.96 15.63
N1 ADN N . -6.34 21.14 16.48
C2 ADN N . -7.63 21.22 16.92
N3 ADN N . -8.43 20.17 16.96
C4 ADN N . -7.94 18.96 16.55
NA NA O . -0.81 19.93 14.01
PA NAD P . -21.10 7.35 -8.39
O1A NAD P . -22.24 8.26 -8.53
O2A NAD P . -20.74 6.95 -6.99
O5B NAD P . -19.82 8.00 -9.01
C5B NAD P . -19.83 8.69 -10.22
C4B NAD P . -18.80 9.77 -10.20
O4B NAD P . -18.63 10.23 -11.52
C3B NAD P . -19.34 10.89 -9.38
O3B NAD P . -18.49 11.17 -8.26
C2B NAD P . -19.35 12.02 -10.30
O2B NAD P . -18.92 13.23 -9.66
C1B NAD P . -18.36 11.61 -11.34
N9A NAD P . -18.59 12.26 -12.65
C8A NAD P . -19.79 12.46 -13.26
N7A NAD P . -19.58 13.07 -14.51
C5A NAD P . -18.19 13.22 -14.64
C6A NAD P . -17.30 13.73 -15.60
N6A NAD P . -17.74 14.30 -16.85
N1A NAD P . -15.94 13.69 -15.37
C2A NAD P . -15.40 13.19 -14.22
N3A NAD P . -16.22 12.71 -13.27
C4A NAD P . -17.58 12.70 -13.47
O3 NAD P . -21.52 6.10 -9.29
PN NAD P . -20.74 4.75 -9.27
O1N NAD P . -21.39 3.87 -8.28
O2N NAD P . -19.27 4.95 -9.12
O5D NAD P . -21.13 4.16 -10.73
C5D NAD P . -20.73 4.67 -11.96
C4D NAD P . -21.27 3.89 -13.08
O4D NAD P . -20.72 2.55 -12.96
C3D NAD P . -22.74 3.68 -13.14
O3D NAD P . -23.12 3.70 -14.51
C2D NAD P . -22.91 2.32 -12.53
O2D NAD P . -24.15 1.73 -12.83
C1D NAD P . -21.75 1.59 -13.10
N1N NAD P . -21.35 0.36 -12.42
C2N NAD P . -20.59 -0.56 -13.10
C3N NAD P . -20.20 -1.79 -12.48
C7N NAD P . -19.39 -2.79 -13.26
O7N NAD P . -19.36 -4.00 -12.90
N7N NAD P . -18.67 -2.36 -14.40
C4N NAD P . -20.55 -2.03 -11.09
C5N NAD P . -21.32 -1.01 -10.41
C6N NAD P . -21.70 0.15 -11.08
O5' 3AD Q . -23.05 -2.75 -14.12
C5' 3AD Q . -22.78 -4.11 -14.33
C4' 3AD Q . -23.39 -4.89 -13.19
O4' 3AD Q . -23.01 -6.23 -13.41
C3' 3AD Q . -22.94 -4.53 -11.83
C2' 3AD Q . -23.07 -5.81 -11.09
O2' 3AD Q . -24.28 -5.88 -10.43
C1' 3AD Q . -23.19 -6.83 -12.17
N9 3AD Q . -22.19 -7.89 -12.13
C8 3AD Q . -20.82 -7.73 -12.15
N7 3AD Q . -20.22 -8.95 -12.16
C5 3AD Q . -21.23 -9.92 -12.16
C6 3AD Q . -21.27 -11.32 -12.13
N6 3AD Q . -20.11 -12.12 -12.12
N1 3AD Q . -22.46 -11.95 -12.14
C2 3AD Q . -23.60 -11.23 -12.14
N3 3AD Q . -23.65 -9.90 -12.14
C4 3AD Q . -22.47 -9.23 -12.15
C1 PGE R . -31.40 16.77 -5.38
O1 PGE R . -31.84 16.38 -4.14
C2 PGE R . -29.94 17.01 -5.54
O2 PGE R . -29.09 15.94 -5.77
C3 PGE R . -28.78 15.54 -7.04
C4 PGE R . -28.40 14.11 -7.17
O4 PGE R . -32.06 12.07 -9.57
C6 PGE R . -30.80 12.64 -9.64
C5 PGE R . -30.30 13.34 -8.41
O3 PGE R . -28.94 13.43 -8.24
C ACT S . -11.28 3.13 -43.54
O ACT S . -12.47 2.92 -43.18
OXT ACT S . -10.61 2.10 -43.77
CH3 ACT S . -10.69 4.50 -43.67
#